data_2ATY
# 
_entry.id   2ATY 
# 
_audit_conform.dict_name       mmcif_pdbx.dic 
_audit_conform.dict_version    5.387 
_audit_conform.dict_location   http://mmcif.pdb.org/dictionaries/ascii/mmcif_pdbx.dic 
# 
loop_
_database_2.database_id 
_database_2.database_code 
_database_2.pdbx_database_accession 
_database_2.pdbx_DOI 
PDB   2ATY         pdb_00002aty 10.2210/pdb2aty/pdb 
RCSB  RCSB034307   ?            ?                   
WWPDB D_1000034307 ?            ?                   
# 
loop_
_pdbx_audit_revision_history.ordinal 
_pdbx_audit_revision_history.data_content_type 
_pdbx_audit_revision_history.major_revision 
_pdbx_audit_revision_history.minor_revision 
_pdbx_audit_revision_history.revision_date 
1 'Structure model' 1 0 2006-01-31 
2 'Structure model' 1 1 2008-05-01 
3 'Structure model' 1 2 2011-07-13 
4 'Structure model' 1 3 2017-06-21 
5 'Structure model' 1 4 2017-10-11 
6 'Structure model' 1 5 2018-06-13 
7 'Structure model' 1 6 2024-02-14 
# 
_pdbx_audit_revision_details.ordinal             1 
_pdbx_audit_revision_details.revision_ordinal    1 
_pdbx_audit_revision_details.data_content_type   'Structure model' 
_pdbx_audit_revision_details.provider            repository 
_pdbx_audit_revision_details.type                'Initial release' 
_pdbx_audit_revision_details.description         ? 
_pdbx_audit_revision_details.details             ? 
# 
loop_
_pdbx_audit_revision_group.ordinal 
_pdbx_audit_revision_group.revision_ordinal 
_pdbx_audit_revision_group.data_content_type 
_pdbx_audit_revision_group.group 
1 2 'Structure model' 'Version format compliance' 
2 3 'Structure model' 'Version format compliance' 
3 4 'Structure model' 'Database references'       
4 4 'Structure model' 'Source and taxonomy'       
5 5 'Structure model' 'Refinement description'    
6 6 'Structure model' 'Data collection'           
7 7 'Structure model' 'Data collection'           
8 7 'Structure model' 'Database references'       
# 
loop_
_pdbx_audit_revision_category.ordinal 
_pdbx_audit_revision_category.revision_ordinal 
_pdbx_audit_revision_category.data_content_type 
_pdbx_audit_revision_category.category 
1 4 'Structure model' entity_src_gen     
2 4 'Structure model' struct_ref         
3 4 'Structure model' struct_ref_seq     
4 4 'Structure model' struct_ref_seq_dif 
5 5 'Structure model' software           
6 6 'Structure model' diffrn_radiation   
7 7 'Structure model' chem_comp_atom     
8 7 'Structure model' chem_comp_bond     
9 7 'Structure model' database_2         
# 
loop_
_pdbx_audit_revision_item.ordinal 
_pdbx_audit_revision_item.revision_ordinal 
_pdbx_audit_revision_item.data_content_type 
_pdbx_audit_revision_item.item 
1  4 'Structure model' '_struct_ref.db_code'                              
2  4 'Structure model' '_struct_ref.db_name'                              
3  4 'Structure model' '_struct_ref.pdbx_align_begin'                     
4  4 'Structure model' '_struct_ref.pdbx_db_accession'                    
5  4 'Structure model' '_struct_ref_seq.db_align_beg'                     
6  4 'Structure model' '_struct_ref_seq.db_align_end'                     
7  4 'Structure model' '_struct_ref_seq.pdbx_db_accession'                
8  6 'Structure model' '_diffrn_radiation.pdbx_diffrn_protocol'           
9  6 'Structure model' '_diffrn_radiation.pdbx_monochromatic_or_laue_m_l' 
10 6 'Structure model' '_diffrn_radiation.pdbx_scattering_type'           
11 7 'Structure model' '_database_2.pdbx_DOI'                             
12 7 'Structure model' '_database_2.pdbx_database_accession'              
# 
_pdbx_database_status.status_code                     REL 
_pdbx_database_status.entry_id                        2ATY 
_pdbx_database_status.recvd_initial_deposition_date   2005-08-26 
_pdbx_database_status.deposit_site                    RCSB 
_pdbx_database_status.process_site                    RCSB 
_pdbx_database_status.status_code_sf                  ? 
_pdbx_database_status.status_code_mr                  ? 
_pdbx_database_status.SG_entry                        ? 
_pdbx_database_status.pdb_format_compatible           Y 
_pdbx_database_status.status_code_cs                  ? 
_pdbx_database_status.methods_development_category    ? 
_pdbx_database_status.status_code_nmr_data            ? 
# 
loop_
_pdbx_database_related.db_name 
_pdbx_database_related.db_id 
_pdbx_database_related.details 
_pdbx_database_related.content_type 
PDB 1IGY 'Structure of intact antibody IgG1'      unspecified 
PDB 1GHQ 'CR2-C3d complex structure'              unspecified 
PDB 1W2R 'Solution structure of free CR2 SCR 1-2' unspecified 
# 
loop_
_audit_author.name 
_audit_author.pdbx_ordinal 
'Gilbert, H.E.'   1 
'Aslam, M.'       2 
'Guthridge, J.M.' 3 
'Holers, V.M.'    4 
'Perkins, S.J.'   5 
# 
_citation.id                        primary 
_citation.title                     
;Extended Flexible Linker Structures in the Complement Chimaeric Conjugate CR2-Ig by Scattering, Analytical Ultracentrifugation and Constrained Modelling: Implications for Function and Therapy.
;
_citation.journal_abbrev            J.Mol.Biol. 
_citation.journal_volume            356 
_citation.page_first                397 
_citation.page_last                 412 
_citation.year                      2006 
_citation.journal_id_ASTM           JMOBAK 
_citation.country                   UK 
_citation.journal_id_ISSN           0022-2836 
_citation.journal_id_CSD            0070 
_citation.book_publisher            ? 
_citation.pdbx_database_id_PubMed   16375923 
_citation.pdbx_database_id_DOI      10.1016/j.jmb.2005.11.050 
# 
loop_
_citation_author.citation_id 
_citation_author.name 
_citation_author.ordinal 
_citation_author.identifier_ORCID 
primary 'Gilbert, H.E.'   1 ? 
primary 'Aslam, M.'       2 ? 
primary 'Guthridge, J.M.' 3 ? 
primary 'Holers, V.M.'    4 ? 
primary 'Perkins, S.J.'   5 ? 
# 
_entity.id                         1 
_entity.type                       polymer 
_entity.src_method                 man 
_entity.pdbx_description           'Complement receptor chimeric conjugate CR2-Ig' 
_entity.formula_weight             41998.602 
_entity.pdbx_number_of_molecules   2 
_entity.pdbx_ec                    ? 
_entity.pdbx_mutation              ? 
_entity.pdbx_fragment              ? 
_entity.details                    
;Chimeric protein consisting of portions of a complement component CR2 from human, a linker region, and a portion of Immunoglobulin gamma chain from mouse.
;
# 
_entity_poly.entity_id                      1 
_entity_poly.type                           'polypeptide(L)' 
_entity_poly.nstd_linkage                   no 
_entity_poly.nstd_monomer                   no 
_entity_poly.pdbx_seq_one_letter_code       
;DISCGSPPPILNGRISYYSTPIAVGTVIRYSCSGTFRLIGEKSLLCITKDKVDGTWDKPAPKCEYFNKYSSCPEPIVPGG
YKIRGSTPYRHGDSVTFACKTNFSMNGNKSVWCQANNMWGPTRLPTCVSVFPLEGSIEGRGGSELADPEVPRDCGCKPCI
CTVPEVSSVFIFPPKPKDVLTITLTPKVTCVVVDISKDDPEVQFSWFVDDVEVHTAQTQPREEQFNSTFRSVSELPIMHQ
DWLNGKEFKCRVNSAAFPAPIEKTISKTKGRPKAPQLYTIPPPKEQMAKDKVSLTCMITDFFPEDITVEWQWNGQPAENY
KNTQPIMNTNESYFVYSKLNVQKSNWEAGNTFTCSVLHEGLHNHHTEKSLSHSPGK
;
_entity_poly.pdbx_seq_one_letter_code_can   
;DISCGSPPPILNGRISYYSTPIAVGTVIRYSCSGTFRLIGEKSLLCITKDKVDGTWDKPAPKCEYFNKYSSCPEPIVPGG
YKIRGSTPYRHGDSVTFACKTNFSMNGNKSVWCQANNMWGPTRLPTCVSVFPLEGSIEGRGGSELADPEVPRDCGCKPCI
CTVPEVSSVFIFPPKPKDVLTITLTPKVTCVVVDISKDDPEVQFSWFVDDVEVHTAQTQPREEQFNSTFRSVSELPIMHQ
DWLNGKEFKCRVNSAAFPAPIEKTISKTKGRPKAPQLYTIPPPKEQMAKDKVSLTCMITDFFPEDITVEWQWNGQPAENY
KNTQPIMNTNESYFVYSKLNVQKSNWEAGNTFTCSVLHEGLHNHHTEKSLSHSPGK
;
_entity_poly.pdbx_strand_id                 A,B 
_entity_poly.pdbx_target_identifier         ? 
# 
loop_
_entity_poly_seq.entity_id 
_entity_poly_seq.num 
_entity_poly_seq.mon_id 
_entity_poly_seq.hetero 
1 1   ASP n 
1 2   ILE n 
1 3   SER n 
1 4   CYS n 
1 5   GLY n 
1 6   SER n 
1 7   PRO n 
1 8   PRO n 
1 9   PRO n 
1 10  ILE n 
1 11  LEU n 
1 12  ASN n 
1 13  GLY n 
1 14  ARG n 
1 15  ILE n 
1 16  SER n 
1 17  TYR n 
1 18  TYR n 
1 19  SER n 
1 20  THR n 
1 21  PRO n 
1 22  ILE n 
1 23  ALA n 
1 24  VAL n 
1 25  GLY n 
1 26  THR n 
1 27  VAL n 
1 28  ILE n 
1 29  ARG n 
1 30  TYR n 
1 31  SER n 
1 32  CYS n 
1 33  SER n 
1 34  GLY n 
1 35  THR n 
1 36  PHE n 
1 37  ARG n 
1 38  LEU n 
1 39  ILE n 
1 40  GLY n 
1 41  GLU n 
1 42  LYS n 
1 43  SER n 
1 44  LEU n 
1 45  LEU n 
1 46  CYS n 
1 47  ILE n 
1 48  THR n 
1 49  LYS n 
1 50  ASP n 
1 51  LYS n 
1 52  VAL n 
1 53  ASP n 
1 54  GLY n 
1 55  THR n 
1 56  TRP n 
1 57  ASP n 
1 58  LYS n 
1 59  PRO n 
1 60  ALA n 
1 61  PRO n 
1 62  LYS n 
1 63  CYS n 
1 64  GLU n 
1 65  TYR n 
1 66  PHE n 
1 67  ASN n 
1 68  LYS n 
1 69  TYR n 
1 70  SER n 
1 71  SER n 
1 72  CYS n 
1 73  PRO n 
1 74  GLU n 
1 75  PRO n 
1 76  ILE n 
1 77  VAL n 
1 78  PRO n 
1 79  GLY n 
1 80  GLY n 
1 81  TYR n 
1 82  LYS n 
1 83  ILE n 
1 84  ARG n 
1 85  GLY n 
1 86  SER n 
1 87  THR n 
1 88  PRO n 
1 89  TYR n 
1 90  ARG n 
1 91  HIS n 
1 92  GLY n 
1 93  ASP n 
1 94  SER n 
1 95  VAL n 
1 96  THR n 
1 97  PHE n 
1 98  ALA n 
1 99  CYS n 
1 100 LYS n 
1 101 THR n 
1 102 ASN n 
1 103 PHE n 
1 104 SER n 
1 105 MET n 
1 106 ASN n 
1 107 GLY n 
1 108 ASN n 
1 109 LYS n 
1 110 SER n 
1 111 VAL n 
1 112 TRP n 
1 113 CYS n 
1 114 GLN n 
1 115 ALA n 
1 116 ASN n 
1 117 ASN n 
1 118 MET n 
1 119 TRP n 
1 120 GLY n 
1 121 PRO n 
1 122 THR n 
1 123 ARG n 
1 124 LEU n 
1 125 PRO n 
1 126 THR n 
1 127 CYS n 
1 128 VAL n 
1 129 SER n 
1 130 VAL n 
1 131 PHE n 
1 132 PRO n 
1 133 LEU n 
1 134 GLU n 
1 135 GLY n 
1 136 SER n 
1 137 ILE n 
1 138 GLU n 
1 139 GLY n 
1 140 ARG n 
1 141 GLY n 
1 142 GLY n 
1 143 SER n 
1 144 GLU n 
1 145 LEU n 
1 146 ALA n 
1 147 ASP n 
1 148 PRO n 
1 149 GLU n 
1 150 VAL n 
1 151 PRO n 
1 152 ARG n 
1 153 ASP n 
1 154 CYS n 
1 155 GLY n 
1 156 CYS n 
1 157 LYS n 
1 158 PRO n 
1 159 CYS n 
1 160 ILE n 
1 161 CYS n 
1 162 THR n 
1 163 VAL n 
1 164 PRO n 
1 165 GLU n 
1 166 VAL n 
1 167 SER n 
1 168 SER n 
1 169 VAL n 
1 170 PHE n 
1 171 ILE n 
1 172 PHE n 
1 173 PRO n 
1 174 PRO n 
1 175 LYS n 
1 176 PRO n 
1 177 LYS n 
1 178 ASP n 
1 179 VAL n 
1 180 LEU n 
1 181 THR n 
1 182 ILE n 
1 183 THR n 
1 184 LEU n 
1 185 THR n 
1 186 PRO n 
1 187 LYS n 
1 188 VAL n 
1 189 THR n 
1 190 CYS n 
1 191 VAL n 
1 192 VAL n 
1 193 VAL n 
1 194 ASP n 
1 195 ILE n 
1 196 SER n 
1 197 LYS n 
1 198 ASP n 
1 199 ASP n 
1 200 PRO n 
1 201 GLU n 
1 202 VAL n 
1 203 GLN n 
1 204 PHE n 
1 205 SER n 
1 206 TRP n 
1 207 PHE n 
1 208 VAL n 
1 209 ASP n 
1 210 ASP n 
1 211 VAL n 
1 212 GLU n 
1 213 VAL n 
1 214 HIS n 
1 215 THR n 
1 216 ALA n 
1 217 GLN n 
1 218 THR n 
1 219 GLN n 
1 220 PRO n 
1 221 ARG n 
1 222 GLU n 
1 223 GLU n 
1 224 GLN n 
1 225 PHE n 
1 226 ASN n 
1 227 SER n 
1 228 THR n 
1 229 PHE n 
1 230 ARG n 
1 231 SER n 
1 232 VAL n 
1 233 SER n 
1 234 GLU n 
1 235 LEU n 
1 236 PRO n 
1 237 ILE n 
1 238 MET n 
1 239 HIS n 
1 240 GLN n 
1 241 ASP n 
1 242 TRP n 
1 243 LEU n 
1 244 ASN n 
1 245 GLY n 
1 246 LYS n 
1 247 GLU n 
1 248 PHE n 
1 249 LYS n 
1 250 CYS n 
1 251 ARG n 
1 252 VAL n 
1 253 ASN n 
1 254 SER n 
1 255 ALA n 
1 256 ALA n 
1 257 PHE n 
1 258 PRO n 
1 259 ALA n 
1 260 PRO n 
1 261 ILE n 
1 262 GLU n 
1 263 LYS n 
1 264 THR n 
1 265 ILE n 
1 266 SER n 
1 267 LYS n 
1 268 THR n 
1 269 LYS n 
1 270 GLY n 
1 271 ARG n 
1 272 PRO n 
1 273 LYS n 
1 274 ALA n 
1 275 PRO n 
1 276 GLN n 
1 277 LEU n 
1 278 TYR n 
1 279 THR n 
1 280 ILE n 
1 281 PRO n 
1 282 PRO n 
1 283 PRO n 
1 284 LYS n 
1 285 GLU n 
1 286 GLN n 
1 287 MET n 
1 288 ALA n 
1 289 LYS n 
1 290 ASP n 
1 291 LYS n 
1 292 VAL n 
1 293 SER n 
1 294 LEU n 
1 295 THR n 
1 296 CYS n 
1 297 MET n 
1 298 ILE n 
1 299 THR n 
1 300 ASP n 
1 301 PHE n 
1 302 PHE n 
1 303 PRO n 
1 304 GLU n 
1 305 ASP n 
1 306 ILE n 
1 307 THR n 
1 308 VAL n 
1 309 GLU n 
1 310 TRP n 
1 311 GLN n 
1 312 TRP n 
1 313 ASN n 
1 314 GLY n 
1 315 GLN n 
1 316 PRO n 
1 317 ALA n 
1 318 GLU n 
1 319 ASN n 
1 320 TYR n 
1 321 LYS n 
1 322 ASN n 
1 323 THR n 
1 324 GLN n 
1 325 PRO n 
1 326 ILE n 
1 327 MET n 
1 328 ASN n 
1 329 THR n 
1 330 ASN n 
1 331 GLU n 
1 332 SER n 
1 333 TYR n 
1 334 PHE n 
1 335 VAL n 
1 336 TYR n 
1 337 SER n 
1 338 LYS n 
1 339 LEU n 
1 340 ASN n 
1 341 VAL n 
1 342 GLN n 
1 343 LYS n 
1 344 SER n 
1 345 ASN n 
1 346 TRP n 
1 347 GLU n 
1 348 ALA n 
1 349 GLY n 
1 350 ASN n 
1 351 THR n 
1 352 PHE n 
1 353 THR n 
1 354 CYS n 
1 355 SER n 
1 356 VAL n 
1 357 LEU n 
1 358 HIS n 
1 359 GLU n 
1 360 GLY n 
1 361 LEU n 
1 362 HIS n 
1 363 ASN n 
1 364 HIS n 
1 365 HIS n 
1 366 THR n 
1 367 GLU n 
1 368 LYS n 
1 369 SER n 
1 370 LEU n 
1 371 SER n 
1 372 HIS n 
1 373 SER n 
1 374 PRO n 
1 375 GLY n 
1 376 LYS n 
# 
loop_
_entity_src_gen.entity_id 
_entity_src_gen.pdbx_src_id 
_entity_src_gen.pdbx_alt_source_flag 
_entity_src_gen.pdbx_seq_type 
_entity_src_gen.pdbx_beg_seq_num 
_entity_src_gen.pdbx_end_seq_num 
_entity_src_gen.gene_src_common_name 
_entity_src_gen.gene_src_genus 
_entity_src_gen.pdbx_gene_src_gene 
_entity_src_gen.gene_src_species 
_entity_src_gen.gene_src_strain 
_entity_src_gen.gene_src_tissue 
_entity_src_gen.gene_src_tissue_fraction 
_entity_src_gen.gene_src_details 
_entity_src_gen.pdbx_gene_src_fragment 
_entity_src_gen.pdbx_gene_src_scientific_name 
_entity_src_gen.pdbx_gene_src_ncbi_taxonomy_id 
_entity_src_gen.pdbx_gene_src_variant 
_entity_src_gen.pdbx_gene_src_cell_line 
_entity_src_gen.pdbx_gene_src_atcc 
_entity_src_gen.pdbx_gene_src_organ 
_entity_src_gen.pdbx_gene_src_organelle 
_entity_src_gen.pdbx_gene_src_cell 
_entity_src_gen.pdbx_gene_src_cellular_location 
_entity_src_gen.host_org_common_name 
_entity_src_gen.pdbx_host_org_scientific_name 
_entity_src_gen.pdbx_host_org_ncbi_taxonomy_id 
_entity_src_gen.host_org_genus 
_entity_src_gen.pdbx_host_org_gene 
_entity_src_gen.pdbx_host_org_organ 
_entity_src_gen.host_org_species 
_entity_src_gen.pdbx_host_org_tissue 
_entity_src_gen.pdbx_host_org_tissue_fraction 
_entity_src_gen.pdbx_host_org_strain 
_entity_src_gen.pdbx_host_org_variant 
_entity_src_gen.pdbx_host_org_cell_line 
_entity_src_gen.pdbx_host_org_atcc 
_entity_src_gen.pdbx_host_org_culture_collection 
_entity_src_gen.pdbx_host_org_cell 
_entity_src_gen.pdbx_host_org_organelle 
_entity_src_gen.pdbx_host_org_cellular_location 
_entity_src_gen.pdbx_host_org_vector_type 
_entity_src_gen.pdbx_host_org_vector 
_entity_src_gen.host_org_details 
_entity_src_gen.expression_system_id 
_entity_src_gen.plasmid_name 
_entity_src_gen.plasmid_details 
_entity_src_gen.pdbx_description 
1 1 sample 'Biological sequence' 1   149 Human ? 'CR2, C3DR'    ? ? ? ? ? ? 'Homo sapiens' 9606  ? ? ? ? ? ? ? mouse 
'Mus musculus' 10090 ? ? ? ? ? ? ? ? NS/0 ? ? ? ? ? ? ? ? ? ? ? ? 
1 2 sample 'Biological sequence' 150 376 Mouse ? 'Ighg1, Igh-4' ? ? ? ? ? ? 'Mus musculus' 10090 ? ? ? ? ? ? ? mouse 
'Mus musculus' 10090 ? ? ? ? ? ? ? ? NS/0 ? ? ? ? ? ? ? ? ? ? ? ? 
# 
loop_
_chem_comp.id 
_chem_comp.type 
_chem_comp.mon_nstd_flag 
_chem_comp.name 
_chem_comp.pdbx_synonyms 
_chem_comp.formula 
_chem_comp.formula_weight 
ALA 'L-peptide linking' y ALANINE         ? 'C3 H7 N O2'     89.093  
ARG 'L-peptide linking' y ARGININE        ? 'C6 H15 N4 O2 1' 175.209 
ASN 'L-peptide linking' y ASPARAGINE      ? 'C4 H8 N2 O3'    132.118 
ASP 'L-peptide linking' y 'ASPARTIC ACID' ? 'C4 H7 N O4'     133.103 
CYS 'L-peptide linking' y CYSTEINE        ? 'C3 H7 N O2 S'   121.158 
GLN 'L-peptide linking' y GLUTAMINE       ? 'C5 H10 N2 O3'   146.144 
GLU 'L-peptide linking' y 'GLUTAMIC ACID' ? 'C5 H9 N O4'     147.129 
GLY 'peptide linking'   y GLYCINE         ? 'C2 H5 N O2'     75.067  
HIS 'L-peptide linking' y HISTIDINE       ? 'C6 H10 N3 O2 1' 156.162 
ILE 'L-peptide linking' y ISOLEUCINE      ? 'C6 H13 N O2'    131.173 
LEU 'L-peptide linking' y LEUCINE         ? 'C6 H13 N O2'    131.173 
LYS 'L-peptide linking' y LYSINE          ? 'C6 H15 N2 O2 1' 147.195 
MET 'L-peptide linking' y METHIONINE      ? 'C5 H11 N O2 S'  149.211 
PHE 'L-peptide linking' y PHENYLALANINE   ? 'C9 H11 N O2'    165.189 
PRO 'L-peptide linking' y PROLINE         ? 'C5 H9 N O2'     115.130 
SER 'L-peptide linking' y SERINE          ? 'C3 H7 N O3'     105.093 
THR 'L-peptide linking' y THREONINE       ? 'C4 H9 N O3'     119.119 
TRP 'L-peptide linking' y TRYPTOPHAN      ? 'C11 H12 N2 O2'  204.225 
TYR 'L-peptide linking' y TYROSINE        ? 'C9 H11 N O3'    181.189 
VAL 'L-peptide linking' y VALINE          ? 'C5 H11 N O2'    117.146 
# 
loop_
_pdbx_poly_seq_scheme.asym_id 
_pdbx_poly_seq_scheme.entity_id 
_pdbx_poly_seq_scheme.seq_id 
_pdbx_poly_seq_scheme.mon_id 
_pdbx_poly_seq_scheme.ndb_seq_num 
_pdbx_poly_seq_scheme.pdb_seq_num 
_pdbx_poly_seq_scheme.auth_seq_num 
_pdbx_poly_seq_scheme.pdb_mon_id 
_pdbx_poly_seq_scheme.auth_mon_id 
_pdbx_poly_seq_scheme.pdb_strand_id 
_pdbx_poly_seq_scheme.pdb_ins_code 
_pdbx_poly_seq_scheme.hetero 
A 1 1   ASP 1   1   1   ASP ASP A . n 
A 1 2   ILE 2   2   2   ILE ILE A . n 
A 1 3   SER 3   3   3   SER SER A . n 
A 1 4   CYS 4   4   4   CYS CYS A . n 
A 1 5   GLY 5   5   5   GLY GLY A . n 
A 1 6   SER 6   6   6   SER SER A . n 
A 1 7   PRO 7   7   7   PRO PRO A . n 
A 1 8   PRO 8   8   8   PRO PRO A . n 
A 1 9   PRO 9   9   9   PRO PRO A . n 
A 1 10  ILE 10  10  10  ILE ILE A . n 
A 1 11  LEU 11  11  11  LEU LEU A . n 
A 1 12  ASN 12  12  12  ASN ASN A . n 
A 1 13  GLY 13  13  13  GLY GLY A . n 
A 1 14  ARG 14  14  14  ARG ARG A . n 
A 1 15  ILE 15  15  15  ILE ILE A . n 
A 1 16  SER 16  16  16  SER SER A . n 
A 1 17  TYR 17  17  17  TYR TYR A . n 
A 1 18  TYR 18  18  18  TYR TYR A . n 
A 1 19  SER 19  19  19  SER SER A . n 
A 1 20  THR 20  20  20  THR THR A . n 
A 1 21  PRO 21  21  21  PRO PRO A . n 
A 1 22  ILE 22  22  22  ILE ILE A . n 
A 1 23  ALA 23  23  23  ALA ALA A . n 
A 1 24  VAL 24  24  24  VAL VAL A . n 
A 1 25  GLY 25  25  25  GLY GLY A . n 
A 1 26  THR 26  26  26  THR THR A . n 
A 1 27  VAL 27  27  27  VAL VAL A . n 
A 1 28  ILE 28  28  28  ILE ILE A . n 
A 1 29  ARG 29  29  29  ARG ARG A . n 
A 1 30  TYR 30  30  30  TYR TYR A . n 
A 1 31  SER 31  31  31  SER SER A . n 
A 1 32  CYS 32  32  32  CYS CYS A . n 
A 1 33  SER 33  33  33  SER SER A . n 
A 1 34  GLY 34  34  34  GLY GLY A . n 
A 1 35  THR 35  35  35  THR THR A . n 
A 1 36  PHE 36  36  36  PHE PHE A . n 
A 1 37  ARG 37  37  37  ARG ARG A . n 
A 1 38  LEU 38  38  38  LEU LEU A . n 
A 1 39  ILE 39  39  39  ILE ILE A . n 
A 1 40  GLY 40  40  40  GLY GLY A . n 
A 1 41  GLU 41  41  41  GLU GLU A . n 
A 1 42  LYS 42  42  42  LYS LYS A . n 
A 1 43  SER 43  43  43  SER SER A . n 
A 1 44  LEU 44  44  44  LEU LEU A . n 
A 1 45  LEU 45  45  45  LEU LEU A . n 
A 1 46  CYS 46  46  46  CYS CYS A . n 
A 1 47  ILE 47  47  47  ILE ILE A . n 
A 1 48  THR 48  48  48  THR THR A . n 
A 1 49  LYS 49  49  49  LYS LYS A . n 
A 1 50  ASP 50  50  50  ASP ASP A . n 
A 1 51  LYS 51  51  51  LYS LYS A . n 
A 1 52  VAL 52  52  52  VAL VAL A . n 
A 1 53  ASP 53  53  53  ASP ASP A . n 
A 1 54  GLY 54  54  54  GLY GLY A . n 
A 1 55  THR 55  55  55  THR THR A . n 
A 1 56  TRP 56  56  56  TRP TRP A . n 
A 1 57  ASP 57  57  57  ASP ASP A . n 
A 1 58  LYS 58  58  58  LYS LYS A . n 
A 1 59  PRO 59  59  59  PRO PRO A . n 
A 1 60  ALA 60  60  60  ALA ALA A . n 
A 1 61  PRO 61  61  61  PRO PRO A . n 
A 1 62  LYS 62  62  62  LYS LYS A . n 
A 1 63  CYS 63  63  63  CYS CYS A . n 
A 1 64  GLU 64  64  64  GLU GLU A . n 
A 1 65  TYR 65  65  65  TYR TYR A . n 
A 1 66  PHE 66  66  66  PHE PHE A . n 
A 1 67  ASN 67  67  67  ASN ASN A . n 
A 1 68  LYS 68  68  68  LYS LYS A . n 
A 1 69  TYR 69  69  69  TYR TYR A . n 
A 1 70  SER 70  70  70  SER SER A . n 
A 1 71  SER 71  71  71  SER SER A . n 
A 1 72  CYS 72  72  72  CYS CYS A . n 
A 1 73  PRO 73  73  73  PRO PRO A . n 
A 1 74  GLU 74  74  74  GLU GLU A . n 
A 1 75  PRO 75  75  75  PRO PRO A . n 
A 1 76  ILE 76  76  76  ILE ILE A . n 
A 1 77  VAL 77  77  77  VAL VAL A . n 
A 1 78  PRO 78  78  78  PRO PRO A . n 
A 1 79  GLY 79  79  79  GLY GLY A . n 
A 1 80  GLY 80  80  80  GLY GLY A . n 
A 1 81  TYR 81  81  81  TYR TYR A . n 
A 1 82  LYS 82  82  82  LYS LYS A . n 
A 1 83  ILE 83  83  83  ILE ILE A . n 
A 1 84  ARG 84  84  84  ARG ARG A . n 
A 1 85  GLY 85  85  85  GLY GLY A . n 
A 1 86  SER 86  86  86  SER SER A . n 
A 1 87  THR 87  87  87  THR THR A . n 
A 1 88  PRO 88  88  88  PRO PRO A . n 
A 1 89  TYR 89  89  89  TYR TYR A . n 
A 1 90  ARG 90  90  90  ARG ARG A . n 
A 1 91  HIS 91  91  91  HIS HIS A . n 
A 1 92  GLY 92  92  92  GLY GLY A . n 
A 1 93  ASP 93  93  93  ASP ASP A . n 
A 1 94  SER 94  94  94  SER SER A . n 
A 1 95  VAL 95  95  95  VAL VAL A . n 
A 1 96  THR 96  96  96  THR THR A . n 
A 1 97  PHE 97  97  97  PHE PHE A . n 
A 1 98  ALA 98  98  98  ALA ALA A . n 
A 1 99  CYS 99  99  99  CYS CYS A . n 
A 1 100 LYS 100 100 100 LYS LYS A . n 
A 1 101 THR 101 101 101 THR THR A . n 
A 1 102 ASN 102 102 102 ASN ASN A . n 
A 1 103 PHE 103 103 103 PHE PHE A . n 
A 1 104 SER 104 104 104 SER SER A . n 
A 1 105 MET 105 105 105 MET MET A . n 
A 1 106 ASN 106 106 106 ASN ASN A . n 
A 1 107 GLY 107 107 107 GLY GLY A . n 
A 1 108 ASN 108 108 108 ASN ASN A . n 
A 1 109 LYS 109 109 109 LYS LYS A . n 
A 1 110 SER 110 110 110 SER SER A . n 
A 1 111 VAL 111 111 111 VAL VAL A . n 
A 1 112 TRP 112 112 112 TRP TRP A . n 
A 1 113 CYS 113 113 113 CYS CYS A . n 
A 1 114 GLN 114 114 114 GLN GLN A . n 
A 1 115 ALA 115 115 115 ALA ALA A . n 
A 1 116 ASN 116 116 116 ASN ASN A . n 
A 1 117 ASN 117 117 117 ASN ASN A . n 
A 1 118 MET 118 118 118 MET MET A . n 
A 1 119 TRP 119 119 119 TRP TRP A . n 
A 1 120 GLY 120 120 120 GLY GLY A . n 
A 1 121 PRO 121 121 121 PRO PRO A . n 
A 1 122 THR 122 122 122 THR THR A . n 
A 1 123 ARG 123 123 123 ARG ARG A . n 
A 1 124 LEU 124 124 124 LEU LEU A . n 
A 1 125 PRO 125 125 125 PRO PRO A . n 
A 1 126 THR 126 126 126 THR THR A . n 
A 1 127 CYS 127 127 127 CYS CYS A . n 
A 1 128 VAL 128 128 128 VAL VAL A . n 
A 1 129 SER 129 129 129 SER SER A . n 
A 1 130 VAL 130 130 130 VAL VAL A . n 
A 1 131 PHE 131 131 131 PHE PHE A . n 
A 1 132 PRO 132 132 132 PRO PRO A . n 
A 1 133 LEU 133 133 133 LEU LEU A . n 
A 1 134 GLU 134 134 134 GLU GLU A . n 
A 1 135 GLY 135 135 135 GLY GLY A . n 
A 1 136 SER 136 136 136 SER SER A . n 
A 1 137 ILE 137 137 137 ILE ILE A . n 
A 1 138 GLU 138 138 138 GLU GLU A . n 
A 1 139 GLY 139 139 139 GLY GLY A . n 
A 1 140 ARG 140 140 140 ARG ARG A . n 
A 1 141 GLY 141 141 141 GLY GLY A . n 
A 1 142 GLY 142 142 142 GLY GLY A . n 
A 1 143 SER 143 143 143 SER SER A . n 
A 1 144 GLU 144 144 144 GLU GLU A . n 
A 1 145 LEU 145 145 145 LEU LEU A . n 
A 1 146 ALA 146 146 146 ALA ALA A . n 
A 1 147 ASP 147 147 147 ASP ASP A . n 
A 1 148 PRO 148 148 148 PRO PRO A . n 
A 1 149 GLU 149 149 149 GLU GLU A . n 
A 1 150 VAL 150 150 150 VAL VAL A . n 
A 1 151 PRO 151 151 151 PRO PRO A . n 
A 1 152 ARG 152 152 152 ARG ARG A . n 
A 1 153 ASP 153 153 153 ASP ASP A . n 
A 1 154 CYS 154 154 154 CYS CYS A . n 
A 1 155 GLY 155 155 155 GLY GLY A . n 
A 1 156 CYS 156 156 156 CYS CYS A . n 
A 1 157 LYS 157 157 157 LYS LYS A . n 
A 1 158 PRO 158 158 158 PRO PRO A . n 
A 1 159 CYS 159 159 159 CYS CYS A . n 
A 1 160 ILE 160 160 160 ILE ILE A . n 
A 1 161 CYS 161 161 161 CYS CYS A . n 
A 1 162 THR 162 162 162 THR THR A . n 
A 1 163 VAL 163 163 163 VAL VAL A . n 
A 1 164 PRO 164 164 164 PRO PRO A . n 
A 1 165 GLU 165 165 165 GLU GLU A . n 
A 1 166 VAL 166 166 166 VAL VAL A . n 
A 1 167 SER 167 167 167 SER SER A . n 
A 1 168 SER 168 168 168 SER SER A . n 
A 1 169 VAL 169 169 169 VAL VAL A . n 
A 1 170 PHE 170 170 170 PHE PHE A . n 
A 1 171 ILE 171 171 171 ILE ILE A . n 
A 1 172 PHE 172 172 172 PHE PHE A . n 
A 1 173 PRO 173 173 173 PRO PRO A . n 
A 1 174 PRO 174 174 174 PRO PRO A . n 
A 1 175 LYS 175 175 175 LYS LYS A . n 
A 1 176 PRO 176 176 176 PRO PRO A . n 
A 1 177 LYS 177 177 177 LYS LYS A . n 
A 1 178 ASP 178 178 178 ASP ASP A . n 
A 1 179 VAL 179 179 179 VAL VAL A . n 
A 1 180 LEU 180 180 180 LEU LEU A . n 
A 1 181 THR 181 181 181 THR THR A . n 
A 1 182 ILE 182 182 182 ILE ILE A . n 
A 1 183 THR 183 183 183 THR THR A . n 
A 1 184 LEU 184 184 184 LEU LEU A . n 
A 1 185 THR 185 185 185 THR THR A . n 
A 1 186 PRO 186 186 186 PRO PRO A . n 
A 1 187 LYS 187 187 187 LYS LYS A . n 
A 1 188 VAL 188 188 188 VAL VAL A . n 
A 1 189 THR 189 189 189 THR THR A . n 
A 1 190 CYS 190 190 190 CYS CYS A . n 
A 1 191 VAL 191 191 191 VAL VAL A . n 
A 1 192 VAL 192 192 192 VAL VAL A . n 
A 1 193 VAL 193 193 193 VAL VAL A . n 
A 1 194 ASP 194 194 194 ASP ASP A . n 
A 1 195 ILE 195 195 195 ILE ILE A . n 
A 1 196 SER 196 196 196 SER SER A . n 
A 1 197 LYS 197 197 197 LYS LYS A . n 
A 1 198 ASP 198 198 198 ASP ASP A . n 
A 1 199 ASP 199 199 199 ASP ASP A . n 
A 1 200 PRO 200 200 200 PRO PRO A . n 
A 1 201 GLU 201 201 201 GLU GLU A . n 
A 1 202 VAL 202 202 202 VAL VAL A . n 
A 1 203 GLN 203 203 203 GLN GLN A . n 
A 1 204 PHE 204 204 204 PHE PHE A . n 
A 1 205 SER 205 205 205 SER SER A . n 
A 1 206 TRP 206 206 206 TRP TRP A . n 
A 1 207 PHE 207 207 207 PHE PHE A . n 
A 1 208 VAL 208 208 208 VAL VAL A . n 
A 1 209 ASP 209 209 209 ASP ASP A . n 
A 1 210 ASP 210 210 210 ASP ASP A . n 
A 1 211 VAL 211 211 211 VAL VAL A . n 
A 1 212 GLU 212 212 212 GLU GLU A . n 
A 1 213 VAL 213 213 213 VAL VAL A . n 
A 1 214 HIS 214 214 214 HIS HIS A . n 
A 1 215 THR 215 215 215 THR THR A . n 
A 1 216 ALA 216 216 216 ALA ALA A . n 
A 1 217 GLN 217 217 217 GLN GLN A . n 
A 1 218 THR 218 218 218 THR THR A . n 
A 1 219 GLN 219 219 219 GLN GLN A . n 
A 1 220 PRO 220 220 220 PRO PRO A . n 
A 1 221 ARG 221 221 221 ARG ARG A . n 
A 1 222 GLU 222 222 222 GLU GLU A . n 
A 1 223 GLU 223 223 223 GLU GLU A . n 
A 1 224 GLN 224 224 224 GLN GLN A . n 
A 1 225 PHE 225 225 225 PHE PHE A . n 
A 1 226 ASN 226 226 226 ASN ASN A . n 
A 1 227 SER 227 227 227 SER SER A . n 
A 1 228 THR 228 228 228 THR THR A . n 
A 1 229 PHE 229 229 229 PHE PHE A . n 
A 1 230 ARG 230 230 230 ARG ARG A . n 
A 1 231 SER 231 231 231 SER SER A . n 
A 1 232 VAL 232 232 232 VAL VAL A . n 
A 1 233 SER 233 233 233 SER SER A . n 
A 1 234 GLU 234 234 234 GLU GLU A . n 
A 1 235 LEU 235 235 235 LEU LEU A . n 
A 1 236 PRO 236 236 236 PRO PRO A . n 
A 1 237 ILE 237 237 237 ILE ILE A . n 
A 1 238 MET 238 238 238 MET MET A . n 
A 1 239 HIS 239 239 239 HIS HIS A . n 
A 1 240 GLN 240 240 240 GLN GLN A . n 
A 1 241 ASP 241 241 241 ASP ASP A . n 
A 1 242 TRP 242 242 242 TRP TRP A . n 
A 1 243 LEU 243 243 243 LEU LEU A . n 
A 1 244 ASN 244 244 244 ASN ASN A . n 
A 1 245 GLY 245 245 245 GLY GLY A . n 
A 1 246 LYS 246 246 246 LYS LYS A . n 
A 1 247 GLU 247 247 247 GLU GLU A . n 
A 1 248 PHE 248 248 248 PHE PHE A . n 
A 1 249 LYS 249 249 249 LYS LYS A . n 
A 1 250 CYS 250 250 250 CYS CYS A . n 
A 1 251 ARG 251 251 251 ARG ARG A . n 
A 1 252 VAL 252 252 252 VAL VAL A . n 
A 1 253 ASN 253 253 253 ASN ASN A . n 
A 1 254 SER 254 254 254 SER SER A . n 
A 1 255 ALA 255 255 255 ALA ALA A . n 
A 1 256 ALA 256 256 256 ALA ALA A . n 
A 1 257 PHE 257 257 257 PHE PHE A . n 
A 1 258 PRO 258 258 258 PRO PRO A . n 
A 1 259 ALA 259 259 259 ALA ALA A . n 
A 1 260 PRO 260 260 260 PRO PRO A . n 
A 1 261 ILE 261 261 261 ILE ILE A . n 
A 1 262 GLU 262 262 262 GLU GLU A . n 
A 1 263 LYS 263 263 263 LYS LYS A . n 
A 1 264 THR 264 264 264 THR THR A . n 
A 1 265 ILE 265 265 265 ILE ILE A . n 
A 1 266 SER 266 266 266 SER SER A . n 
A 1 267 LYS 267 267 267 LYS LYS A . n 
A 1 268 THR 268 268 268 THR THR A . n 
A 1 269 LYS 269 269 269 LYS LYS A . n 
A 1 270 GLY 270 270 270 GLY GLY A . n 
A 1 271 ARG 271 271 271 ARG ARG A . n 
A 1 272 PRO 272 272 272 PRO PRO A . n 
A 1 273 LYS 273 273 273 LYS LYS A . n 
A 1 274 ALA 274 274 274 ALA ALA A . n 
A 1 275 PRO 275 275 275 PRO PRO A . n 
A 1 276 GLN 276 276 276 GLN GLN A . n 
A 1 277 LEU 277 277 277 LEU LEU A . n 
A 1 278 TYR 278 278 278 TYR TYR A . n 
A 1 279 THR 279 279 279 THR THR A . n 
A 1 280 ILE 280 280 280 ILE ILE A . n 
A 1 281 PRO 281 281 281 PRO PRO A . n 
A 1 282 PRO 282 282 282 PRO PRO A . n 
A 1 283 PRO 283 283 283 PRO PRO A . n 
A 1 284 LYS 284 284 284 LYS LYS A . n 
A 1 285 GLU 285 285 285 GLU GLU A . n 
A 1 286 GLN 286 286 286 GLN GLN A . n 
A 1 287 MET 287 287 287 MET MET A . n 
A 1 288 ALA 288 288 288 ALA ALA A . n 
A 1 289 LYS 289 289 289 LYS LYS A . n 
A 1 290 ASP 290 290 290 ASP ASP A . n 
A 1 291 LYS 291 291 291 LYS LYS A . n 
A 1 292 VAL 292 292 292 VAL VAL A . n 
A 1 293 SER 293 293 293 SER SER A . n 
A 1 294 LEU 294 294 294 LEU LEU A . n 
A 1 295 THR 295 295 295 THR THR A . n 
A 1 296 CYS 296 296 296 CYS CYS A . n 
A 1 297 MET 297 297 297 MET MET A . n 
A 1 298 ILE 298 298 298 ILE ILE A . n 
A 1 299 THR 299 299 299 THR THR A . n 
A 1 300 ASP 300 300 300 ASP ASP A . n 
A 1 301 PHE 301 301 301 PHE PHE A . n 
A 1 302 PHE 302 302 302 PHE PHE A . n 
A 1 303 PRO 303 303 303 PRO PRO A . n 
A 1 304 GLU 304 304 304 GLU GLU A . n 
A 1 305 ASP 305 305 305 ASP ASP A . n 
A 1 306 ILE 306 306 306 ILE ILE A . n 
A 1 307 THR 307 307 307 THR THR A . n 
A 1 308 VAL 308 308 308 VAL VAL A . n 
A 1 309 GLU 309 309 309 GLU GLU A . n 
A 1 310 TRP 310 310 310 TRP TRP A . n 
A 1 311 GLN 311 311 311 GLN GLN A . n 
A 1 312 TRP 312 312 312 TRP TRP A . n 
A 1 313 ASN 313 313 313 ASN ASN A . n 
A 1 314 GLY 314 314 314 GLY GLY A . n 
A 1 315 GLN 315 315 315 GLN GLN A . n 
A 1 316 PRO 316 316 316 PRO PRO A . n 
A 1 317 ALA 317 317 317 ALA ALA A . n 
A 1 318 GLU 318 318 318 GLU GLU A . n 
A 1 319 ASN 319 319 319 ASN ASN A . n 
A 1 320 TYR 320 320 320 TYR TYR A . n 
A 1 321 LYS 321 321 321 LYS LYS A . n 
A 1 322 ASN 322 322 322 ASN ASN A . n 
A 1 323 THR 323 323 323 THR THR A . n 
A 1 324 GLN 324 324 324 GLN GLN A . n 
A 1 325 PRO 325 325 325 PRO PRO A . n 
A 1 326 ILE 326 326 326 ILE ILE A . n 
A 1 327 MET 327 327 327 MET MET A . n 
A 1 328 ASN 328 328 328 ASN ASN A . n 
A 1 329 THR 329 329 329 THR THR A . n 
A 1 330 ASN 330 330 330 ASN ASN A . n 
A 1 331 GLU 331 331 331 GLU GLU A . n 
A 1 332 SER 332 332 332 SER SER A . n 
A 1 333 TYR 333 333 333 TYR TYR A . n 
A 1 334 PHE 334 334 334 PHE PHE A . n 
A 1 335 VAL 335 335 335 VAL VAL A . n 
A 1 336 TYR 336 336 336 TYR TYR A . n 
A 1 337 SER 337 337 337 SER SER A . n 
A 1 338 LYS 338 338 338 LYS LYS A . n 
A 1 339 LEU 339 339 339 LEU LEU A . n 
A 1 340 ASN 340 340 340 ASN ASN A . n 
A 1 341 VAL 341 341 341 VAL VAL A . n 
A 1 342 GLN 342 342 342 GLN GLN A . n 
A 1 343 LYS 343 343 343 LYS LYS A . n 
A 1 344 SER 344 344 344 SER SER A . n 
A 1 345 ASN 345 345 345 ASN ASN A . n 
A 1 346 TRP 346 346 346 TRP TRP A . n 
A 1 347 GLU 347 347 347 GLU GLU A . n 
A 1 348 ALA 348 348 348 ALA ALA A . n 
A 1 349 GLY 349 349 349 GLY GLY A . n 
A 1 350 ASN 350 350 350 ASN ASN A . n 
A 1 351 THR 351 351 351 THR THR A . n 
A 1 352 PHE 352 352 352 PHE PHE A . n 
A 1 353 THR 353 353 353 THR THR A . n 
A 1 354 CYS 354 354 354 CYS CYS A . n 
A 1 355 SER 355 355 355 SER SER A . n 
A 1 356 VAL 356 356 356 VAL VAL A . n 
A 1 357 LEU 357 357 357 LEU LEU A . n 
A 1 358 HIS 358 358 358 HIS HIS A . n 
A 1 359 GLU 359 359 359 GLU GLU A . n 
A 1 360 GLY 360 360 360 GLY GLY A . n 
A 1 361 LEU 361 361 361 LEU LEU A . n 
A 1 362 HIS 362 362 362 HIS HIS A . n 
A 1 363 ASN 363 363 363 ASN ASN A . n 
A 1 364 HIS 364 364 364 HIS HIS A . n 
A 1 365 HIS 365 365 365 HIS HIS A . n 
A 1 366 THR 366 366 366 THR THR A . n 
A 1 367 GLU 367 367 367 GLU GLU A . n 
A 1 368 LYS 368 368 368 LYS LYS A . n 
A 1 369 SER 369 369 369 SER SER A . n 
A 1 370 LEU 370 370 370 LEU LEU A . n 
A 1 371 SER 371 371 371 SER SER A . n 
A 1 372 HIS 372 372 372 HIS HIS A . n 
A 1 373 SER 373 373 373 SER SER A . n 
A 1 374 PRO 374 374 374 PRO PRO A . n 
A 1 375 GLY 375 375 375 GLY GLY A . n 
A 1 376 LYS 376 376 376 LYS LYS A . n 
B 1 1   ASP 1   1   1   ASP ASP B . n 
B 1 2   ILE 2   2   2   ILE ILE B . n 
B 1 3   SER 3   3   3   SER SER B . n 
B 1 4   CYS 4   4   4   CYS CYS B . n 
B 1 5   GLY 5   5   5   GLY GLY B . n 
B 1 6   SER 6   6   6   SER SER B . n 
B 1 7   PRO 7   7   7   PRO PRO B . n 
B 1 8   PRO 8   8   8   PRO PRO B . n 
B 1 9   PRO 9   9   9   PRO PRO B . n 
B 1 10  ILE 10  10  10  ILE ILE B . n 
B 1 11  LEU 11  11  11  LEU LEU B . n 
B 1 12  ASN 12  12  12  ASN ASN B . n 
B 1 13  GLY 13  13  13  GLY GLY B . n 
B 1 14  ARG 14  14  14  ARG ARG B . n 
B 1 15  ILE 15  15  15  ILE ILE B . n 
B 1 16  SER 16  16  16  SER SER B . n 
B 1 17  TYR 17  17  17  TYR TYR B . n 
B 1 18  TYR 18  18  18  TYR TYR B . n 
B 1 19  SER 19  19  19  SER SER B . n 
B 1 20  THR 20  20  20  THR THR B . n 
B 1 21  PRO 21  21  21  PRO PRO B . n 
B 1 22  ILE 22  22  22  ILE ILE B . n 
B 1 23  ALA 23  23  23  ALA ALA B . n 
B 1 24  VAL 24  24  24  VAL VAL B . n 
B 1 25  GLY 25  25  25  GLY GLY B . n 
B 1 26  THR 26  26  26  THR THR B . n 
B 1 27  VAL 27  27  27  VAL VAL B . n 
B 1 28  ILE 28  28  28  ILE ILE B . n 
B 1 29  ARG 29  29  29  ARG ARG B . n 
B 1 30  TYR 30  30  30  TYR TYR B . n 
B 1 31  SER 31  31  31  SER SER B . n 
B 1 32  CYS 32  32  32  CYS CYS B . n 
B 1 33  SER 33  33  33  SER SER B . n 
B 1 34  GLY 34  34  34  GLY GLY B . n 
B 1 35  THR 35  35  35  THR THR B . n 
B 1 36  PHE 36  36  36  PHE PHE B . n 
B 1 37  ARG 37  37  37  ARG ARG B . n 
B 1 38  LEU 38  38  38  LEU LEU B . n 
B 1 39  ILE 39  39  39  ILE ILE B . n 
B 1 40  GLY 40  40  40  GLY GLY B . n 
B 1 41  GLU 41  41  41  GLU GLU B . n 
B 1 42  LYS 42  42  42  LYS LYS B . n 
B 1 43  SER 43  43  43  SER SER B . n 
B 1 44  LEU 44  44  44  LEU LEU B . n 
B 1 45  LEU 45  45  45  LEU LEU B . n 
B 1 46  CYS 46  46  46  CYS CYS B . n 
B 1 47  ILE 47  47  47  ILE ILE B . n 
B 1 48  THR 48  48  48  THR THR B . n 
B 1 49  LYS 49  49  49  LYS LYS B . n 
B 1 50  ASP 50  50  50  ASP ASP B . n 
B 1 51  LYS 51  51  51  LYS LYS B . n 
B 1 52  VAL 52  52  52  VAL VAL B . n 
B 1 53  ASP 53  53  53  ASP ASP B . n 
B 1 54  GLY 54  54  54  GLY GLY B . n 
B 1 55  THR 55  55  55  THR THR B . n 
B 1 56  TRP 56  56  56  TRP TRP B . n 
B 1 57  ASP 57  57  57  ASP ASP B . n 
B 1 58  LYS 58  58  58  LYS LYS B . n 
B 1 59  PRO 59  59  59  PRO PRO B . n 
B 1 60  ALA 60  60  60  ALA ALA B . n 
B 1 61  PRO 61  61  61  PRO PRO B . n 
B 1 62  LYS 62  62  62  LYS LYS B . n 
B 1 63  CYS 63  63  63  CYS CYS B . n 
B 1 64  GLU 64  64  64  GLU GLU B . n 
B 1 65  TYR 65  65  65  TYR TYR B . n 
B 1 66  PHE 66  66  66  PHE PHE B . n 
B 1 67  ASN 67  67  67  ASN ASN B . n 
B 1 68  LYS 68  68  68  LYS LYS B . n 
B 1 69  TYR 69  69  69  TYR TYR B . n 
B 1 70  SER 70  70  70  SER SER B . n 
B 1 71  SER 71  71  71  SER SER B . n 
B 1 72  CYS 72  72  72  CYS CYS B . n 
B 1 73  PRO 73  73  73  PRO PRO B . n 
B 1 74  GLU 74  74  74  GLU GLU B . n 
B 1 75  PRO 75  75  75  PRO PRO B . n 
B 1 76  ILE 76  76  76  ILE ILE B . n 
B 1 77  VAL 77  77  77  VAL VAL B . n 
B 1 78  PRO 78  78  78  PRO PRO B . n 
B 1 79  GLY 79  79  79  GLY GLY B . n 
B 1 80  GLY 80  80  80  GLY GLY B . n 
B 1 81  TYR 81  81  81  TYR TYR B . n 
B 1 82  LYS 82  82  82  LYS LYS B . n 
B 1 83  ILE 83  83  83  ILE ILE B . n 
B 1 84  ARG 84  84  84  ARG ARG B . n 
B 1 85  GLY 85  85  85  GLY GLY B . n 
B 1 86  SER 86  86  86  SER SER B . n 
B 1 87  THR 87  87  87  THR THR B . n 
B 1 88  PRO 88  88  88  PRO PRO B . n 
B 1 89  TYR 89  89  89  TYR TYR B . n 
B 1 90  ARG 90  90  90  ARG ARG B . n 
B 1 91  HIS 91  91  91  HIS HIS B . n 
B 1 92  GLY 92  92  92  GLY GLY B . n 
B 1 93  ASP 93  93  93  ASP ASP B . n 
B 1 94  SER 94  94  94  SER SER B . n 
B 1 95  VAL 95  95  95  VAL VAL B . n 
B 1 96  THR 96  96  96  THR THR B . n 
B 1 97  PHE 97  97  97  PHE PHE B . n 
B 1 98  ALA 98  98  98  ALA ALA B . n 
B 1 99  CYS 99  99  99  CYS CYS B . n 
B 1 100 LYS 100 100 100 LYS LYS B . n 
B 1 101 THR 101 101 101 THR THR B . n 
B 1 102 ASN 102 102 102 ASN ASN B . n 
B 1 103 PHE 103 103 103 PHE PHE B . n 
B 1 104 SER 104 104 104 SER SER B . n 
B 1 105 MET 105 105 105 MET MET B . n 
B 1 106 ASN 106 106 106 ASN ASN B . n 
B 1 107 GLY 107 107 107 GLY GLY B . n 
B 1 108 ASN 108 108 108 ASN ASN B . n 
B 1 109 LYS 109 109 109 LYS LYS B . n 
B 1 110 SER 110 110 110 SER SER B . n 
B 1 111 VAL 111 111 111 VAL VAL B . n 
B 1 112 TRP 112 112 112 TRP TRP B . n 
B 1 113 CYS 113 113 113 CYS CYS B . n 
B 1 114 GLN 114 114 114 GLN GLN B . n 
B 1 115 ALA 115 115 115 ALA ALA B . n 
B 1 116 ASN 116 116 116 ASN ASN B . n 
B 1 117 ASN 117 117 117 ASN ASN B . n 
B 1 118 MET 118 118 118 MET MET B . n 
B 1 119 TRP 119 119 119 TRP TRP B . n 
B 1 120 GLY 120 120 120 GLY GLY B . n 
B 1 121 PRO 121 121 121 PRO PRO B . n 
B 1 122 THR 122 122 122 THR THR B . n 
B 1 123 ARG 123 123 123 ARG ARG B . n 
B 1 124 LEU 124 124 124 LEU LEU B . n 
B 1 125 PRO 125 125 125 PRO PRO B . n 
B 1 126 THR 126 126 126 THR THR B . n 
B 1 127 CYS 127 127 127 CYS CYS B . n 
B 1 128 VAL 128 128 128 VAL VAL B . n 
B 1 129 SER 129 129 129 SER SER B . n 
B 1 130 VAL 130 130 130 VAL VAL B . n 
B 1 131 PHE 131 131 131 PHE PHE B . n 
B 1 132 PRO 132 132 132 PRO PRO B . n 
B 1 133 LEU 133 133 133 LEU LEU B . n 
B 1 134 GLU 134 134 134 GLU GLU B . n 
B 1 135 GLY 135 135 135 GLY GLY B . n 
B 1 136 SER 136 136 136 SER SER B . n 
B 1 137 ILE 137 137 137 ILE ILE B . n 
B 1 138 GLU 138 138 138 GLU GLU B . n 
B 1 139 GLY 139 139 139 GLY GLY B . n 
B 1 140 ARG 140 140 140 ARG ARG B . n 
B 1 141 GLY 141 141 141 GLY GLY B . n 
B 1 142 GLY 142 142 142 GLY GLY B . n 
B 1 143 SER 143 143 143 SER SER B . n 
B 1 144 GLU 144 144 144 GLU GLU B . n 
B 1 145 LEU 145 145 145 LEU LEU B . n 
B 1 146 ALA 146 146 146 ALA ALA B . n 
B 1 147 ASP 147 147 147 ASP ASP B . n 
B 1 148 PRO 148 148 148 PRO PRO B . n 
B 1 149 GLU 149 149 149 GLU GLU B . n 
B 1 150 VAL 150 150 150 VAL VAL B . n 
B 1 151 PRO 151 151 151 PRO PRO B . n 
B 1 152 ARG 152 152 152 ARG ARG B . n 
B 1 153 ASP 153 153 153 ASP ASP B . n 
B 1 154 CYS 154 154 154 CYS CYS B . n 
B 1 155 GLY 155 155 155 GLY GLY B . n 
B 1 156 CYS 156 156 156 CYS CYS B . n 
B 1 157 LYS 157 157 157 LYS LYS B . n 
B 1 158 PRO 158 158 158 PRO PRO B . n 
B 1 159 CYS 159 159 159 CYS CYS B . n 
B 1 160 ILE 160 160 160 ILE ILE B . n 
B 1 161 CYS 161 161 161 CYS CYS B . n 
B 1 162 THR 162 162 162 THR THR B . n 
B 1 163 VAL 163 163 163 VAL VAL B . n 
B 1 164 PRO 164 164 164 PRO PRO B . n 
B 1 165 GLU 165 165 165 GLU GLU B . n 
B 1 166 VAL 166 166 166 VAL VAL B . n 
B 1 167 SER 167 167 167 SER SER B . n 
B 1 168 SER 168 168 168 SER SER B . n 
B 1 169 VAL 169 169 169 VAL VAL B . n 
B 1 170 PHE 170 170 170 PHE PHE B . n 
B 1 171 ILE 171 171 171 ILE ILE B . n 
B 1 172 PHE 172 172 172 PHE PHE B . n 
B 1 173 PRO 173 173 173 PRO PRO B . n 
B 1 174 PRO 174 174 174 PRO PRO B . n 
B 1 175 LYS 175 175 175 LYS LYS B . n 
B 1 176 PRO 176 176 176 PRO PRO B . n 
B 1 177 LYS 177 177 177 LYS LYS B . n 
B 1 178 ASP 178 178 178 ASP ASP B . n 
B 1 179 VAL 179 179 179 VAL VAL B . n 
B 1 180 LEU 180 180 180 LEU LEU B . n 
B 1 181 THR 181 181 181 THR THR B . n 
B 1 182 ILE 182 182 182 ILE ILE B . n 
B 1 183 THR 183 183 183 THR THR B . n 
B 1 184 LEU 184 184 184 LEU LEU B . n 
B 1 185 THR 185 185 185 THR THR B . n 
B 1 186 PRO 186 186 186 PRO PRO B . n 
B 1 187 LYS 187 187 187 LYS LYS B . n 
B 1 188 VAL 188 188 188 VAL VAL B . n 
B 1 189 THR 189 189 189 THR THR B . n 
B 1 190 CYS 190 190 190 CYS CYS B . n 
B 1 191 VAL 191 191 191 VAL VAL B . n 
B 1 192 VAL 192 192 192 VAL VAL B . n 
B 1 193 VAL 193 193 193 VAL VAL B . n 
B 1 194 ASP 194 194 194 ASP ASP B . n 
B 1 195 ILE 195 195 195 ILE ILE B . n 
B 1 196 SER 196 196 196 SER SER B . n 
B 1 197 LYS 197 197 197 LYS LYS B . n 
B 1 198 ASP 198 198 198 ASP ASP B . n 
B 1 199 ASP 199 199 199 ASP ASP B . n 
B 1 200 PRO 200 200 200 PRO PRO B . n 
B 1 201 GLU 201 201 201 GLU GLU B . n 
B 1 202 VAL 202 202 202 VAL VAL B . n 
B 1 203 GLN 203 203 203 GLN GLN B . n 
B 1 204 PHE 204 204 204 PHE PHE B . n 
B 1 205 SER 205 205 205 SER SER B . n 
B 1 206 TRP 206 206 206 TRP TRP B . n 
B 1 207 PHE 207 207 207 PHE PHE B . n 
B 1 208 VAL 208 208 208 VAL VAL B . n 
B 1 209 ASP 209 209 209 ASP ASP B . n 
B 1 210 ASP 210 210 210 ASP ASP B . n 
B 1 211 VAL 211 211 211 VAL VAL B . n 
B 1 212 GLU 212 212 212 GLU GLU B . n 
B 1 213 VAL 213 213 213 VAL VAL B . n 
B 1 214 HIS 214 214 214 HIS HIS B . n 
B 1 215 THR 215 215 215 THR THR B . n 
B 1 216 ALA 216 216 216 ALA ALA B . n 
B 1 217 GLN 217 217 217 GLN GLN B . n 
B 1 218 THR 218 218 218 THR THR B . n 
B 1 219 GLN 219 219 219 GLN GLN B . n 
B 1 220 PRO 220 220 220 PRO PRO B . n 
B 1 221 ARG 221 221 221 ARG ARG B . n 
B 1 222 GLU 222 222 222 GLU GLU B . n 
B 1 223 GLU 223 223 223 GLU GLU B . n 
B 1 224 GLN 224 224 224 GLN GLN B . n 
B 1 225 PHE 225 225 225 PHE PHE B . n 
B 1 226 ASN 226 226 226 ASN ASN B . n 
B 1 227 SER 227 227 227 SER SER B . n 
B 1 228 THR 228 228 228 THR THR B . n 
B 1 229 PHE 229 229 229 PHE PHE B . n 
B 1 230 ARG 230 230 230 ARG ARG B . n 
B 1 231 SER 231 231 231 SER SER B . n 
B 1 232 VAL 232 232 232 VAL VAL B . n 
B 1 233 SER 233 233 233 SER SER B . n 
B 1 234 GLU 234 234 234 GLU GLU B . n 
B 1 235 LEU 235 235 235 LEU LEU B . n 
B 1 236 PRO 236 236 236 PRO PRO B . n 
B 1 237 ILE 237 237 237 ILE ILE B . n 
B 1 238 MET 238 238 238 MET MET B . n 
B 1 239 HIS 239 239 239 HIS HIS B . n 
B 1 240 GLN 240 240 240 GLN GLN B . n 
B 1 241 ASP 241 241 241 ASP ASP B . n 
B 1 242 TRP 242 242 242 TRP TRP B . n 
B 1 243 LEU 243 243 243 LEU LEU B . n 
B 1 244 ASN 244 244 244 ASN ASN B . n 
B 1 245 GLY 245 245 245 GLY GLY B . n 
B 1 246 LYS 246 246 246 LYS LYS B . n 
B 1 247 GLU 247 247 247 GLU GLU B . n 
B 1 248 PHE 248 248 248 PHE PHE B . n 
B 1 249 LYS 249 249 249 LYS LYS B . n 
B 1 250 CYS 250 250 250 CYS CYS B . n 
B 1 251 ARG 251 251 251 ARG ARG B . n 
B 1 252 VAL 252 252 252 VAL VAL B . n 
B 1 253 ASN 253 253 253 ASN ASN B . n 
B 1 254 SER 254 254 254 SER SER B . n 
B 1 255 ALA 255 255 255 ALA ALA B . n 
B 1 256 ALA 256 256 256 ALA ALA B . n 
B 1 257 PHE 257 257 257 PHE PHE B . n 
B 1 258 PRO 258 258 258 PRO PRO B . n 
B 1 259 ALA 259 259 259 ALA ALA B . n 
B 1 260 PRO 260 260 260 PRO PRO B . n 
B 1 261 ILE 261 261 261 ILE ILE B . n 
B 1 262 GLU 262 262 262 GLU GLU B . n 
B 1 263 LYS 263 263 263 LYS LYS B . n 
B 1 264 THR 264 264 264 THR THR B . n 
B 1 265 ILE 265 265 265 ILE ILE B . n 
B 1 266 SER 266 266 266 SER SER B . n 
B 1 267 LYS 267 267 267 LYS LYS B . n 
B 1 268 THR 268 268 268 THR THR B . n 
B 1 269 LYS 269 269 269 LYS LYS B . n 
B 1 270 GLY 270 270 270 GLY GLY B . n 
B 1 271 ARG 271 271 271 ARG ARG B . n 
B 1 272 PRO 272 272 272 PRO PRO B . n 
B 1 273 LYS 273 273 273 LYS LYS B . n 
B 1 274 ALA 274 274 274 ALA ALA B . n 
B 1 275 PRO 275 275 275 PRO PRO B . n 
B 1 276 GLN 276 276 276 GLN GLN B . n 
B 1 277 LEU 277 277 277 LEU LEU B . n 
B 1 278 TYR 278 278 278 TYR TYR B . n 
B 1 279 THR 279 279 279 THR THR B . n 
B 1 280 ILE 280 280 280 ILE ILE B . n 
B 1 281 PRO 281 281 281 PRO PRO B . n 
B 1 282 PRO 282 282 282 PRO PRO B . n 
B 1 283 PRO 283 283 283 PRO PRO B . n 
B 1 284 LYS 284 284 284 LYS LYS B . n 
B 1 285 GLU 285 285 285 GLU GLU B . n 
B 1 286 GLN 286 286 286 GLN GLN B . n 
B 1 287 MET 287 287 287 MET MET B . n 
B 1 288 ALA 288 288 288 ALA ALA B . n 
B 1 289 LYS 289 289 289 LYS LYS B . n 
B 1 290 ASP 290 290 290 ASP ASP B . n 
B 1 291 LYS 291 291 291 LYS LYS B . n 
B 1 292 VAL 292 292 292 VAL VAL B . n 
B 1 293 SER 293 293 293 SER SER B . n 
B 1 294 LEU 294 294 294 LEU LEU B . n 
B 1 295 THR 295 295 295 THR THR B . n 
B 1 296 CYS 296 296 296 CYS CYS B . n 
B 1 297 MET 297 297 297 MET MET B . n 
B 1 298 ILE 298 298 298 ILE ILE B . n 
B 1 299 THR 299 299 299 THR THR B . n 
B 1 300 ASP 300 300 300 ASP ASP B . n 
B 1 301 PHE 301 301 301 PHE PHE B . n 
B 1 302 PHE 302 302 302 PHE PHE B . n 
B 1 303 PRO 303 303 303 PRO PRO B . n 
B 1 304 GLU 304 304 304 GLU GLU B . n 
B 1 305 ASP 305 305 305 ASP ASP B . n 
B 1 306 ILE 306 306 306 ILE ILE B . n 
B 1 307 THR 307 307 307 THR THR B . n 
B 1 308 VAL 308 308 308 VAL VAL B . n 
B 1 309 GLU 309 309 309 GLU GLU B . n 
B 1 310 TRP 310 310 310 TRP TRP B . n 
B 1 311 GLN 311 311 311 GLN GLN B . n 
B 1 312 TRP 312 312 312 TRP TRP B . n 
B 1 313 ASN 313 313 313 ASN ASN B . n 
B 1 314 GLY 314 314 314 GLY GLY B . n 
B 1 315 GLN 315 315 315 GLN GLN B . n 
B 1 316 PRO 316 316 316 PRO PRO B . n 
B 1 317 ALA 317 317 317 ALA ALA B . n 
B 1 318 GLU 318 318 318 GLU GLU B . n 
B 1 319 ASN 319 319 319 ASN ASN B . n 
B 1 320 TYR 320 320 320 TYR TYR B . n 
B 1 321 LYS 321 321 321 LYS LYS B . n 
B 1 322 ASN 322 322 322 ASN ASN B . n 
B 1 323 THR 323 323 323 THR THR B . n 
B 1 324 GLN 324 324 324 GLN GLN B . n 
B 1 325 PRO 325 325 325 PRO PRO B . n 
B 1 326 ILE 326 326 326 ILE ILE B . n 
B 1 327 MET 327 327 327 MET MET B . n 
B 1 328 ASN 328 328 328 ASN ASN B . n 
B 1 329 THR 329 329 329 THR THR B . n 
B 1 330 ASN 330 330 330 ASN ASN B . n 
B 1 331 GLU 331 331 331 GLU GLU B . n 
B 1 332 SER 332 332 332 SER SER B . n 
B 1 333 TYR 333 333 333 TYR TYR B . n 
B 1 334 PHE 334 334 334 PHE PHE B . n 
B 1 335 VAL 335 335 335 VAL VAL B . n 
B 1 336 TYR 336 336 336 TYR TYR B . n 
B 1 337 SER 337 337 337 SER SER B . n 
B 1 338 LYS 338 338 338 LYS LYS B . n 
B 1 339 LEU 339 339 339 LEU LEU B . n 
B 1 340 ASN 340 340 340 ASN ASN B . n 
B 1 341 VAL 341 341 341 VAL VAL B . n 
B 1 342 GLN 342 342 342 GLN GLN B . n 
B 1 343 LYS 343 343 343 LYS LYS B . n 
B 1 344 SER 344 344 344 SER SER B . n 
B 1 345 ASN 345 345 345 ASN ASN B . n 
B 1 346 TRP 346 346 346 TRP TRP B . n 
B 1 347 GLU 347 347 347 GLU GLU B . n 
B 1 348 ALA 348 348 348 ALA ALA B . n 
B 1 349 GLY 349 349 349 GLY GLY B . n 
B 1 350 ASN 350 350 350 ASN ASN B . n 
B 1 351 THR 351 351 351 THR THR B . n 
B 1 352 PHE 352 352 352 PHE PHE B . n 
B 1 353 THR 353 353 353 THR THR B . n 
B 1 354 CYS 354 354 354 CYS CYS B . n 
B 1 355 SER 355 355 355 SER SER B . n 
B 1 356 VAL 356 356 356 VAL VAL B . n 
B 1 357 LEU 357 357 357 LEU LEU B . n 
B 1 358 HIS 358 358 358 HIS HIS B . n 
B 1 359 GLU 359 359 359 GLU GLU B . n 
B 1 360 GLY 360 360 360 GLY GLY B . n 
B 1 361 LEU 361 361 361 LEU LEU B . n 
B 1 362 HIS 362 362 362 HIS HIS B . n 
B 1 363 ASN 363 363 363 ASN ASN B . n 
B 1 364 HIS 364 364 364 HIS HIS B . n 
B 1 365 HIS 365 365 365 HIS HIS B . n 
B 1 366 THR 366 366 366 THR THR B . n 
B 1 367 GLU 367 367 367 GLU GLU B . n 
B 1 368 LYS 368 368 368 LYS LYS B . n 
B 1 369 SER 369 369 369 SER SER B . n 
B 1 370 LEU 370 370 370 LEU LEU B . n 
B 1 371 SER 371 371 371 SER SER B . n 
B 1 372 HIS 372 372 372 HIS HIS B . n 
B 1 373 SER 373 373 373 SER SER B . n 
B 1 374 PRO 374 374 374 PRO PRO B . n 
B 1 375 GLY 375 375 375 GLY GLY B . n 
B 1 376 LYS 376 376 376 LYS LYS B . n 
# 
loop_
_software.name 
_software.classification 
_software.version 
_software.citation_id 
_software.pdbx_ordinal 
_software.date 
_software.type 
_software.location 
_software.language 
OTOKO        'data reduction' .       ? 1  ? ? ? ? 
SPOLLY       'data reduction' .       ? 2  ? ? ? ? 
COLETTE      'data reduction' .       ? 3  ? ? ? ? 
SCTPL7       'model building' .       ? 4  ? ? ? ? 
GNOM         'model building' .       ? 5  ? ? ? ? 
'Insight II' 'model building' 'II 98' ? 6  ? ? ? ? 
OTOKO        'data scaling'   .       ? 7  ? ? ? ? 
SPOLLY       'data scaling'   .       ? 8  ? ? ? ? 
COLETTE      'data scaling'   .       ? 9  ? ? ? ? 
SCTPL        phasing          'V. 7'  ? 10 ? ? ? ? 
GNOM         phasing          .       ? 11 ? ? ? ? 
# 
_cell.entry_id           2ATY 
_cell.length_a           1 
_cell.length_b           1 
_cell.length_c           1 
_cell.angle_alpha        90.0 
_cell.angle_beta         90.0 
_cell.angle_gamma        90.0 
_cell.pdbx_unique_axis   ? 
_cell.Z_PDB              1 
_cell.length_a_esd       ? 
_cell.length_b_esd       ? 
_cell.length_c_esd       ? 
_cell.angle_alpha_esd    ? 
_cell.angle_beta_esd     ? 
_cell.angle_gamma_esd    ? 
# 
_symmetry.entry_id                         2ATY 
_symmetry.space_group_name_H-M             'P 1' 
_symmetry.pdbx_full_space_group_name_H-M   ? 
_symmetry.Int_Tables_number                1 
_symmetry.cell_setting                     ? 
_symmetry.space_group_name_Hall            ? 
# 
_exptl.entry_id          2ATY 
_exptl.method            'SOLUTION SCATTERING' 
_exptl.crystals_number   ? 
# 
_exptl_crystal.id                    1 
_exptl_crystal.density_meas          ? 
_exptl_crystal.density_Matthews      ? 
_exptl_crystal.density_percent_sol   ? 
_exptl_crystal.description           ? 
_exptl_crystal.F_000                 ? 
_exptl_crystal.preparation           ? 
# 
loop_
_diffrn.id 
_diffrn.ambient_temp 
_diffrn.ambient_temp_details 
_diffrn.crystal_id 
1 278 ? 1 
2 278 ? 1 
3 278 ? 1 
# 
loop_
_diffrn_detector.diffrn_id 
_diffrn_detector.detector 
_diffrn_detector.type 
_diffrn_detector.pdbx_collection_date 
_diffrn_detector.details 
1 'QUADRANT DETECTOR' 500-CHANNEL   1999-04-01 ? 
2 'AREA DETECTOR'     '3_He CERCA'  1999-06-01 ? 
3 'AREA DETECTOR'     '3-He ORDELA' 2000-02-01 ? 
# 
loop_
_diffrn_radiation.diffrn_id 
_diffrn_radiation.wavelength_id 
_diffrn_radiation.pdbx_monochromatic_or_laue_m_l 
_diffrn_radiation.monochromator 
_diffrn_radiation.pdbx_diffrn_protocol 
_diffrn_radiation.pdbx_scattering_type 
1 1 M MIRROR           'SINGLE WAVELENGTH' x-ray   
2 1 M 'ROTATING DRUM'  'SINGLE WAVELENGTH' x-ray   
3 1 L 'TIME OF FLIGHT' LAUE                neutron 
# 
loop_
_diffrn_radiation_wavelength.id 
_diffrn_radiation_wavelength.wavelength 
_diffrn_radiation_wavelength.wt 
1 1.54 1.0 
2 10.0 1.0 
3 2.0  1.0 
# 
loop_
_diffrn_source.diffrn_id 
_diffrn_source.source 
_diffrn_source.type 
_diffrn_source.pdbx_synchrotron_site 
_diffrn_source.pdbx_synchrotron_beamline 
_diffrn_source.pdbx_wavelength 
_diffrn_source.pdbx_wavelength_list 
1 SYNCHROTRON         'SRS BEAMLINE 2.1'    SRS 2.1 ? 1.54     
2 'NUCLEAR REACTOR'   'ILL BEAMLINE D11'    ?   ?   ? 10.0     
3 'SPALLATION SOURCE' 'ISIS INSTRUMENT LOQ' ?   ?   ? 2.0-10.0 
# 
_refine_hist.pdbx_refine_id                   'SOLUTION SCATTERING' 
_refine_hist.cycle_id                         LAST 
_refine_hist.pdbx_number_atoms_protein        752 
_refine_hist.pdbx_number_atoms_nucleic_acid   0 
_refine_hist.pdbx_number_atoms_ligand         0 
_refine_hist.number_atoms_solvent             0 
_refine_hist.number_atoms_total               752 
_refine_hist.d_res_high                       . 
_refine_hist.d_res_low                        . 
# 
_struct.entry_id                  2ATY 
_struct.title                     'Complement receptor chimaeric conjugate CR2-Ig' 
_struct.pdbx_model_details        ? 
_struct.pdbx_CASP_flag            ? 
_struct.pdbx_model_type_details   ? 
# 
_struct_keywords.entry_id        2ATY 
_struct_keywords.pdbx_keywords   'IMMUNE SYSTEM' 
_struct_keywords.text            'Immunoglobulin fold, antibody, complement, IMMUNE SYSTEM' 
# 
loop_
_struct_asym.id 
_struct_asym.pdbx_blank_PDB_chainid_flag 
_struct_asym.pdbx_modified 
_struct_asym.entity_id 
_struct_asym.details 
A N N 1 ? 
B N N 1 ? 
# 
loop_
_struct_ref.id 
_struct_ref.db_name 
_struct_ref.db_code 
_struct_ref.pdbx_db_accession 
_struct_ref.pdbx_db_isoform 
_struct_ref.entity_id 
_struct_ref.pdbx_seq_one_letter_code 
_struct_ref.pdbx_align_begin 
1 UNP CR2_HUMAN   P20023 ? 1 
;ISCGSPPPILNGRISYYSTPIAVGTVIRYSCSGTFRLIGEKSLLCITKDKVDGTWDKPAPKCEYFNKYSSCPEPIVPGGY
KIRGSTPYRHGDSVTFACKTNFSMNGNKSVWCQANNMWGPTRLPTCVSVFPLE
;
21 
2 UNP IGHG1_MOUSE P01868 ? 1 
;VPRDCGCKPCICTVPEVSSVFIFPPKPKDVLTITLTPKVTCVVVDISKDDPEVQFSWFVDDVEVHTAQTQPREEQFNSTF
RSVSELPIMHQDWLNGKEFKCRVNSAAFPAPIEKTISKTKGRPKAPQVYTIPPPKEQMAKDKVSLTCMITDFFPEDITVE
WQWNGQPAENYKNTQPIMNTNGSYFVYSKLNVQKSNWEAGNTFTCSVLHEGLHNHHTEKSLSHSPGK
;
98 
# 
loop_
_struct_ref_seq.align_id 
_struct_ref_seq.ref_id 
_struct_ref_seq.pdbx_PDB_id_code 
_struct_ref_seq.pdbx_strand_id 
_struct_ref_seq.seq_align_beg 
_struct_ref_seq.pdbx_seq_align_beg_ins_code 
_struct_ref_seq.seq_align_end 
_struct_ref_seq.pdbx_seq_align_end_ins_code 
_struct_ref_seq.pdbx_db_accession 
_struct_ref_seq.db_align_beg 
_struct_ref_seq.pdbx_db_align_beg_ins_code 
_struct_ref_seq.db_align_end 
_struct_ref_seq.pdbx_db_align_end_ins_code 
_struct_ref_seq.pdbx_auth_seq_align_beg 
_struct_ref_seq.pdbx_auth_seq_align_end 
1 1 2ATY A 2   ? 134 ? P20023 21 ? 153 ? 2   134 
2 2 2ATY A 150 ? 376 ? P01868 98 ? 324 ? 150 376 
3 1 2ATY B 2   ? 134 ? P20023 21 ? 153 ? 2   134 
4 2 2ATY B 150 ? 376 ? P01868 98 ? 324 ? 150 376 
# 
loop_
_struct_ref_seq_dif.align_id 
_struct_ref_seq_dif.pdbx_pdb_id_code 
_struct_ref_seq_dif.mon_id 
_struct_ref_seq_dif.pdbx_pdb_strand_id 
_struct_ref_seq_dif.seq_num 
_struct_ref_seq_dif.pdbx_pdb_ins_code 
_struct_ref_seq_dif.pdbx_seq_db_name 
_struct_ref_seq_dif.pdbx_seq_db_accession_code 
_struct_ref_seq_dif.db_mon_id 
_struct_ref_seq_dif.pdbx_seq_db_seq_num 
_struct_ref_seq_dif.details 
_struct_ref_seq_dif.pdbx_auth_seq_num 
_struct_ref_seq_dif.pdbx_ordinal 
1 2ATY ASP A 1   ? UNP P20023 ?   ?   'expression tag' 1   1  
1 2ATY GLY A 135 ? UNP P20023 ?   ?   linker           135 2  
1 2ATY SER A 136 ? UNP P20023 ?   ?   linker           136 3  
1 2ATY ILE A 137 ? UNP P20023 ?   ?   linker           137 4  
1 2ATY GLU A 138 ? UNP P20023 ?   ?   linker           138 5  
1 2ATY GLY A 139 ? UNP P20023 ?   ?   linker           139 6  
1 2ATY ARG A 140 ? UNP P20023 ?   ?   linker           140 7  
1 2ATY GLY A 141 ? UNP P20023 ?   ?   linker           141 8  
1 2ATY GLY A 142 ? UNP P20023 ?   ?   linker           142 9  
1 2ATY SER A 143 ? UNP P20023 ?   ?   linker           143 10 
1 2ATY GLU A 144 ? UNP P20023 ?   ?   linker           144 11 
1 2ATY LEU A 145 ? UNP P20023 ?   ?   linker           145 12 
1 2ATY ALA A 146 ? UNP P20023 ?   ?   linker           146 13 
1 2ATY ASP A 147 ? UNP P20023 ?   ?   linker           147 14 
1 2ATY PRO A 148 ? UNP P20023 ?   ?   linker           148 15 
1 2ATY GLU A 149 ? UNP P20023 ?   ?   linker           149 16 
2 2ATY LEU A 277 ? UNP P01868 VAL 225 conflict         277 17 
2 2ATY GLU A 331 ? UNP P01868 GLY 279 conflict         331 18 
3 2ATY ASP B 1   ? UNP P20023 ?   ?   'expression tag' 1   19 
3 2ATY GLY B 135 ? UNP P20023 ?   ?   linker           135 20 
3 2ATY SER B 136 ? UNP P20023 ?   ?   linker           136 21 
3 2ATY ILE B 137 ? UNP P20023 ?   ?   linker           137 22 
3 2ATY GLU B 138 ? UNP P20023 ?   ?   linker           138 23 
3 2ATY GLY B 139 ? UNP P20023 ?   ?   linker           139 24 
3 2ATY ARG B 140 ? UNP P20023 ?   ?   linker           140 25 
3 2ATY GLY B 141 ? UNP P20023 ?   ?   linker           141 26 
3 2ATY GLY B 142 ? UNP P20023 ?   ?   linker           142 27 
3 2ATY SER B 143 ? UNP P20023 ?   ?   linker           143 28 
3 2ATY GLU B 144 ? UNP P20023 ?   ?   linker           144 29 
3 2ATY LEU B 145 ? UNP P20023 ?   ?   linker           145 30 
3 2ATY ALA B 146 ? UNP P20023 ?   ?   linker           146 31 
3 2ATY ASP B 147 ? UNP P20023 ?   ?   linker           147 32 
3 2ATY PRO B 148 ? UNP P20023 ?   ?   linker           148 33 
3 2ATY GLU B 149 ? UNP P20023 ?   ?   linker           149 34 
4 2ATY LEU B 277 ? UNP P01868 VAL 225 conflict         277 35 
4 2ATY GLU B 331 ? UNP P01868 GLY 279 conflict         331 36 
# 
_pdbx_struct_assembly.id                   1 
_pdbx_struct_assembly.details              author_defined_assembly 
_pdbx_struct_assembly.method_details       ? 
_pdbx_struct_assembly.oligomeric_details   dimeric 
_pdbx_struct_assembly.oligomeric_count     2 
# 
_pdbx_struct_assembly_gen.assembly_id       1 
_pdbx_struct_assembly_gen.oper_expression   1 
_pdbx_struct_assembly_gen.asym_id_list      A,B 
# 
_pdbx_struct_oper_list.id                   1 
_pdbx_struct_oper_list.type                 'identity operation' 
_pdbx_struct_oper_list.name                 1_555 
_pdbx_struct_oper_list.symmetry_operation   x,y,z 
_pdbx_struct_oper_list.matrix[1][1]         1.0000000000 
_pdbx_struct_oper_list.matrix[1][2]         0.0000000000 
_pdbx_struct_oper_list.matrix[1][3]         0.0000000000 
_pdbx_struct_oper_list.vector[1]            0.0000000000 
_pdbx_struct_oper_list.matrix[2][1]         0.0000000000 
_pdbx_struct_oper_list.matrix[2][2]         1.0000000000 
_pdbx_struct_oper_list.matrix[2][3]         0.0000000000 
_pdbx_struct_oper_list.vector[2]            0.0000000000 
_pdbx_struct_oper_list.matrix[3][1]         0.0000000000 
_pdbx_struct_oper_list.matrix[3][2]         0.0000000000 
_pdbx_struct_oper_list.matrix[3][3]         1.0000000000 
_pdbx_struct_oper_list.vector[3]            0.0000000000 
# 
loop_
_chem_comp_atom.comp_id 
_chem_comp_atom.atom_id 
_chem_comp_atom.type_symbol 
_chem_comp_atom.pdbx_aromatic_flag 
_chem_comp_atom.pdbx_stereo_config 
_chem_comp_atom.pdbx_ordinal 
ALA N    N N N 1   
ALA CA   C N S 2   
ALA C    C N N 3   
ALA O    O N N 4   
ALA CB   C N N 5   
ALA OXT  O N N 6   
ALA H    H N N 7   
ALA H2   H N N 8   
ALA HA   H N N 9   
ALA HB1  H N N 10  
ALA HB2  H N N 11  
ALA HB3  H N N 12  
ALA HXT  H N N 13  
ARG N    N N N 14  
ARG CA   C N S 15  
ARG C    C N N 16  
ARG O    O N N 17  
ARG CB   C N N 18  
ARG CG   C N N 19  
ARG CD   C N N 20  
ARG NE   N N N 21  
ARG CZ   C N N 22  
ARG NH1  N N N 23  
ARG NH2  N N N 24  
ARG OXT  O N N 25  
ARG H    H N N 26  
ARG H2   H N N 27  
ARG HA   H N N 28  
ARG HB2  H N N 29  
ARG HB3  H N N 30  
ARG HG2  H N N 31  
ARG HG3  H N N 32  
ARG HD2  H N N 33  
ARG HD3  H N N 34  
ARG HE   H N N 35  
ARG HH11 H N N 36  
ARG HH12 H N N 37  
ARG HH21 H N N 38  
ARG HH22 H N N 39  
ARG HXT  H N N 40  
ASN N    N N N 41  
ASN CA   C N S 42  
ASN C    C N N 43  
ASN O    O N N 44  
ASN CB   C N N 45  
ASN CG   C N N 46  
ASN OD1  O N N 47  
ASN ND2  N N N 48  
ASN OXT  O N N 49  
ASN H    H N N 50  
ASN H2   H N N 51  
ASN HA   H N N 52  
ASN HB2  H N N 53  
ASN HB3  H N N 54  
ASN HD21 H N N 55  
ASN HD22 H N N 56  
ASN HXT  H N N 57  
ASP N    N N N 58  
ASP CA   C N S 59  
ASP C    C N N 60  
ASP O    O N N 61  
ASP CB   C N N 62  
ASP CG   C N N 63  
ASP OD1  O N N 64  
ASP OD2  O N N 65  
ASP OXT  O N N 66  
ASP H    H N N 67  
ASP H2   H N N 68  
ASP HA   H N N 69  
ASP HB2  H N N 70  
ASP HB3  H N N 71  
ASP HD2  H N N 72  
ASP HXT  H N N 73  
CYS N    N N N 74  
CYS CA   C N R 75  
CYS C    C N N 76  
CYS O    O N N 77  
CYS CB   C N N 78  
CYS SG   S N N 79  
CYS OXT  O N N 80  
CYS H    H N N 81  
CYS H2   H N N 82  
CYS HA   H N N 83  
CYS HB2  H N N 84  
CYS HB3  H N N 85  
CYS HG   H N N 86  
CYS HXT  H N N 87  
GLN N    N N N 88  
GLN CA   C N S 89  
GLN C    C N N 90  
GLN O    O N N 91  
GLN CB   C N N 92  
GLN CG   C N N 93  
GLN CD   C N N 94  
GLN OE1  O N N 95  
GLN NE2  N N N 96  
GLN OXT  O N N 97  
GLN H    H N N 98  
GLN H2   H N N 99  
GLN HA   H N N 100 
GLN HB2  H N N 101 
GLN HB3  H N N 102 
GLN HG2  H N N 103 
GLN HG3  H N N 104 
GLN HE21 H N N 105 
GLN HE22 H N N 106 
GLN HXT  H N N 107 
GLU N    N N N 108 
GLU CA   C N S 109 
GLU C    C N N 110 
GLU O    O N N 111 
GLU CB   C N N 112 
GLU CG   C N N 113 
GLU CD   C N N 114 
GLU OE1  O N N 115 
GLU OE2  O N N 116 
GLU OXT  O N N 117 
GLU H    H N N 118 
GLU H2   H N N 119 
GLU HA   H N N 120 
GLU HB2  H N N 121 
GLU HB3  H N N 122 
GLU HG2  H N N 123 
GLU HG3  H N N 124 
GLU HE2  H N N 125 
GLU HXT  H N N 126 
GLY N    N N N 127 
GLY CA   C N N 128 
GLY C    C N N 129 
GLY O    O N N 130 
GLY OXT  O N N 131 
GLY H    H N N 132 
GLY H2   H N N 133 
GLY HA2  H N N 134 
GLY HA3  H N N 135 
GLY HXT  H N N 136 
HIS N    N N N 137 
HIS CA   C N S 138 
HIS C    C N N 139 
HIS O    O N N 140 
HIS CB   C N N 141 
HIS CG   C Y N 142 
HIS ND1  N Y N 143 
HIS CD2  C Y N 144 
HIS CE1  C Y N 145 
HIS NE2  N Y N 146 
HIS OXT  O N N 147 
HIS H    H N N 148 
HIS H2   H N N 149 
HIS HA   H N N 150 
HIS HB2  H N N 151 
HIS HB3  H N N 152 
HIS HD1  H N N 153 
HIS HD2  H N N 154 
HIS HE1  H N N 155 
HIS HE2  H N N 156 
HIS HXT  H N N 157 
ILE N    N N N 158 
ILE CA   C N S 159 
ILE C    C N N 160 
ILE O    O N N 161 
ILE CB   C N S 162 
ILE CG1  C N N 163 
ILE CG2  C N N 164 
ILE CD1  C N N 165 
ILE OXT  O N N 166 
ILE H    H N N 167 
ILE H2   H N N 168 
ILE HA   H N N 169 
ILE HB   H N N 170 
ILE HG12 H N N 171 
ILE HG13 H N N 172 
ILE HG21 H N N 173 
ILE HG22 H N N 174 
ILE HG23 H N N 175 
ILE HD11 H N N 176 
ILE HD12 H N N 177 
ILE HD13 H N N 178 
ILE HXT  H N N 179 
LEU N    N N N 180 
LEU CA   C N S 181 
LEU C    C N N 182 
LEU O    O N N 183 
LEU CB   C N N 184 
LEU CG   C N N 185 
LEU CD1  C N N 186 
LEU CD2  C N N 187 
LEU OXT  O N N 188 
LEU H    H N N 189 
LEU H2   H N N 190 
LEU HA   H N N 191 
LEU HB2  H N N 192 
LEU HB3  H N N 193 
LEU HG   H N N 194 
LEU HD11 H N N 195 
LEU HD12 H N N 196 
LEU HD13 H N N 197 
LEU HD21 H N N 198 
LEU HD22 H N N 199 
LEU HD23 H N N 200 
LEU HXT  H N N 201 
LYS N    N N N 202 
LYS CA   C N S 203 
LYS C    C N N 204 
LYS O    O N N 205 
LYS CB   C N N 206 
LYS CG   C N N 207 
LYS CD   C N N 208 
LYS CE   C N N 209 
LYS NZ   N N N 210 
LYS OXT  O N N 211 
LYS H    H N N 212 
LYS H2   H N N 213 
LYS HA   H N N 214 
LYS HB2  H N N 215 
LYS HB3  H N N 216 
LYS HG2  H N N 217 
LYS HG3  H N N 218 
LYS HD2  H N N 219 
LYS HD3  H N N 220 
LYS HE2  H N N 221 
LYS HE3  H N N 222 
LYS HZ1  H N N 223 
LYS HZ2  H N N 224 
LYS HZ3  H N N 225 
LYS HXT  H N N 226 
MET N    N N N 227 
MET CA   C N S 228 
MET C    C N N 229 
MET O    O N N 230 
MET CB   C N N 231 
MET CG   C N N 232 
MET SD   S N N 233 
MET CE   C N N 234 
MET OXT  O N N 235 
MET H    H N N 236 
MET H2   H N N 237 
MET HA   H N N 238 
MET HB2  H N N 239 
MET HB3  H N N 240 
MET HG2  H N N 241 
MET HG3  H N N 242 
MET HE1  H N N 243 
MET HE2  H N N 244 
MET HE3  H N N 245 
MET HXT  H N N 246 
PHE N    N N N 247 
PHE CA   C N S 248 
PHE C    C N N 249 
PHE O    O N N 250 
PHE CB   C N N 251 
PHE CG   C Y N 252 
PHE CD1  C Y N 253 
PHE CD2  C Y N 254 
PHE CE1  C Y N 255 
PHE CE2  C Y N 256 
PHE CZ   C Y N 257 
PHE OXT  O N N 258 
PHE H    H N N 259 
PHE H2   H N N 260 
PHE HA   H N N 261 
PHE HB2  H N N 262 
PHE HB3  H N N 263 
PHE HD1  H N N 264 
PHE HD2  H N N 265 
PHE HE1  H N N 266 
PHE HE2  H N N 267 
PHE HZ   H N N 268 
PHE HXT  H N N 269 
PRO N    N N N 270 
PRO CA   C N S 271 
PRO C    C N N 272 
PRO O    O N N 273 
PRO CB   C N N 274 
PRO CG   C N N 275 
PRO CD   C N N 276 
PRO OXT  O N N 277 
PRO H    H N N 278 
PRO HA   H N N 279 
PRO HB2  H N N 280 
PRO HB3  H N N 281 
PRO HG2  H N N 282 
PRO HG3  H N N 283 
PRO HD2  H N N 284 
PRO HD3  H N N 285 
PRO HXT  H N N 286 
SER N    N N N 287 
SER CA   C N S 288 
SER C    C N N 289 
SER O    O N N 290 
SER CB   C N N 291 
SER OG   O N N 292 
SER OXT  O N N 293 
SER H    H N N 294 
SER H2   H N N 295 
SER HA   H N N 296 
SER HB2  H N N 297 
SER HB3  H N N 298 
SER HG   H N N 299 
SER HXT  H N N 300 
THR N    N N N 301 
THR CA   C N S 302 
THR C    C N N 303 
THR O    O N N 304 
THR CB   C N R 305 
THR OG1  O N N 306 
THR CG2  C N N 307 
THR OXT  O N N 308 
THR H    H N N 309 
THR H2   H N N 310 
THR HA   H N N 311 
THR HB   H N N 312 
THR HG1  H N N 313 
THR HG21 H N N 314 
THR HG22 H N N 315 
THR HG23 H N N 316 
THR HXT  H N N 317 
TRP N    N N N 318 
TRP CA   C N S 319 
TRP C    C N N 320 
TRP O    O N N 321 
TRP CB   C N N 322 
TRP CG   C Y N 323 
TRP CD1  C Y N 324 
TRP CD2  C Y N 325 
TRP NE1  N Y N 326 
TRP CE2  C Y N 327 
TRP CE3  C Y N 328 
TRP CZ2  C Y N 329 
TRP CZ3  C Y N 330 
TRP CH2  C Y N 331 
TRP OXT  O N N 332 
TRP H    H N N 333 
TRP H2   H N N 334 
TRP HA   H N N 335 
TRP HB2  H N N 336 
TRP HB3  H N N 337 
TRP HD1  H N N 338 
TRP HE1  H N N 339 
TRP HE3  H N N 340 
TRP HZ2  H N N 341 
TRP HZ3  H N N 342 
TRP HH2  H N N 343 
TRP HXT  H N N 344 
TYR N    N N N 345 
TYR CA   C N S 346 
TYR C    C N N 347 
TYR O    O N N 348 
TYR CB   C N N 349 
TYR CG   C Y N 350 
TYR CD1  C Y N 351 
TYR CD2  C Y N 352 
TYR CE1  C Y N 353 
TYR CE2  C Y N 354 
TYR CZ   C Y N 355 
TYR OH   O N N 356 
TYR OXT  O N N 357 
TYR H    H N N 358 
TYR H2   H N N 359 
TYR HA   H N N 360 
TYR HB2  H N N 361 
TYR HB3  H N N 362 
TYR HD1  H N N 363 
TYR HD2  H N N 364 
TYR HE1  H N N 365 
TYR HE2  H N N 366 
TYR HH   H N N 367 
TYR HXT  H N N 368 
VAL N    N N N 369 
VAL CA   C N S 370 
VAL C    C N N 371 
VAL O    O N N 372 
VAL CB   C N N 373 
VAL CG1  C N N 374 
VAL CG2  C N N 375 
VAL OXT  O N N 376 
VAL H    H N N 377 
VAL H2   H N N 378 
VAL HA   H N N 379 
VAL HB   H N N 380 
VAL HG11 H N N 381 
VAL HG12 H N N 382 
VAL HG13 H N N 383 
VAL HG21 H N N 384 
VAL HG22 H N N 385 
VAL HG23 H N N 386 
VAL HXT  H N N 387 
# 
loop_
_chem_comp_bond.comp_id 
_chem_comp_bond.atom_id_1 
_chem_comp_bond.atom_id_2 
_chem_comp_bond.value_order 
_chem_comp_bond.pdbx_aromatic_flag 
_chem_comp_bond.pdbx_stereo_config 
_chem_comp_bond.pdbx_ordinal 
ALA N   CA   sing N N 1   
ALA N   H    sing N N 2   
ALA N   H2   sing N N 3   
ALA CA  C    sing N N 4   
ALA CA  CB   sing N N 5   
ALA CA  HA   sing N N 6   
ALA C   O    doub N N 7   
ALA C   OXT  sing N N 8   
ALA CB  HB1  sing N N 9   
ALA CB  HB2  sing N N 10  
ALA CB  HB3  sing N N 11  
ALA OXT HXT  sing N N 12  
ARG N   CA   sing N N 13  
ARG N   H    sing N N 14  
ARG N   H2   sing N N 15  
ARG CA  C    sing N N 16  
ARG CA  CB   sing N N 17  
ARG CA  HA   sing N N 18  
ARG C   O    doub N N 19  
ARG C   OXT  sing N N 20  
ARG CB  CG   sing N N 21  
ARG CB  HB2  sing N N 22  
ARG CB  HB3  sing N N 23  
ARG CG  CD   sing N N 24  
ARG CG  HG2  sing N N 25  
ARG CG  HG3  sing N N 26  
ARG CD  NE   sing N N 27  
ARG CD  HD2  sing N N 28  
ARG CD  HD3  sing N N 29  
ARG NE  CZ   sing N N 30  
ARG NE  HE   sing N N 31  
ARG CZ  NH1  sing N N 32  
ARG CZ  NH2  doub N N 33  
ARG NH1 HH11 sing N N 34  
ARG NH1 HH12 sing N N 35  
ARG NH2 HH21 sing N N 36  
ARG NH2 HH22 sing N N 37  
ARG OXT HXT  sing N N 38  
ASN N   CA   sing N N 39  
ASN N   H    sing N N 40  
ASN N   H2   sing N N 41  
ASN CA  C    sing N N 42  
ASN CA  CB   sing N N 43  
ASN CA  HA   sing N N 44  
ASN C   O    doub N N 45  
ASN C   OXT  sing N N 46  
ASN CB  CG   sing N N 47  
ASN CB  HB2  sing N N 48  
ASN CB  HB3  sing N N 49  
ASN CG  OD1  doub N N 50  
ASN CG  ND2  sing N N 51  
ASN ND2 HD21 sing N N 52  
ASN ND2 HD22 sing N N 53  
ASN OXT HXT  sing N N 54  
ASP N   CA   sing N N 55  
ASP N   H    sing N N 56  
ASP N   H2   sing N N 57  
ASP CA  C    sing N N 58  
ASP CA  CB   sing N N 59  
ASP CA  HA   sing N N 60  
ASP C   O    doub N N 61  
ASP C   OXT  sing N N 62  
ASP CB  CG   sing N N 63  
ASP CB  HB2  sing N N 64  
ASP CB  HB3  sing N N 65  
ASP CG  OD1  doub N N 66  
ASP CG  OD2  sing N N 67  
ASP OD2 HD2  sing N N 68  
ASP OXT HXT  sing N N 69  
CYS N   CA   sing N N 70  
CYS N   H    sing N N 71  
CYS N   H2   sing N N 72  
CYS CA  C    sing N N 73  
CYS CA  CB   sing N N 74  
CYS CA  HA   sing N N 75  
CYS C   O    doub N N 76  
CYS C   OXT  sing N N 77  
CYS CB  SG   sing N N 78  
CYS CB  HB2  sing N N 79  
CYS CB  HB3  sing N N 80  
CYS SG  HG   sing N N 81  
CYS OXT HXT  sing N N 82  
GLN N   CA   sing N N 83  
GLN N   H    sing N N 84  
GLN N   H2   sing N N 85  
GLN CA  C    sing N N 86  
GLN CA  CB   sing N N 87  
GLN CA  HA   sing N N 88  
GLN C   O    doub N N 89  
GLN C   OXT  sing N N 90  
GLN CB  CG   sing N N 91  
GLN CB  HB2  sing N N 92  
GLN CB  HB3  sing N N 93  
GLN CG  CD   sing N N 94  
GLN CG  HG2  sing N N 95  
GLN CG  HG3  sing N N 96  
GLN CD  OE1  doub N N 97  
GLN CD  NE2  sing N N 98  
GLN NE2 HE21 sing N N 99  
GLN NE2 HE22 sing N N 100 
GLN OXT HXT  sing N N 101 
GLU N   CA   sing N N 102 
GLU N   H    sing N N 103 
GLU N   H2   sing N N 104 
GLU CA  C    sing N N 105 
GLU CA  CB   sing N N 106 
GLU CA  HA   sing N N 107 
GLU C   O    doub N N 108 
GLU C   OXT  sing N N 109 
GLU CB  CG   sing N N 110 
GLU CB  HB2  sing N N 111 
GLU CB  HB3  sing N N 112 
GLU CG  CD   sing N N 113 
GLU CG  HG2  sing N N 114 
GLU CG  HG3  sing N N 115 
GLU CD  OE1  doub N N 116 
GLU CD  OE2  sing N N 117 
GLU OE2 HE2  sing N N 118 
GLU OXT HXT  sing N N 119 
GLY N   CA   sing N N 120 
GLY N   H    sing N N 121 
GLY N   H2   sing N N 122 
GLY CA  C    sing N N 123 
GLY CA  HA2  sing N N 124 
GLY CA  HA3  sing N N 125 
GLY C   O    doub N N 126 
GLY C   OXT  sing N N 127 
GLY OXT HXT  sing N N 128 
HIS N   CA   sing N N 129 
HIS N   H    sing N N 130 
HIS N   H2   sing N N 131 
HIS CA  C    sing N N 132 
HIS CA  CB   sing N N 133 
HIS CA  HA   sing N N 134 
HIS C   O    doub N N 135 
HIS C   OXT  sing N N 136 
HIS CB  CG   sing N N 137 
HIS CB  HB2  sing N N 138 
HIS CB  HB3  sing N N 139 
HIS CG  ND1  sing Y N 140 
HIS CG  CD2  doub Y N 141 
HIS ND1 CE1  doub Y N 142 
HIS ND1 HD1  sing N N 143 
HIS CD2 NE2  sing Y N 144 
HIS CD2 HD2  sing N N 145 
HIS CE1 NE2  sing Y N 146 
HIS CE1 HE1  sing N N 147 
HIS NE2 HE2  sing N N 148 
HIS OXT HXT  sing N N 149 
ILE N   CA   sing N N 150 
ILE N   H    sing N N 151 
ILE N   H2   sing N N 152 
ILE CA  C    sing N N 153 
ILE CA  CB   sing N N 154 
ILE CA  HA   sing N N 155 
ILE C   O    doub N N 156 
ILE C   OXT  sing N N 157 
ILE CB  CG1  sing N N 158 
ILE CB  CG2  sing N N 159 
ILE CB  HB   sing N N 160 
ILE CG1 CD1  sing N N 161 
ILE CG1 HG12 sing N N 162 
ILE CG1 HG13 sing N N 163 
ILE CG2 HG21 sing N N 164 
ILE CG2 HG22 sing N N 165 
ILE CG2 HG23 sing N N 166 
ILE CD1 HD11 sing N N 167 
ILE CD1 HD12 sing N N 168 
ILE CD1 HD13 sing N N 169 
ILE OXT HXT  sing N N 170 
LEU N   CA   sing N N 171 
LEU N   H    sing N N 172 
LEU N   H2   sing N N 173 
LEU CA  C    sing N N 174 
LEU CA  CB   sing N N 175 
LEU CA  HA   sing N N 176 
LEU C   O    doub N N 177 
LEU C   OXT  sing N N 178 
LEU CB  CG   sing N N 179 
LEU CB  HB2  sing N N 180 
LEU CB  HB3  sing N N 181 
LEU CG  CD1  sing N N 182 
LEU CG  CD2  sing N N 183 
LEU CG  HG   sing N N 184 
LEU CD1 HD11 sing N N 185 
LEU CD1 HD12 sing N N 186 
LEU CD1 HD13 sing N N 187 
LEU CD2 HD21 sing N N 188 
LEU CD2 HD22 sing N N 189 
LEU CD2 HD23 sing N N 190 
LEU OXT HXT  sing N N 191 
LYS N   CA   sing N N 192 
LYS N   H    sing N N 193 
LYS N   H2   sing N N 194 
LYS CA  C    sing N N 195 
LYS CA  CB   sing N N 196 
LYS CA  HA   sing N N 197 
LYS C   O    doub N N 198 
LYS C   OXT  sing N N 199 
LYS CB  CG   sing N N 200 
LYS CB  HB2  sing N N 201 
LYS CB  HB3  sing N N 202 
LYS CG  CD   sing N N 203 
LYS CG  HG2  sing N N 204 
LYS CG  HG3  sing N N 205 
LYS CD  CE   sing N N 206 
LYS CD  HD2  sing N N 207 
LYS CD  HD3  sing N N 208 
LYS CE  NZ   sing N N 209 
LYS CE  HE2  sing N N 210 
LYS CE  HE3  sing N N 211 
LYS NZ  HZ1  sing N N 212 
LYS NZ  HZ2  sing N N 213 
LYS NZ  HZ3  sing N N 214 
LYS OXT HXT  sing N N 215 
MET N   CA   sing N N 216 
MET N   H    sing N N 217 
MET N   H2   sing N N 218 
MET CA  C    sing N N 219 
MET CA  CB   sing N N 220 
MET CA  HA   sing N N 221 
MET C   O    doub N N 222 
MET C   OXT  sing N N 223 
MET CB  CG   sing N N 224 
MET CB  HB2  sing N N 225 
MET CB  HB3  sing N N 226 
MET CG  SD   sing N N 227 
MET CG  HG2  sing N N 228 
MET CG  HG3  sing N N 229 
MET SD  CE   sing N N 230 
MET CE  HE1  sing N N 231 
MET CE  HE2  sing N N 232 
MET CE  HE3  sing N N 233 
MET OXT HXT  sing N N 234 
PHE N   CA   sing N N 235 
PHE N   H    sing N N 236 
PHE N   H2   sing N N 237 
PHE CA  C    sing N N 238 
PHE CA  CB   sing N N 239 
PHE CA  HA   sing N N 240 
PHE C   O    doub N N 241 
PHE C   OXT  sing N N 242 
PHE CB  CG   sing N N 243 
PHE CB  HB2  sing N N 244 
PHE CB  HB3  sing N N 245 
PHE CG  CD1  doub Y N 246 
PHE CG  CD2  sing Y N 247 
PHE CD1 CE1  sing Y N 248 
PHE CD1 HD1  sing N N 249 
PHE CD2 CE2  doub Y N 250 
PHE CD2 HD2  sing N N 251 
PHE CE1 CZ   doub Y N 252 
PHE CE1 HE1  sing N N 253 
PHE CE2 CZ   sing Y N 254 
PHE CE2 HE2  sing N N 255 
PHE CZ  HZ   sing N N 256 
PHE OXT HXT  sing N N 257 
PRO N   CA   sing N N 258 
PRO N   CD   sing N N 259 
PRO N   H    sing N N 260 
PRO CA  C    sing N N 261 
PRO CA  CB   sing N N 262 
PRO CA  HA   sing N N 263 
PRO C   O    doub N N 264 
PRO C   OXT  sing N N 265 
PRO CB  CG   sing N N 266 
PRO CB  HB2  sing N N 267 
PRO CB  HB3  sing N N 268 
PRO CG  CD   sing N N 269 
PRO CG  HG2  sing N N 270 
PRO CG  HG3  sing N N 271 
PRO CD  HD2  sing N N 272 
PRO CD  HD3  sing N N 273 
PRO OXT HXT  sing N N 274 
SER N   CA   sing N N 275 
SER N   H    sing N N 276 
SER N   H2   sing N N 277 
SER CA  C    sing N N 278 
SER CA  CB   sing N N 279 
SER CA  HA   sing N N 280 
SER C   O    doub N N 281 
SER C   OXT  sing N N 282 
SER CB  OG   sing N N 283 
SER CB  HB2  sing N N 284 
SER CB  HB3  sing N N 285 
SER OG  HG   sing N N 286 
SER OXT HXT  sing N N 287 
THR N   CA   sing N N 288 
THR N   H    sing N N 289 
THR N   H2   sing N N 290 
THR CA  C    sing N N 291 
THR CA  CB   sing N N 292 
THR CA  HA   sing N N 293 
THR C   O    doub N N 294 
THR C   OXT  sing N N 295 
THR CB  OG1  sing N N 296 
THR CB  CG2  sing N N 297 
THR CB  HB   sing N N 298 
THR OG1 HG1  sing N N 299 
THR CG2 HG21 sing N N 300 
THR CG2 HG22 sing N N 301 
THR CG2 HG23 sing N N 302 
THR OXT HXT  sing N N 303 
TRP N   CA   sing N N 304 
TRP N   H    sing N N 305 
TRP N   H2   sing N N 306 
TRP CA  C    sing N N 307 
TRP CA  CB   sing N N 308 
TRP CA  HA   sing N N 309 
TRP C   O    doub N N 310 
TRP C   OXT  sing N N 311 
TRP CB  CG   sing N N 312 
TRP CB  HB2  sing N N 313 
TRP CB  HB3  sing N N 314 
TRP CG  CD1  doub Y N 315 
TRP CG  CD2  sing Y N 316 
TRP CD1 NE1  sing Y N 317 
TRP CD1 HD1  sing N N 318 
TRP CD2 CE2  doub Y N 319 
TRP CD2 CE3  sing Y N 320 
TRP NE1 CE2  sing Y N 321 
TRP NE1 HE1  sing N N 322 
TRP CE2 CZ2  sing Y N 323 
TRP CE3 CZ3  doub Y N 324 
TRP CE3 HE3  sing N N 325 
TRP CZ2 CH2  doub Y N 326 
TRP CZ2 HZ2  sing N N 327 
TRP CZ3 CH2  sing Y N 328 
TRP CZ3 HZ3  sing N N 329 
TRP CH2 HH2  sing N N 330 
TRP OXT HXT  sing N N 331 
TYR N   CA   sing N N 332 
TYR N   H    sing N N 333 
TYR N   H2   sing N N 334 
TYR CA  C    sing N N 335 
TYR CA  CB   sing N N 336 
TYR CA  HA   sing N N 337 
TYR C   O    doub N N 338 
TYR C   OXT  sing N N 339 
TYR CB  CG   sing N N 340 
TYR CB  HB2  sing N N 341 
TYR CB  HB3  sing N N 342 
TYR CG  CD1  doub Y N 343 
TYR CG  CD2  sing Y N 344 
TYR CD1 CE1  sing Y N 345 
TYR CD1 HD1  sing N N 346 
TYR CD2 CE2  doub Y N 347 
TYR CD2 HD2  sing N N 348 
TYR CE1 CZ   doub Y N 349 
TYR CE1 HE1  sing N N 350 
TYR CE2 CZ   sing Y N 351 
TYR CE2 HE2  sing N N 352 
TYR CZ  OH   sing N N 353 
TYR OH  HH   sing N N 354 
TYR OXT HXT  sing N N 355 
VAL N   CA   sing N N 356 
VAL N   H    sing N N 357 
VAL N   H2   sing N N 358 
VAL CA  C    sing N N 359 
VAL CA  CB   sing N N 360 
VAL CA  HA   sing N N 361 
VAL C   O    doub N N 362 
VAL C   OXT  sing N N 363 
VAL CB  CG1  sing N N 364 
VAL CB  CG2  sing N N 365 
VAL CB  HB   sing N N 366 
VAL CG1 HG11 sing N N 367 
VAL CG1 HG12 sing N N 368 
VAL CG1 HG13 sing N N 369 
VAL CG2 HG21 sing N N 370 
VAL CG2 HG22 sing N N 371 
VAL CG2 HG23 sing N N 372 
VAL OXT HXT  sing N N 373 
# 
loop_
_pdbx_coordinate_model.asym_id 
_pdbx_coordinate_model.type 
A 'CA ATOMS ONLY' 
B 'CA ATOMS ONLY' 
# 
loop_
_pdbx_soln_scatter.id 
_pdbx_soln_scatter.type 
_pdbx_soln_scatter.source_type 
_pdbx_soln_scatter.source_class 
_pdbx_soln_scatter.source_beamline 
_pdbx_soln_scatter.source_beamline_instrument 
_pdbx_soln_scatter.detector_type 
_pdbx_soln_scatter.detector_specific 
_pdbx_soln_scatter.temperature 
_pdbx_soln_scatter.sample_pH 
_pdbx_soln_scatter.num_time_frames 
_pdbx_soln_scatter.concentration_range 
_pdbx_soln_scatter.buffer_name 
_pdbx_soln_scatter.data_reduction_software_list 
_pdbx_soln_scatter.data_analysis_software_list 
_pdbx_soln_scatter.mean_guiner_radius 
_pdbx_soln_scatter.mean_guiner_radius_esd 
_pdbx_soln_scatter.min_mean_cross_sectional_radii_gyration 
_pdbx_soln_scatter.min_mean_cross_sectional_radii_gyration_esd 
_pdbx_soln_scatter.max_mean_cross_sectional_radii_gyration 
_pdbx_soln_scatter.max_mean_cross_sectional_radii_gyration_esd 
_pdbx_soln_scatter.protein_length 
_pdbx_soln_scatter.entry_id 
1 x-ray   'SRS DARESBURY'   Y 2.1 ? 'QUADRANT DETECTOR'    ? 288 7.4 1 0.2-0.4 '10 MM NA PHOSPHATE 137 MM NACL'           OTOKO   
'SCTPL7, GNOM' 5.39 0.14 2.18 0.07 ? ? 1 2ATY 
2 neutron 'ISIS RUTHERFORD' Y LOQ ? 'HE-3 ORDELA DETECTOR' ? 288 7.4 1 0.2-0.4 '10 MM NA PHOSPHATE 137 MM NACL 99.9% D2O' COLETTE 
'SCTPL7, GNOM' 5.29 0.01 1.93 0.12 ? ? 1 2ATY 
# 
_pdbx_soln_scatter_model.scatter_id                     1 
_pdbx_soln_scatter_model.id                             1 
_pdbx_soln_scatter_model.method                         ? 
_pdbx_soln_scatter_model.software_list                  'INSIGHT II, SCTPL7, GNOM' 
_pdbx_soln_scatter_model.software_author_list           ? 
_pdbx_soln_scatter_model.entry_fitting_list             ? 
_pdbx_soln_scatter_model.details                        ? 
_pdbx_soln_scatter_model.num_conformers_calculated      ? 
_pdbx_soln_scatter_model.num_conformers_submitted       1 
_pdbx_soln_scatter_model.conformer_selection_criteria   ? 
_pdbx_soln_scatter_model.representative_conformer       ? 
# 
_atom_sites.entry_id                    2ATY 
_atom_sites.fract_transf_matrix[1][1]   1.000000 
_atom_sites.fract_transf_matrix[1][2]   0.000000 
_atom_sites.fract_transf_matrix[1][3]   0.000000 
_atom_sites.fract_transf_matrix[2][1]   0.000000 
_atom_sites.fract_transf_matrix[2][2]   1.000000 
_atom_sites.fract_transf_matrix[2][3]   0.000000 
_atom_sites.fract_transf_matrix[3][1]   0.000000 
_atom_sites.fract_transf_matrix[3][2]   0.000000 
_atom_sites.fract_transf_matrix[3][3]   1.000000 
_atom_sites.fract_transf_vector[1]      0.00000 
_atom_sites.fract_transf_vector[2]      0.00000 
_atom_sites.fract_transf_vector[3]      0.00000 
# 
_atom_type.symbol   C 
# 
loop_
_atom_site.group_PDB 
_atom_site.id 
_atom_site.type_symbol 
_atom_site.label_atom_id 
_atom_site.label_alt_id 
_atom_site.label_comp_id 
_atom_site.label_asym_id 
_atom_site.label_entity_id 
_atom_site.label_seq_id 
_atom_site.pdbx_PDB_ins_code 
_atom_site.Cartn_x 
_atom_site.Cartn_y 
_atom_site.Cartn_z 
_atom_site.occupancy 
_atom_site.B_iso_or_equiv 
_atom_site.pdbx_formal_charge 
_atom_site.auth_seq_id 
_atom_site.auth_comp_id 
_atom_site.auth_asym_id 
_atom_site.auth_atom_id 
_atom_site.pdbx_PDB_model_num 
ATOM 1   C CA . ASP A 1 1   ? 80.023  24.795  -8.954  1.00 0.00  ? 1   ASP A CA 1 
ATOM 2   C CA . ILE A 1 2   ? 80.678  25.670  -5.314  1.00 37.01 ? 2   ILE A CA 1 
ATOM 3   C CA . SER A 1 3   ? 79.817  22.921  -2.803  1.00 26.19 ? 3   SER A CA 1 
ATOM 4   C CA . CYS A 1 4   ? 78.567  22.348  0.745   1.00 27.29 ? 4   CYS A CA 1 
ATOM 5   C CA . GLY A 1 5   ? 80.431  20.170  3.181   1.00 23.57 ? 5   GLY A CA 1 
ATOM 6   C CA . SER A 1 6   ? 79.106  17.015  4.816   1.00 22.23 ? 6   SER A CA 1 
ATOM 7   C CA . PRO A 1 7   ? 75.555  17.549  6.156   1.00 25.01 ? 7   PRO A CA 1 
ATOM 8   C CA . PRO A 1 8   ? 75.108  17.821  9.907   1.00 25.28 ? 8   PRO A CA 1 
ATOM 9   C CA . PRO A 1 9   ? 74.470  14.391  11.511  1.00 32.22 ? 9   PRO A CA 1 
ATOM 10  C CA . ILE A 1 10  ? 71.261  13.499  13.276  1.00 34.36 ? 10  ILE A CA 1 
ATOM 11  C CA . LEU A 1 11  ? 71.185  11.275  16.323  1.00 34.63 ? 11  LEU A CA 1 
ATOM 12  C CA . ASN A 1 12  ? 68.567  8.514   16.130  1.00 30.29 ? 12  ASN A CA 1 
ATOM 13  C CA . GLY A 1 13  ? 67.634  9.586   12.648  1.00 28.72 ? 13  GLY A CA 1 
ATOM 14  C CA . ARG A 1 14  ? 68.516  9.081   8.999   1.00 31.15 ? 14  ARG A CA 1 
ATOM 15  C CA . ILE A 1 15  ? 69.610  11.324  6.174   1.00 26.75 ? 15  ILE A CA 1 
ATOM 16  C CA . SER A 1 16  ? 68.622  10.606  2.584   1.00 32.61 ? 16  SER A CA 1 
ATOM 17  C CA . TYR A 1 17  ? 71.267  9.289   0.157   1.00 46.29 ? 17  TYR A CA 1 
ATOM 18  C CA . TYR A 1 18  ? 73.341  12.018  -1.513  1.00 44.93 ? 18  TYR A CA 1 
ATOM 19  C CA . SER A 1 19  ? 76.099  12.139  -4.148  1.00 49.17 ? 19  SER A CA 1 
ATOM 20  C CA . THR A 1 20  ? 79.519  13.756  -3.793  1.00 49.40 ? 20  THR A CA 1 
ATOM 21  C CA . PRO A 1 21  ? 80.537  16.505  -4.165  1.00 43.20 ? 21  PRO A CA 1 
ATOM 22  C CA . ILE A 1 22  ? 77.527  18.268  -2.615  1.00 37.29 ? 22  ILE A CA 1 
ATOM 23  C CA . ALA A 1 23  ? 76.503  20.872  -5.233  1.00 30.19 ? 23  ALA A CA 1 
ATOM 24  C CA . VAL A 1 24  ? 74.600  24.109  -4.624  1.00 26.92 ? 24  VAL A CA 1 
ATOM 25  C CA . GLY A 1 25  ? 70.934  23.196  -4.907  1.00 31.93 ? 25  GLY A CA 1 
ATOM 26  C CA . THR A 1 26  ? 71.303  19.727  -3.422  1.00 29.37 ? 26  THR A CA 1 
ATOM 27  C CA . VAL A 1 27  ? 68.345  18.840  -1.123  1.00 29.71 ? 27  VAL A CA 1 
ATOM 28  C CA . ILE A 1 28  ? 68.899  16.499  1.846   1.00 34.25 ? 28  ILE A CA 1 
ATOM 29  C CA . ARG A 1 29  ? 66.029  14.958  3.837   1.00 32.43 ? 29  ARG A CA 1 
ATOM 30  C CA . TYR A 1 30  ? 66.140  13.989  7.523   1.00 31.30 ? 30  TYR A CA 1 
ATOM 31  C CA . SER A 1 31  ? 63.763  11.555  9.250   1.00 24.95 ? 31  SER A CA 1 
ATOM 32  C CA . CYS A 1 32  ? 63.372  9.748   12.592  1.00 32.41 ? 32  CYS A CA 1 
ATOM 33  C CA . SER A 1 33  ? 62.569  6.152   13.649  1.00 56.15 ? 33  SER A CA 1 
ATOM 34  C CA . GLY A 1 34  ? 59.033  5.287   14.626  1.00 47.70 ? 34  GLY A CA 1 
ATOM 35  C CA . THR A 1 35  ? 59.352  5.945   18.323  1.00 40.76 ? 35  THR A CA 1 
ATOM 36  C CA . PHE A 1 36  ? 61.024  9.290   17.781  1.00 31.01 ? 36  PHE A CA 1 
ATOM 37  C CA . ARG A 1 37  ? 59.717  12.617  16.600  1.00 29.69 ? 37  ARG A CA 1 
ATOM 38  C CA . LEU A 1 38  ? 61.417  15.021  14.194  1.00 30.62 ? 38  LEU A CA 1 
ATOM 39  C CA . ILE A 1 39  ? 61.769  18.567  15.553  1.00 27.37 ? 39  ILE A CA 1 
ATOM 40  C CA . GLY A 1 40  ? 62.485  21.213  12.898  1.00 23.62 ? 40  GLY A CA 1 
ATOM 41  C CA . GLU A 1 41  ? 62.341  21.397  9.091   1.00 29.50 ? 41  GLU A CA 1 
ATOM 42  C CA . LYS A 1 42  ? 63.160  18.006  7.513   1.00 32.03 ? 42  LYS A CA 1 
ATOM 43  C CA . SER A 1 43  ? 64.877  19.226  4.313   1.00 33.61 ? 43  SER A CA 1 
ATOM 44  C CA . LEU A 1 44  ? 68.093  21.163  4.102   1.00 25.34 ? 44  LEU A CA 1 
ATOM 45  C CA . LEU A 1 45  ? 69.169  22.932  0.926   1.00 26.17 ? 45  LEU A CA 1 
ATOM 46  C CA . CYS A 1 46  ? 72.780  23.513  -0.107  1.00 22.87 ? 46  CYS A CA 1 
ATOM 47  C CA . ILE A 1 47  ? 72.927  27.223  -0.944  1.00 28.64 ? 47  ILE A CA 1 
ATOM 48  C CA . THR A 1 48  ? 75.527  29.958  -1.433  1.00 27.24 ? 48  THR A CA 1 
ATOM 49  C CA . LYS A 1 49  ? 74.958  33.394  0.097   1.00 25.65 ? 49  LYS A CA 1 
ATOM 50  C CA . ASP A 1 50  ? 78.233  35.038  -1.039  1.00 29.77 ? 50  ASP A CA 1 
ATOM 51  C CA . LYS A 1 51  ? 78.677  33.262  -4.368  1.00 31.18 ? 51  LYS A CA 1 
ATOM 52  C CA . VAL A 1 52  ? 81.954  31.801  -3.142  1.00 26.37 ? 52  VAL A CA 1 
ATOM 53  C CA . ASP A 1 53  ? 81.262  29.308  -0.345  1.00 26.94 ? 53  ASP A CA 1 
ATOM 54  C CA . GLY A 1 54  ? 78.352  26.893  0.083   1.00 24.10 ? 54  GLY A CA 1 
ATOM 55  C CA . THR A 1 55  ? 76.322  26.420  3.301   1.00 20.36 ? 55  THR A CA 1 
ATOM 56  C CA . TRP A 1 56  ? 73.269  24.364  4.201   1.00 25.54 ? 56  TRP A CA 1 
ATOM 57  C CA . ASP A 1 57  ? 70.345  26.809  4.432   1.00 25.81 ? 57  ASP A CA 1 
ATOM 58  C CA . LYS A 1 58  ? 69.359  25.801  7.958   1.00 27.97 ? 58  LYS A CA 1 
ATOM 59  C CA . PRO A 1 59  ? 70.490  23.798  10.981  1.00 22.11 ? 59  PRO A CA 1 
ATOM 60  C CA . ALA A 1 60  ? 69.788  20.086  10.946  1.00 26.37 ? 60  ALA A CA 1 
ATOM 61  C CA . PRO A 1 61  ? 66.536  19.094  12.708  1.00 19.99 ? 61  PRO A CA 1 
ATOM 62  C CA . LYS A 1 62  ? 66.671  16.635  15.679  1.00 26.90 ? 62  LYS A CA 1 
ATOM 63  C CA . CYS A 1 63  ? 64.973  13.388  16.693  1.00 27.27 ? 63  CYS A CA 1 
ATOM 64  C CA . GLU A 1 64  ? 64.723  10.612  18.951  1.00 0.00  ? 64  GLU A CA 1 
ATOM 65  C CA . TYR A 1 65  ? 66.097  7.126   18.022  1.00 0.00  ? 65  TYR A CA 1 
ATOM 66  C CA . PHE A 1 66  ? 67.184  4.620   20.890  1.00 0.00  ? 66  PHE A CA 1 
ATOM 67  C CA . ASN A 1 67  ? 64.859  5.258   23.967  1.00 0.00  ? 67  ASN A CA 1 
ATOM 68  C CA . LYS A 1 68  ? 61.089  5.841   23.327  1.00 0.00  ? 68  LYS A CA 1 
ATOM 69  C CA . TYR A 1 69  ? 57.831  3.497   23.719  1.00 0.00  ? 69  TYR A CA 1 
ATOM 70  C CA . SER A 1 70  ? 55.134  1.685   25.609  1.00 0.00  ? 70  SER A CA 1 
ATOM 71  C CA . SER A 1 71  ? 51.937  3.098   24.009  1.00 0.00  ? 71  SER A CA 1 
ATOM 72  C CA . CYS A 1 72  ? 49.847  3.847   20.636  1.00 36.35 ? 72  CYS A CA 1 
ATOM 73  C CA . PRO A 1 73  ? 49.836  4.115   16.853  1.00 35.61 ? 73  PRO A CA 1 
ATOM 74  C CA . GLU A 1 74  ? 49.311  7.473   15.213  1.00 36.66 ? 74  GLU A CA 1 
ATOM 75  C CA . PRO A 1 75  ? 45.624  8.329   15.649  1.00 31.16 ? 75  PRO A CA 1 
ATOM 76  C CA . ILE A 1 76  ? 44.120  9.374   12.339  1.00 41.40 ? 76  ILE A CA 1 
ATOM 77  C CA . VAL A 1 77  ? 40.825  11.120  11.732  1.00 38.30 ? 77  VAL A CA 1 
ATOM 78  C CA . PRO A 1 78  ? 39.787  11.560  8.093   1.00 40.96 ? 78  PRO A CA 1 
ATOM 79  C CA . GLY A 1 79  ? 38.514  15.048  7.503   1.00 36.40 ? 79  GLY A CA 1 
ATOM 80  C CA . GLY A 1 80  ? 40.419  16.277  10.560  1.00 39.25 ? 80  GLY A CA 1 
ATOM 81  C CA . TYR A 1 81  ? 43.868  16.951  12.062  1.00 33.04 ? 81  TYR A CA 1 
ATOM 82  C CA . LYS A 1 82  ? 45.705  17.165  15.393  1.00 29.94 ? 82  LYS A CA 1 
ATOM 83  C CA . ILE A 1 83  ? 45.838  20.479  17.226  1.00 21.30 ? 83  ILE A CA 1 
ATOM 84  C CA . ARG A 1 84  ? 47.547  19.040  20.271  1.00 25.74 ? 84  ARG A CA 1 
ATOM 85  C CA . GLY A 1 85  ? 49.912  16.146  21.017  1.00 23.64 ? 85  GLY A CA 1 
ATOM 86  C CA . SER A 1 86  ? 52.315  14.446  18.556  1.00 34.32 ? 86  SER A CA 1 
ATOM 87  C CA . THR A 1 87  ? 54.507  11.355  18.204  1.00 29.87 ? 87  THR A CA 1 
ATOM 88  C CA . PRO A 1 88  ? 55.760  9.386   20.085  1.00 33.13 ? 88  PRO A CA 1 
ATOM 89  C CA . TYR A 1 89  ? 52.477  8.331   21.728  1.00 29.55 ? 89  TYR A CA 1 
ATOM 90  C CA . ARG A 1 90  ? 53.167  6.896   25.191  1.00 21.94 ? 90  ARG A CA 1 
ATOM 91  C CA . HIS A 1 91  ? 51.066  5.780   28.137  1.00 28.69 ? 91  HIS A CA 1 
ATOM 92  C CA . GLY A 1 92  ? 48.946  8.645   29.433  1.00 20.48 ? 92  GLY A CA 1 
ATOM 93  C CA . ASP A 1 93  ? 49.699  10.929  26.440  1.00 19.73 ? 93  ASP A CA 1 
ATOM 94  C CA . SER A 1 94  ? 46.767  12.775  24.995  1.00 27.05 ? 94  SER A CA 1 
ATOM 95  C CA . VAL A 1 95  ? 45.819  14.002  21.548  1.00 26.56 ? 95  VAL A CA 1 
ATOM 96  C CA . THR A 1 96  ? 43.251  16.641  20.610  1.00 23.14 ? 96  THR A CA 1 
ATOM 97  C CA . PHE A 1 97  ? 41.690  16.836  17.107  1.00 27.82 ? 97  PHE A CA 1 
ATOM 98  C CA . ALA A 1 98  ? 39.892  19.567  15.094  1.00 34.14 ? 98  ALA A CA 1 
ATOM 99  C CA . CYS A 1 99  ? 37.948  19.147  11.842  1.00 39.15 ? 99  CYS A CA 1 
ATOM 100 C CA . LYS A 1 100 ? 39.090  20.756  8.592   1.00 40.35 ? 100 LYS A CA 1 
ATOM 101 C CA . THR A 1 101 ? 37.001  23.540  7.007   1.00 48.55 ? 101 THR A CA 1 
ATOM 102 C CA . ASN A 1 102 ? 33.562  22.333  5.818   1.00 48.36 ? 102 ASN A CA 1 
ATOM 103 C CA . PHE A 1 103 ? 33.756  19.466  8.299   1.00 44.54 ? 103 PHE A CA 1 
ATOM 104 C CA . SER A 1 104 ? 32.007  19.113  11.642  1.00 47.47 ? 104 SER A CA 1 
ATOM 105 C CA . MET A 1 105 ? 33.059  16.879  14.512  1.00 50.16 ? 105 MET A CA 1 
ATOM 106 C CA . ASN A 1 106 ? 31.233  13.937  16.031  1.00 56.25 ? 106 ASN A CA 1 
ATOM 107 C CA . GLY A 1 107 ? 32.361  12.435  19.296  1.00 44.02 ? 107 GLY A CA 1 
ATOM 108 C CA . ASN A 1 108 ? 34.978  13.533  21.805  1.00 47.08 ? 108 ASN A CA 1 
ATOM 109 C CA . LYS A 1 109 ? 37.803  15.661  20.438  1.00 35.55 ? 109 LYS A CA 1 
ATOM 110 C CA . SER A 1 110 ? 40.511  14.310  22.803  1.00 31.62 ? 110 SER A CA 1 
ATOM 111 C CA . VAL A 1 111 ? 41.852  10.811  23.288  1.00 28.12 ? 111 VAL A CA 1 
ATOM 112 C CA . TRP A 1 112 ? 44.422  9.209   25.606  1.00 21.46 ? 112 TRP A CA 1 
ATOM 113 C CA . CYS A 1 113 ? 46.985  6.525   24.884  1.00 22.66 ? 113 CYS A CA 1 
ATOM 114 C CA . GLN A 1 114 ? 45.982  3.598   27.155  1.00 27.53 ? 114 GLN A CA 1 
ATOM 115 C CA . ALA A 1 115 ? 48.142  0.828   28.656  1.00 32.79 ? 115 ALA A CA 1 
ATOM 116 C CA . ASN A 1 116 ? 46.641  -1.674  26.180  1.00 38.02 ? 116 ASN A CA 1 
ATOM 117 C CA . ASN A 1 117 ? 48.158  0.452   23.352  1.00 31.01 ? 117 ASN A CA 1 
ATOM 118 C CA . MET A 1 118 ? 44.828  1.757   22.183  1.00 30.69 ? 118 MET A CA 1 
ATOM 119 C CA . TRP A 1 119 ? 43.354  5.219   22.157  1.00 32.04 ? 119 TRP A CA 1 
ATOM 120 C CA . GLY A 1 120 ? 41.185  6.953   24.743  1.00 40.39 ? 120 GLY A CA 1 
ATOM 121 C CA . PRO A 1 121 ? 38.208  5.819   26.763  1.00 40.69 ? 121 PRO A CA 1 
ATOM 122 C CA . THR A 1 122 ? 36.013  6.841   23.797  1.00 38.91 ? 122 THR A CA 1 
ATOM 123 C CA . ARG A 1 123 ? 36.397  6.070   20.106  1.00 46.43 ? 123 ARG A CA 1 
ATOM 124 C CA . LEU A 1 124 ? 38.272  8.549   17.865  1.00 35.68 ? 124 LEU A CA 1 
ATOM 125 C CA . PRO A 1 125 ? 36.096  11.472  16.825  1.00 35.47 ? 125 PRO A CA 1 
ATOM 126 C CA . THR A 1 126 ? 34.832  11.708  13.252  1.00 41.03 ? 126 THR A CA 1 
ATOM 127 C CA . CYS A 1 127 ? 34.642  14.651  10.867  1.00 48.44 ? 127 CYS A CA 1 
ATOM 128 C CA . VAL A 1 128 ? 36.144  13.989  7.466   1.00 0.00  ? 128 VAL A CA 1 
ATOM 129 C CA . SER A 1 129 ? 34.843  10.788  5.747   1.00 0.00  ? 129 SER A CA 1 
ATOM 130 C CA . VAL A 1 130 ? 37.650  8.349   5.125   1.00 0.00  ? 130 VAL A CA 1 
ATOM 131 C CA . PHE A 1 131 ? 37.951  5.818   3.206   1.00 0.00  ? 131 PHE A CA 1 
ATOM 132 C CA . PRO A 1 132 ? 35.293  5.887   0.125   1.00 0.00  ? 132 PRO A CA 1 
ATOM 133 C CA . LEU A 1 133 ? 33.778  2.215   0.168   1.00 0.00  ? 133 LEU A CA 1 
ATOM 134 C CA . GLU A 1 134 ? 30.626  2.900   -1.876  1.00 0.00  ? 134 GLU A CA 1 
ATOM 135 C CA . GLY A 1 135 ? 31.869  5.927   -3.854  1.00 0.00  ? 135 GLY A CA 1 
ATOM 136 C CA . SER A 1 136 ? 34.382  5.374   -6.689  1.00 0.00  ? 136 SER A CA 1 
ATOM 137 C CA . ILE A 1 137 ? 33.028  2.624   -8.994  1.00 0.00  ? 137 ILE A CA 1 
ATOM 138 C CA . GLU A 1 138 ? 29.148  2.239   -9.501  1.00 0.00  ? 138 GLU A CA 1 
ATOM 139 C CA . GLY A 1 139 ? 28.319  -0.064  -12.565 1.00 0.00  ? 139 GLY A CA 1 
ATOM 140 C CA . ARG A 1 140 ? 28.964  0.848   -16.250 1.00 0.00  ? 140 ARG A CA 1 
ATOM 141 C CA . GLY A 1 141 ? 30.506  4.111   -17.560 1.00 0.00  ? 141 GLY A CA 1 
ATOM 142 C CA . GLY A 1 142 ? 28.917  4.914   -20.237 1.00 0.00  ? 142 GLY A CA 1 
ATOM 143 C CA . SER A 1 143 ? 26.998  3.923   -23.399 1.00 0.00  ? 143 SER A CA 1 
ATOM 144 C CA . GLU A 1 144 ? 28.188  0.174   -24.555 1.00 0.00  ? 144 GLU A CA 1 
ATOM 145 C CA . LEU A 1 145 ? 25.422  -1.965  -26.265 1.00 0.00  ? 145 LEU A CA 1 
ATOM 146 C CA . ALA A 1 146 ? 25.485  -5.949  -25.921 1.00 0.00  ? 146 ALA A CA 1 
ATOM 147 C CA . ASP A 1 147 ? 21.845  -6.805  -24.444 1.00 0.00  ? 147 ASP A CA 1 
ATOM 148 C CA . PRO A 1 148 ? 20.706  -2.987  -23.720 1.00 0.00  ? 148 PRO A CA 1 
ATOM 149 C CA . GLU A 1 149 ? 20.197  -1.466  -21.083 1.00 0.00  ? 149 GLU A CA 1 
ATOM 150 C CA . VAL A 1 150 ? 20.241  -1.990  -17.154 1.00 0.00  ? 150 VAL A CA 1 
ATOM 151 C CA . PRO A 1 151 ? 23.302  -0.292  -15.249 1.00 0.00  ? 151 PRO A CA 1 
ATOM 152 C CA . ARG A 1 152 ? 23.135  -2.577  -12.303 1.00 0.00  ? 152 ARG A CA 1 
ATOM 153 C CA . ASP A 1 153 ? 20.240  -5.292  -11.924 1.00 0.00  ? 153 ASP A CA 1 
ATOM 154 C CA . CYS A 1 154 ? 17.586  -4.069  -9.383  1.00 0.00  ? 154 CYS A CA 1 
ATOM 155 C CA . GLY A 1 155 ? 15.019  -5.573  -9.174  1.00 0.00  ? 155 GLY A CA 1 
ATOM 156 C CA . CYS A 1 156 ? 13.925  -9.424  -9.340  1.00 0.00  ? 156 CYS A CA 1 
ATOM 157 C CA . LYS A 1 157 ? 12.221  -12.223 -11.387 1.00 0.00  ? 157 LYS A CA 1 
ATOM 158 C CA . PRO A 1 158 ? 9.817   -13.050 -8.172  1.00 0.00  ? 158 PRO A CA 1 
ATOM 159 C CA . CYS A 1 159 ? 8.310   -9.405  -7.430  1.00 0.00  ? 159 CYS A CA 1 
ATOM 160 C CA . ILE A 1 160 ? 4.832   -7.980  -8.401  1.00 0.00  ? 160 ILE A CA 1 
ATOM 161 C CA . CYS A 1 161 ? 1.283   -7.667  -7.068  1.00 0.00  ? 161 CYS A CA 1 
ATOM 162 C CA . THR A 1 162 ? -2.025  -9.450  -7.961  1.00 0.00  ? 162 THR A CA 1 
ATOM 163 C CA . VAL A 1 163 ? -5.090  -7.349  -9.136  1.00 0.00  ? 163 VAL A CA 1 
ATOM 164 C CA . PRO A 1 164 ? -8.198  -8.995  -7.257  1.00 0.00  ? 164 PRO A CA 1 
ATOM 165 C CA . GLU A 1 165 ? -10.714 -6.404  -8.742  1.00 0.00  ? 165 GLU A CA 1 
ATOM 166 C CA . VAL A 1 166 ? -13.392 -9.034  -9.680  1.00 0.00  ? 166 VAL A CA 1 
ATOM 167 C CA . SER A 1 167 ? -17.097 -8.411  -10.211 1.00 0.00  ? 167 SER A CA 1 
ATOM 168 C CA . SER A 1 168 ? -20.016 -8.233  -7.789  1.00 0.00  ? 168 SER A CA 1 
ATOM 169 C CA . VAL A 1 169 ? -23.504 -9.640  -8.555  1.00 0.00  ? 169 VAL A CA 1 
ATOM 170 C CA . PHE A 1 170 ? -26.902 -8.270  -7.539  1.00 0.00  ? 170 PHE A CA 1 
ATOM 171 C CA . ILE A 1 171 ? -30.093 -10.260 -7.411  1.00 0.00  ? 171 ILE A CA 1 
ATOM 172 C CA . PHE A 1 172 ? -33.303 -8.283  -7.935  1.00 0.00  ? 172 PHE A CA 1 
ATOM 173 C CA . PRO A 1 173 ? -36.881 -9.379  -7.000  1.00 0.00  ? 173 PRO A CA 1 
ATOM 174 C CA . PRO A 1 174 ? -39.681 -9.765  -9.589  1.00 0.00  ? 174 PRO A CA 1 
ATOM 175 C CA . LYS A 1 175 ? -42.257 -7.015  -10.150 1.00 0.00  ? 175 LYS A CA 1 
ATOM 176 C CA . PRO A 1 176 ? -45.323 -7.435  -7.897  1.00 0.00  ? 176 PRO A CA 1 
ATOM 177 C CA . LYS A 1 177 ? -47.564 -7.224  -10.986 1.00 0.00  ? 177 LYS A CA 1 
ATOM 178 C CA . ASP A 1 178 ? -45.851 -10.280 -12.451 1.00 0.00  ? 178 ASP A CA 1 
ATOM 179 C CA . VAL A 1 179 ? -46.305 -12.293 -9.257  1.00 0.00  ? 179 VAL A CA 1 
ATOM 180 C CA . LEU A 1 180 ? -49.974 -11.246 -9.199  1.00 0.00  ? 180 LEU A CA 1 
ATOM 181 C CA . THR A 1 181 ? -51.349 -11.305 -12.757 1.00 0.00  ? 181 THR A CA 1 
ATOM 182 C CA . ILE A 1 182 ? -51.638 -15.076 -13.369 1.00 0.00  ? 182 ILE A CA 1 
ATOM 183 C CA . THR A 1 183 ? -51.033 -14.968 -17.140 1.00 0.00  ? 183 THR A CA 1 
ATOM 184 C CA . LEU A 1 184 ? -47.749 -13.119 -16.495 1.00 0.00  ? 184 LEU A CA 1 
ATOM 185 C CA . THR A 1 185 ? -44.665 -15.111 -15.478 1.00 0.00  ? 185 THR A CA 1 
ATOM 186 C CA . PRO A 1 186 ? -42.599 -13.672 -12.551 1.00 0.00  ? 186 PRO A CA 1 
ATOM 187 C CA . LYS A 1 187 ? -38.920 -13.547 -13.600 1.00 0.00  ? 187 LYS A CA 1 
ATOM 188 C CA . VAL A 1 188 ? -36.276 -13.024 -10.936 1.00 0.00  ? 188 VAL A CA 1 
ATOM 189 C CA . THR A 1 189 ? -33.056 -11.397 -12.097 1.00 0.00  ? 189 THR A CA 1 
ATOM 190 C CA . CYS A 1 190 ? -29.426 -11.502 -10.972 1.00 0.00  ? 190 CYS A CA 1 
ATOM 191 C CA . VAL A 1 191 ? -26.707 -9.612  -12.848 1.00 0.00  ? 191 VAL A CA 1 
ATOM 192 C CA . VAL A 1 192 ? -22.937 -9.136  -12.617 1.00 0.00  ? 192 VAL A CA 1 
ATOM 193 C CA . VAL A 1 193 ? -21.194 -5.792  -13.204 1.00 0.00  ? 193 VAL A CA 1 
ATOM 194 C CA . ASP A 1 194 ? -17.364 -5.493  -13.115 1.00 0.00  ? 194 ASP A CA 1 
ATOM 195 C CA . ILE A 1 195 ? -16.610 -7.646  -16.174 1.00 0.00  ? 195 ILE A CA 1 
ATOM 196 C CA . SER A 1 196 ? -13.542 -7.058  -18.335 1.00 0.00  ? 196 SER A CA 1 
ATOM 197 C CA . LYS A 1 197 ? -12.375 -8.469  -21.682 1.00 0.00  ? 197 LYS A CA 1 
ATOM 198 C CA . ASP A 1 198 ? -11.604 -11.771 -19.960 1.00 0.00  ? 198 ASP A CA 1 
ATOM 199 C CA . ASP A 1 199 ? -14.484 -12.964 -17.729 1.00 0.00  ? 199 ASP A CA 1 
ATOM 200 C CA . PRO A 1 200 ? -16.111 -15.727 -19.851 1.00 0.00  ? 200 PRO A CA 1 
ATOM 201 C CA . GLU A 1 201 ? -19.834 -16.491 -20.031 1.00 0.00  ? 201 GLU A CA 1 
ATOM 202 C CA . VAL A 1 202 ? -19.747 -16.787 -16.196 1.00 0.00  ? 202 VAL A CA 1 
ATOM 203 C CA . GLN A 1 203 ? -22.183 -19.722 -16.123 1.00 0.00  ? 203 GLN A CA 1 
ATOM 204 C CA . PHE A 1 204 ? -25.208 -18.763 -14.042 1.00 0.00  ? 204 PHE A CA 1 
ATOM 205 C CA . SER A 1 205 ? -27.001 -21.367 -11.906 1.00 0.00  ? 205 SER A CA 1 
ATOM 206 C CA . TRP A 1 206 ? -29.973 -20.938 -9.558  1.00 0.00  ? 206 TRP A CA 1 
ATOM 207 C CA . PHE A 1 207 ? -31.149 -22.674 -6.349  1.00 0.00  ? 207 PHE A CA 1 
ATOM 208 C CA . VAL A 1 208 ? -34.827 -22.750 -5.315  1.00 0.00  ? 208 VAL A CA 1 
ATOM 209 C CA . ASP A 1 209 ? -34.278 -24.037 -1.747  1.00 0.00  ? 209 ASP A CA 1 
ATOM 210 C CA . ASP A 1 210 ? -31.061 -26.054 -2.043  1.00 0.00  ? 210 ASP A CA 1 
ATOM 211 C CA . VAL A 1 211 ? -32.212 -27.735 -5.271  1.00 0.00  ? 211 VAL A CA 1 
ATOM 212 C CA . GLU A 1 212 ? -30.782 -26.218 -8.511  1.00 0.00  ? 212 GLU A CA 1 
ATOM 213 C CA . VAL A 1 213 ? -32.841 -25.843 -11.714 1.00 0.00  ? 213 VAL A CA 1 
ATOM 214 C CA . HIS A 1 214 ? -32.742 -25.011 -15.447 1.00 0.00  ? 214 HIS A CA 1 
ATOM 215 C CA . THR A 1 215 ? -33.255 -21.256 -15.852 1.00 0.00  ? 215 THR A CA 1 
ATOM 216 C CA . ALA A 1 216 ? -34.479 -20.664 -19.425 1.00 0.00  ? 216 ALA A CA 1 
ATOM 217 C CA . GLN A 1 217 ? -31.047 -20.089 -21.017 1.00 0.00  ? 217 GLN A CA 1 
ATOM 218 C CA . THR A 1 218 ? -31.452 -16.662 -19.413 1.00 0.00  ? 218 THR A CA 1 
ATOM 219 C CA . GLN A 1 219 ? -28.157 -15.236 -20.618 1.00 0.00  ? 219 GLN A CA 1 
ATOM 220 C CA . PRO A 1 220 ? -28.471 -12.156 -22.891 1.00 0.00  ? 220 PRO A CA 1 
ATOM 221 C CA . ARG A 1 221 ? -25.095 -11.421 -21.253 1.00 0.00  ? 221 ARG A CA 1 
ATOM 222 C CA . GLU A 1 222 ? -22.210 -9.010  -21.969 1.00 0.00  ? 222 GLU A CA 1 
ATOM 223 C CA . GLU A 1 223 ? -23.079 -5.435  -22.902 1.00 0.00  ? 223 GLU A CA 1 
ATOM 224 C CA . GLN A 1 224 ? -20.174 -3.045  -23.482 1.00 0.00  ? 224 GLN A CA 1 
ATOM 225 C CA . PHE A 1 225 ? -21.071 -0.540  -20.754 1.00 0.00  ? 225 PHE A CA 1 
ATOM 226 C CA . ASN A 1 226 ? -19.132 2.444   -19.265 1.00 0.00  ? 226 ASN A CA 1 
ATOM 227 C CA . SER A 1 227 ? -15.871 0.512   -19.605 1.00 0.00  ? 227 SER A CA 1 
ATOM 228 C CA . THR A 1 228 ? -17.032 -2.947  -18.443 1.00 0.00  ? 228 THR A CA 1 
ATOM 229 C CA . PHE A 1 229 ? -19.754 -5.421  -19.512 1.00 0.00  ? 229 PHE A CA 1 
ATOM 230 C CA . ARG A 1 230 ? -22.872 -6.787  -17.803 1.00 0.00  ? 230 ARG A CA 1 
ATOM 231 C CA . SER A 1 231 ? -24.205 -10.359 -17.878 1.00 0.00  ? 231 SER A CA 1 
ATOM 232 C CA . VAL A 1 232 ? -27.924 -10.814 -17.183 1.00 0.00  ? 232 VAL A CA 1 
ATOM 233 C CA . SER A 1 233 ? -29.828 -13.883 -15.934 1.00 0.00  ? 233 SER A CA 1 
ATOM 234 C CA . GLU A 1 234 ? -33.634 -13.351 -16.024 1.00 0.00  ? 234 GLU A CA 1 
ATOM 235 C CA . LEU A 1 235 ? -34.957 -16.766 -14.840 1.00 0.00  ? 235 LEU A CA 1 
ATOM 236 C CA . PRO A 1 236 ? -38.766 -17.072 -14.754 1.00 0.00  ? 236 PRO A CA 1 
ATOM 237 C CA . ILE A 1 237 ? -40.458 -18.874 -11.869 1.00 0.00  ? 237 ILE A CA 1 
ATOM 238 C CA . MET A 1 238 ? -43.871 -20.028 -10.654 1.00 0.00  ? 238 MET A CA 1 
ATOM 239 C CA . HIS A 1 239 ? -45.992 -17.399 -8.877  1.00 0.00  ? 239 HIS A CA 1 
ATOM 240 C CA . GLN A 1 240 ? -46.912 -19.528 -5.885  1.00 0.00  ? 240 GLN A CA 1 
ATOM 241 C CA . ASP A 1 241 ? -43.213 -20.277 -5.249  1.00 0.00  ? 241 ASP A CA 1 
ATOM 242 C CA . TRP A 1 242 ? -42.266 -16.728 -4.315  1.00 0.00  ? 242 TRP A CA 1 
ATOM 243 C CA . LEU A 1 243 ? -45.693 -16.257 -2.760  1.00 0.00  ? 243 LEU A CA 1 
ATOM 244 C CA . ASN A 1 244 ? -45.154 -19.259 -0.535  1.00 0.00  ? 244 ASN A CA 1 
ATOM 245 C CA . GLY A 1 245 ? -41.733 -17.859 0.251   1.00 0.00  ? 245 GLY A CA 1 
ATOM 246 C CA . LYS A 1 246 ? -38.834 -19.672 -1.415  1.00 0.00  ? 246 LYS A CA 1 
ATOM 247 C CA . GLU A 1 247 ? -35.129 -18.585 -1.617  1.00 0.00  ? 247 GLU A CA 1 
ATOM 248 C CA . PHE A 1 248 ? -33.248 -17.826 -4.860  1.00 0.00  ? 248 PHE A CA 1 
ATOM 249 C CA . LYS A 1 249 ? -29.497 -18.555 -5.031  1.00 0.00  ? 249 LYS A CA 1 
ATOM 250 C CA . CYS A 1 250 ? -27.665 -17.463 -8.148  1.00 0.00  ? 250 CYS A CA 1 
ATOM 251 C CA . ARG A 1 251 ? -24.392 -19.486 -8.071  1.00 0.00  ? 251 ARG A CA 1 
ATOM 252 C CA . VAL A 1 252 ? -21.855 -18.489 -10.720 1.00 0.00  ? 252 VAL A CA 1 
ATOM 253 C CA . ASN A 1 253 ? -18.354 -19.618 -11.619 1.00 0.00  ? 253 ASN A CA 1 
ATOM 254 C CA . SER A 1 254 ? -15.635 -17.927 -13.662 1.00 0.00  ? 254 SER A CA 1 
ATOM 255 C CA . ALA A 1 255 ? -11.861 -18.149 -14.132 1.00 0.00  ? 255 ALA A CA 1 
ATOM 256 C CA . ALA A 1 256 ? -11.022 -14.959 -12.213 1.00 0.00  ? 256 ALA A CA 1 
ATOM 257 C CA . PHE A 1 257 ? -13.495 -15.726 -9.387  1.00 0.00  ? 257 PHE A CA 1 
ATOM 258 C CA . PRO A 1 258 ? -11.766 -16.546 -6.035  1.00 0.00  ? 258 PRO A CA 1 
ATOM 259 C CA . ALA A 1 259 ? -15.046 -18.190 -4.945  1.00 0.00  ? 259 ALA A CA 1 
ATOM 260 C CA . PRO A 1 260 ? -18.318 -19.218 -6.723  1.00 0.00  ? 260 PRO A CA 1 
ATOM 261 C CA . ILE A 1 261 ? -20.541 -16.487 -5.239  1.00 0.00  ? 261 ILE A CA 1 
ATOM 262 C CA . GLU A 1 262 ? -24.375 -16.474 -5.013  1.00 0.00  ? 262 GLU A CA 1 
ATOM 263 C CA . LYS A 1 263 ? -27.200 -14.525 -3.356  1.00 0.00  ? 263 LYS A CA 1 
ATOM 264 C CA . THR A 1 264 ? -30.816 -15.349 -2.572  1.00 0.00  ? 264 THR A CA 1 
ATOM 265 C CA . ILE A 1 265 ? -33.910 -13.122 -2.661  1.00 0.00  ? 265 ILE A CA 1 
ATOM 266 C CA . SER A 1 266 ? -36.787 -14.761 -0.705  1.00 0.00  ? 266 SER A CA 1 
ATOM 267 C CA . LYS A 1 267 ? -39.555 -12.308 0.334   1.00 0.00  ? 267 LYS A CA 1 
ATOM 268 C CA . THR A 1 268 ? -40.476 -9.413  2.659   1.00 0.00  ? 268 THR A CA 1 
ATOM 269 C CA . LYS A 1 269 ? -41.756 -11.543 5.567   1.00 0.00  ? 269 LYS A CA 1 
ATOM 270 C CA . GLY A 1 270 ? -44.350 -9.884  7.958   1.00 0.00  ? 270 GLY A CA 1 
ATOM 271 C CA . ARG A 1 271 ? -48.153 -10.481 8.133   1.00 0.00  ? 271 ARG A CA 1 
ATOM 272 C CA . PRO A 1 272 ? -49.761 -9.032  4.904   1.00 0.00  ? 272 PRO A CA 1 
ATOM 273 C CA . LYS A 1 273 ? -52.245 -6.134  5.228   1.00 0.00  ? 273 LYS A CA 1 
ATOM 274 C CA . ALA A 1 274 ? -54.689 -5.237  2.465   1.00 0.00  ? 274 ALA A CA 1 
ATOM 275 C CA . PRO A 1 275 ? -54.961 -1.596  1.304   1.00 0.00  ? 275 PRO A CA 1 
ATOM 276 C CA . GLN A 1 276 ? -58.323 0.022   2.133   1.00 0.00  ? 276 GLN A CA 1 
ATOM 277 C CA . LEU A 1 277 ? -58.225 1.654   -1.344  1.00 0.00  ? 277 LEU A CA 1 
ATOM 278 C CA . TYR A 1 278 ? -60.586 4.586   -1.930  1.00 0.00  ? 278 TYR A CA 1 
ATOM 279 C CA . THR A 1 279 ? -61.414 7.115   -4.619  1.00 0.00  ? 279 THR A CA 1 
ATOM 280 C CA . ILE A 1 280 ? -61.591 10.866  -4.569  1.00 0.00  ? 280 ILE A CA 1 
ATOM 281 C CA . PRO A 1 281 ? -62.954 12.771  -7.582  1.00 0.00  ? 281 PRO A CA 1 
ATOM 282 C CA . PRO A 1 282 ? -61.690 16.283  -8.504  1.00 0.00  ? 282 PRO A CA 1 
ATOM 283 C CA . PRO A 1 283 ? -62.058 18.917  -5.702  1.00 0.00  ? 283 PRO A CA 1 
ATOM 284 C CA . LYS A 1 284 ? -64.581 21.794  -5.621  1.00 0.00  ? 284 LYS A CA 1 
ATOM 285 C CA . GLU A 1 285 ? -61.904 24.473  -6.009  1.00 0.00  ? 285 GLU A CA 1 
ATOM 286 C CA . GLN A 1 286 ? -60.560 22.789  -9.172  1.00 0.00  ? 286 GLN A CA 1 
ATOM 287 C CA . MET A 1 287 ? -63.653 22.506  -11.363 1.00 0.00  ? 287 MET A CA 1 
ATOM 288 C CA . ALA A 1 288 ? -63.165 25.346  -13.847 1.00 0.00  ? 288 ALA A CA 1 
ATOM 289 C CA . LYS A 1 289 ? -59.725 24.177  -14.989 1.00 0.00  ? 289 LYS A CA 1 
ATOM 290 C CA . ASP A 1 290 ? -59.010 22.554  -18.364 1.00 0.00  ? 290 ASP A CA 1 
ATOM 291 C CA . LYS A 1 291 ? -58.000 19.215  -16.804 1.00 0.00  ? 291 LYS A CA 1 
ATOM 292 C CA . VAL A 1 292 ? -58.704 17.582  -13.430 1.00 0.00  ? 292 VAL A CA 1 
ATOM 293 C CA . SER A 1 293 ? -57.214 15.139  -10.961 1.00 0.00  ? 293 SER A CA 1 
ATOM 294 C CA . LEU A 1 294 ? -58.983 12.118  -9.508  1.00 0.00  ? 294 LEU A CA 1 
ATOM 295 C CA . THR A 1 295 ? -56.714 10.446  -6.970  1.00 0.00  ? 295 THR A CA 1 
ATOM 296 C CA . CYS A 1 296 ? -56.915 6.841   -5.852  1.00 0.00  ? 296 CYS A CA 1 
ATOM 297 C CA . MET A 1 297 ? -56.066 6.685   -2.174  1.00 0.00  ? 297 MET A CA 1 
ATOM 298 C CA . ILE A 1 298 ? -54.755 3.249   -1.084  1.00 0.00  ? 298 ILE A CA 1 
ATOM 299 C CA . THR A 1 299 ? -53.798 3.052   2.572   1.00 0.00  ? 299 THR A CA 1 
ATOM 300 C CA . ASP A 1 300 ? -52.509 1.051   5.521   1.00 0.00  ? 300 ASP A CA 1 
ATOM 301 C CA . PHE A 1 301 ? -51.373 -2.046  3.648   1.00 0.00  ? 301 PHE A CA 1 
ATOM 302 C CA . PHE A 1 302 ? -48.314 -4.292  3.787   1.00 0.00  ? 302 PHE A CA 1 
ATOM 303 C CA . PRO A 1 303 ? -45.963 -4.700  2.166   1.00 0.00  ? 303 PRO A CA 1 
ATOM 304 C CA . GLU A 1 304 ? -45.053 -2.162  -0.529  1.00 0.00  ? 304 GLU A CA 1 
ATOM 305 C CA . ASP A 1 305 ? -45.316 -5.024  -2.991  1.00 0.00  ? 305 ASP A CA 1 
ATOM 306 C CA . ILE A 1 306 ? -48.376 -3.608  -4.735  1.00 0.00  ? 306 ILE A CA 1 
ATOM 307 C CA . THR A 1 307 ? -49.284 -2.202  -8.185  1.00 0.00  ? 307 THR A CA 1 
ATOM 308 C CA . VAL A 1 308 ? -51.865 0.250   -9.526  1.00 0.00  ? 308 VAL A CA 1 
ATOM 309 C CA . GLU A 1 309 ? -53.756 1.063   -12.750 1.00 0.00  ? 309 GLU A CA 1 
ATOM 310 C CA . TRP A 1 310 ? -56.785 3.131   -13.786 1.00 0.00  ? 310 TRP A CA 1 
ATOM 311 C CA . GLN A 1 311 ? -59.420 2.550   -16.463 1.00 0.00  ? 311 GLN A CA 1 
ATOM 312 C CA . TRP A 1 312 ? -61.348 5.324   -18.253 1.00 0.00  ? 312 TRP A CA 1 
ATOM 313 C CA . ASN A 1 313 ? -64.328 4.221   -20.308 1.00 0.00  ? 313 ASN A CA 1 
ATOM 314 C CA . GLY A 1 314 ? -63.614 0.536   -19.601 1.00 0.00  ? 314 GLY A CA 1 
ATOM 315 C CA . GLN A 1 315 ? -59.987 -0.157  -20.550 1.00 0.00  ? 315 GLN A CA 1 
ATOM 316 C CA . PRO A 1 316 ? -56.318 0.787   -19.925 1.00 0.00  ? 316 PRO A CA 1 
ATOM 317 C CA . ALA A 1 317 ? -55.744 4.621   -19.994 1.00 0.00  ? 317 ALA A CA 1 
ATOM 318 C CA . GLU A 1 318 ? -52.823 7.075   -19.673 1.00 0.00  ? 318 GLU A CA 1 
ATOM 319 C CA . ASN A 1 319 ? -51.533 9.914   -17.457 1.00 0.00  ? 319 ASN A CA 1 
ATOM 320 C CA . TYR A 1 320 ? -52.092 8.127   -14.153 1.00 0.00  ? 320 TYR A CA 1 
ATOM 321 C CA . LYS A 1 321 ? -49.002 8.367   -11.977 1.00 0.00  ? 321 LYS A CA 1 
ATOM 322 C CA . ASN A 1 322 ? -48.270 6.516   -8.752  1.00 0.00  ? 322 ASN A CA 1 
ATOM 323 C CA . THR A 1 323 ? -46.433 7.816   -5.709  1.00 0.00  ? 323 THR A CA 1 
ATOM 324 C CA . GLN A 1 324 ? -43.942 5.560   -3.992  1.00 0.00  ? 324 GLN A CA 1 
ATOM 325 C CA . PRO A 1 325 ? -44.952 3.523   -0.917  1.00 0.00  ? 325 PRO A CA 1 
ATOM 326 C CA . ILE A 1 326 ? -44.212 5.533   2.228   1.00 0.00  ? 326 ILE A CA 1 
ATOM 327 C CA . MET A 1 327 ? -44.513 4.197   5.734   1.00 0.00  ? 327 MET A CA 1 
ATOM 328 C CA . ASN A 1 328 ? -47.298 5.915   7.682   1.00 0.00  ? 328 ASN A CA 1 
ATOM 329 C CA . THR A 1 329 ? -47.571 6.337   11.493  1.00 0.00  ? 329 THR A CA 1 
ATOM 330 C CA . ASN A 1 330 ? -48.570 2.825   12.655  1.00 0.00  ? 330 ASN A CA 1 
ATOM 331 C CA . GLU A 1 331 ? -46.083 1.001   10.452  1.00 0.00  ? 331 GLU A CA 1 
ATOM 332 C CA . SER A 1 332 ? -48.302 0.545   7.442   1.00 0.00  ? 332 SER A CA 1 
ATOM 333 C CA . TYR A 1 333 ? -48.065 2.149   3.988   1.00 0.00  ? 333 TYR A CA 1 
ATOM 334 C CA . PHE A 1 334 ? -50.245 4.057   1.527   1.00 0.00  ? 334 PHE A CA 1 
ATOM 335 C CA . VAL A 1 335 ? -50.063 5.298   -2.047  1.00 0.00  ? 335 VAL A CA 1 
ATOM 336 C CA . TYR A 1 336 ? -51.868 7.881   -4.183  1.00 0.00  ? 336 TYR A CA 1 
ATOM 337 C CA . SER A 1 337 ? -52.679 7.391   -7.842  1.00 0.00  ? 337 SER A CA 1 
ATOM 338 C CA . LYS A 1 338 ? -53.630 10.483  -9.830  1.00 0.00  ? 338 LYS A CA 1 
ATOM 339 C CA . LEU A 1 339 ? -55.687 10.300  -13.004 1.00 0.00  ? 339 LEU A CA 1 
ATOM 340 C CA . ASN A 1 340 ? -55.774 13.257  -15.388 1.00 0.00  ? 340 ASN A CA 1 
ATOM 341 C CA . VAL A 1 341 ? -58.656 14.068  -17.746 1.00 0.00  ? 341 VAL A CA 1 
ATOM 342 C CA . GLN A 1 342 ? -60.783 16.926  -19.138 1.00 0.00  ? 342 GLN A CA 1 
ATOM 343 C CA . LYS A 1 343 ? -64.132 18.280  -17.872 1.00 0.00  ? 343 LYS A CA 1 
ATOM 344 C CA . SER A 1 344 ? -65.959 17.038  -20.971 1.00 0.00  ? 344 SER A CA 1 
ATOM 345 C CA . ASN A 1 345 ? -64.737 13.508  -20.234 1.00 0.00  ? 345 ASN A CA 1 
ATOM 346 C CA . TRP A 1 346 ? -65.566 13.656  -16.511 1.00 0.00  ? 346 TRP A CA 1 
ATOM 347 C CA . GLU A 1 347 ? -68.992 15.340  -16.648 1.00 0.00  ? 347 GLU A CA 1 
ATOM 348 C CA . ALA A 1 348 ? -69.866 12.959  -19.471 1.00 0.00  ? 348 ALA A CA 1 
ATOM 349 C CA . GLY A 1 349 ? -70.047 10.234  -16.793 1.00 0.00  ? 349 GLY A CA 1 
ATOM 350 C CA . ASN A 1 350 ? -67.642 8.009   -18.709 1.00 0.00  ? 350 ASN A CA 1 
ATOM 351 C CA . THR A 1 351 ? -66.691 6.180   -15.469 1.00 0.00  ? 351 THR A CA 1 
ATOM 352 C CA . PHE A 1 352 ? -63.101 5.604   -14.421 1.00 0.00  ? 352 PHE A CA 1 
ATOM 353 C CA . THR A 1 353 ? -61.732 2.687   -12.394 1.00 0.00  ? 353 THR A CA 1 
ATOM 354 C CA . CYS A 1 354 ? -58.737 2.152   -10.137 1.00 0.00  ? 354 CYS A CA 1 
ATOM 355 C CA . SER A 1 355 ? -57.428 -1.409  -9.845  1.00 0.00  ? 355 SER A CA 1 
ATOM 356 C CA . VAL A 1 356 ? -55.055 -2.373  -7.038  1.00 0.00  ? 356 VAL A CA 1 
ATOM 357 C CA . LEU A 1 357 ? -53.031 -5.567  -6.761  1.00 0.00  ? 357 LEU A CA 1 
ATOM 358 C CA . HIS A 1 358 ? -51.699 -6.622  -3.395  1.00 0.00  ? 358 HIS A CA 1 
ATOM 359 C CA . GLU A 1 359 ? -51.202 -10.105 -1.924  1.00 0.00  ? 359 GLU A CA 1 
ATOM 360 C CA . GLY A 1 360 ? -53.386 -9.427  1.138   1.00 0.00  ? 360 GLY A CA 1 
ATOM 361 C CA . LEU A 1 361 ? -56.268 -8.892  -1.281  1.00 0.00  ? 361 LEU A CA 1 
ATOM 362 C CA . HIS A 1 362 ? -59.127 -11.227 -2.027  1.00 0.00  ? 362 HIS A CA 1 
ATOM 363 C CA . ASN A 1 363 ? -57.730 -13.409 -4.802  1.00 0.00  ? 363 ASN A CA 1 
ATOM 364 C CA . HIS A 1 364 ? -54.773 -11.064 -4.974  1.00 0.00  ? 364 HIS A CA 1 
ATOM 365 C CA . HIS A 1 365 ? -56.879 -8.172  -6.224  1.00 0.00  ? 365 HIS A CA 1 
ATOM 366 C CA . THR A 1 366 ? -59.518 -5.474  -5.672  1.00 0.00  ? 366 THR A CA 1 
ATOM 367 C CA . GLU A 1 367 ? -60.792 -2.354  -7.481  1.00 0.00  ? 367 GLU A CA 1 
ATOM 368 C CA . LYS A 1 368 ? -63.116 0.617   -6.937  1.00 0.00  ? 368 LYS A CA 1 
ATOM 369 C CA . SER A 1 369 ? -64.766 3.010   -9.370  1.00 0.00  ? 369 SER A CA 1 
ATOM 370 C CA . LEU A 1 370 ? -65.638 6.688   -9.771  1.00 0.00  ? 370 LEU A CA 1 
ATOM 371 C CA . SER A 1 371 ? -68.470 8.116   -11.854 1.00 0.00  ? 371 SER A CA 1 
ATOM 372 C CA . HIS A 1 372 ? -70.161 11.498  -12.275 1.00 0.00  ? 372 HIS A CA 1 
ATOM 373 C CA . SER A 1 373 ? -73.795 12.504  -12.576 1.00 0.00  ? 373 SER A CA 1 
ATOM 374 C CA . PRO A 1 374 ? -74.792 14.812  -15.404 1.00 0.00  ? 374 PRO A CA 1 
ATOM 375 C CA . GLY A 1 375 ? -77.125 17.587  -14.115 1.00 0.00  ? 375 GLY A CA 1 
ATOM 376 C CA . LYS A 1 376 ? -78.946 19.892  -16.503 1.00 0.00  ? 376 LYS A CA 1 
ATOM 377 C CA . ASP B 1 1   ? 88.432  -25.457 -15.892 1.00 0.00  ? 1   ASP B CA 1 
ATOM 378 C CA . ILE B 1 2   ? 87.960  -24.664 -12.207 1.00 37.01 ? 2   ILE B CA 1 
ATOM 379 C CA . SER B 1 3   ? 87.151  -26.648 -9.043  1.00 26.19 ? 3   SER B CA 1 
ATOM 380 C CA . CYS B 1 4   ? 85.333  -26.417 -5.706  1.00 27.29 ? 4   CYS B CA 1 
ATOM 381 C CA . GLY B 1 5   ? 87.043  -27.212 -2.452  1.00 23.57 ? 5   GLY B CA 1 
ATOM 382 C CA . SER B 1 6   ? 86.048  -29.953 -0.027  1.00 22.23 ? 6   SER B CA 1 
ATOM 383 C CA . PRO B 1 7   ? 82.264  -29.947 0.575   1.00 25.01 ? 7   PRO B CA 1 
ATOM 384 C CA . PRO B 1 8   ? 81.010  -28.677 3.914   1.00 25.28 ? 8   PRO B CA 1 
ATOM 385 C CA . PRO B 1 9   ? 80.732  -31.506 6.497   1.00 32.22 ? 9   PRO B CA 1 
ATOM 386 C CA . ILE B 1 10  ? 77.464  -32.599 8.024   1.00 34.36 ? 10  ILE B CA 1 
ATOM 387 C CA . LEU B 1 11  ? 77.196  -33.741 11.610  1.00 34.63 ? 11  LEU B CA 1 
ATOM 388 C CA . ASN B 1 12  ? 75.266  -36.995 12.034  1.00 30.29 ? 12  ASN B CA 1 
ATOM 389 C CA . GLY B 1 13  ? 74.879  -37.299 8.305   1.00 28.72 ? 13  GLY B CA 1 
ATOM 390 C CA . ARG B 1 14  ? 76.575  -38.645 5.197   1.00 31.15 ? 14  ARG B CA 1 
ATOM 391 C CA . ILE B 1 15  ? 77.771  -37.162 1.944   1.00 26.75 ? 15  ILE B CA 1 
ATOM 392 C CA . SER B 1 16  ? 77.702  -39.157 -1.282  1.00 32.61 ? 16  SER B CA 1 
ATOM 393 C CA . TYR B 1 17  ? 80.995  -40.437 -2.742  1.00 46.29 ? 17  TYR B CA 1 
ATOM 394 C CA . TYR B 1 18  ? 82.798  -37.912 -4.961  1.00 44.93 ? 18  TYR B CA 1 
ATOM 395 C CA . SER B 1 19  ? 85.963  -37.902 -7.093  1.00 49.17 ? 19  SER B CA 1 
ATOM 396 C CA . THR B 1 20  ? 88.853  -35.448 -6.868  1.00 49.40 ? 20  THR B CA 1 
ATOM 397 C CA . PRO B 1 21  ? 89.373  -32.777 -8.021  1.00 43.20 ? 21  PRO B CA 1 
ATOM 398 C CA . ILE B 1 22  ? 85.822  -31.446 -7.576  1.00 37.29 ? 22  ILE B CA 1 
ATOM 399 C CA . ALA B 1 23  ? 84.874  -30.099 -11.037 1.00 30.19 ? 23  ALA B CA 1 
ATOM 400 C CA . VAL B 1 24  ? 82.295  -27.418 -11.825 1.00 26.92 ? 24  VAL B CA 1 
ATOM 401 C CA . GLY B 1 25  ? 79.013  -29.267 -12.256 1.00 31.93 ? 25  GLY B CA 1 
ATOM 402 C CA . THR B 1 26  ? 79.737  -31.914 -9.638  1.00 29.37 ? 26  THR B CA 1 
ATOM 403 C CA . VAL B 1 27  ? 76.598  -32.777 -7.583  1.00 29.71 ? 27  VAL B CA 1 
ATOM 404 C CA . ILE B 1 28  ? 76.973  -33.893 -3.946  1.00 34.25 ? 28  ILE B CA 1 
ATOM 405 C CA . ARG B 1 29  ? 74.111  -35.428 -1.941  1.00 32.43 ? 29  ARG B CA 1 
ATOM 406 C CA . TYR B 1 30  ? 73.645  -35.177 1.835   1.00 31.30 ? 30  TYR B CA 1 
ATOM 407 C CA . SER B 1 31  ? 71.484  -37.492 3.964   1.00 24.95 ? 31  SER B CA 1 
ATOM 408 C CA . CYS B 1 32  ? 70.772  -38.240 7.639   1.00 32.41 ? 32  CYS B CA 1 
ATOM 409 C CA . SER B 1 33  ? 70.484  -41.429 9.748   1.00 56.15 ? 33  SER B CA 1 
ATOM 410 C CA . GLY B 1 34  ? 67.060  -42.818 10.492  1.00 47.70 ? 34  GLY B CA 1 
ATOM 411 C CA . THR B 1 35  ? 66.475  -41.013 13.749  1.00 40.76 ? 35  THR B CA 1 
ATOM 412 C CA . PHE B 1 36  ? 67.540  -37.681 12.319  1.00 31.01 ? 36  PHE B CA 1 
ATOM 413 C CA . ARG B 1 37  ? 65.880  -35.308 9.911   1.00 29.69 ? 37  ARG B CA 1 
ATOM 414 C CA . LEU B 1 38  ? 67.540  -33.399 7.073   1.00 30.62 ? 38  LEU B CA 1 
ATOM 415 C CA . ILE B 1 39  ? 66.908  -29.641 7.170   1.00 27.37 ? 39  ILE B CA 1 
ATOM 416 C CA . GLY B 1 40  ? 67.626  -27.830 3.888   1.00 23.62 ? 40  GLY B CA 1 
ATOM 417 C CA . GLU B 1 41  ? 68.237  -28.849 0.265   1.00 29.50 ? 41  GLU B CA 1 
ATOM 418 C CA . LYS B 1 42  ? 70.008  -32.238 0.062   1.00 32.03 ? 42  LYS B CA 1 
ATOM 419 C CA . SER B 1 43  ? 72.076  -31.652 -3.109  1.00 33.61 ? 43  SER B CA 1 
ATOM 420 C CA . LEU B 1 44  ? 74.828  -29.123 -3.548  1.00 25.34 ? 44  LEU B CA 1 
ATOM 421 C CA . LEU B 1 45  ? 76.170  -28.190 -6.967  1.00 26.17 ? 45  LEU B CA 1 
ATOM 422 C CA . CYS B 1 46  ? 79.733  -27.058 -7.656  1.00 22.87 ? 46  CYS B CA 1 
ATOM 423 C CA . ILE B 1 47  ? 79.323  -23.865 -9.684  1.00 28.64 ? 47  ILE B CA 1 
ATOM 424 C CA . THR B 1 48  ? 81.385  -20.843 -10.735 1.00 27.24 ? 48  THR B CA 1 
ATOM 425 C CA . LYS B 1 49  ? 79.856  -17.364 -10.561 1.00 25.65 ? 49  LYS B CA 1 
ATOM 426 C CA . ASP B 1 50  ? 82.911  -15.373 -11.753 1.00 29.77 ? 50  ASP B CA 1 
ATOM 427 C CA . LYS B 1 51  ? 84.368  -17.902 -14.183 1.00 31.18 ? 51  LYS B CA 1 
ATOM 428 C CA . VAL B 1 52  ? 87.542  -18.050 -12.115 1.00 26.37 ? 52  VAL B CA 1 
ATOM 429 C CA . ASP B 1 53  ? 86.788  -19.668 -8.751  1.00 26.94 ? 53  ASP B CA 1 
ATOM 430 C CA . GLY B 1 54  ? 84.378  -22.493 -7.905  1.00 24.10 ? 54  GLY B CA 1 
ATOM 431 C CA . THR B 1 55  ? 81.861  -22.463 -5.014  1.00 20.36 ? 55  THR B CA 1 
ATOM 432 C CA . TRP B 1 56  ? 79.149  -24.850 -3.874  1.00 25.54 ? 56  TRP B CA 1 
ATOM 433 C CA . ASP B 1 57  ? 75.818  -23.267 -4.876  1.00 25.81 ? 57  ASP B CA 1 
ATOM 434 C CA . LYS B 1 58  ? 74.343  -23.377 -1.378  1.00 27.97 ? 58  LYS B CA 1 
ATOM 435 C CA . PRO B 1 59  ? 75.197  -24.020 2.266   1.00 22.11 ? 59  PRO B CA 1 
ATOM 436 C CA . ALA B 1 60  ? 75.252  -27.618 3.411   1.00 26.37 ? 60  ALA B CA 1 
ATOM 437 C CA . PRO B 1 61  ? 71.963  -28.816 4.964   1.00 19.99 ? 61  PRO B CA 1 
ATOM 438 C CA . LYS B 1 62  ? 71.958  -30.145 8.589   1.00 26.90 ? 62  LYS B CA 1 
ATOM 439 C CA . CYS B 1 63  ? 70.753  -33.249 10.420  1.00 27.27 ? 63  CYS B CA 1 
ATOM 440 C CA . GLU B 1 64  ? 70.589  -35.181 13.439  1.00 0.00  ? 64  GLU B CA 1 
ATOM 441 C CA . TYR B 1 65  ? 72.777  -38.322 13.946  1.00 0.00  ? 65  TYR B CA 1 
ATOM 442 C CA . PHE B 1 66  ? 73.715  -39.484 17.614  1.00 0.00  ? 66  PHE B CA 1 
ATOM 443 C CA . ASN B 1 67  ? 70.726  -38.552 19.955  1.00 0.00  ? 67  ASN B CA 1 
ATOM 444 C CA . LYS B 1 68  ? 67.129  -39.158 18.668  1.00 0.00  ? 68  LYS B CA 1 
ATOM 445 C CA . TYR B 1 69  ? 64.379  -42.014 19.409  1.00 0.00  ? 69  TYR B CA 1 
ATOM 446 C CA . SER B 1 70  ? 61.758  -43.788 21.436  1.00 0.00  ? 70  SER B CA 1 
ATOM 447 C CA . SER B 1 71  ? 58.747  -43.778 19.045  1.00 0.00  ? 71  SER B CA 1 
ATOM 448 C CA . CYS B 1 72  ? 57.293  -44.636 15.376  1.00 36.35 ? 72  CYS B CA 1 
ATOM 449 C CA . PRO B 1 73  ? 58.010  -45.534 11.762  1.00 35.61 ? 73  PRO B CA 1 
ATOM 450 C CA . GLU B 1 74  ? 57.190  -43.077 9.020   1.00 36.66 ? 74  GLU B CA 1 
ATOM 451 C CA . PRO B 1 75  ? 53.399  -43.085 8.652   1.00 31.16 ? 75  PRO B CA 1 
ATOM 452 C CA . ILE B 1 76  ? 52.435  -43.503 5.016   1.00 41.40 ? 76  ILE B CA 1 
ATOM 453 C CA . VAL B 1 77  ? 49.060  -42.911 3.424   1.00 38.30 ? 77  VAL B CA 1 
ATOM 454 C CA . PRO B 1 78  ? 48.729  -43.870 -0.247  1.00 40.96 ? 78  PRO B CA 1 
ATOM 455 C CA . GLY B 1 79  ? 46.951  -41.161 -2.156  1.00 36.40 ? 79  GLY B CA 1 
ATOM 456 C CA . GLY B 1 80  ? 47.909  -38.627 0.518   1.00 39.25 ? 80  GLY B CA 1 
ATOM 457 C CA . TYR B 1 81  ? 50.776  -36.685 2.135   1.00 33.04 ? 81  TYR B CA 1 
ATOM 458 C CA . LYS B 1 82  ? 51.808  -35.019 5.401   1.00 29.94 ? 82  LYS B CA 1 
ATOM 459 C CA . ILE B 1 83  ? 50.914  -31.384 5.991   1.00 21.30 ? 83  ILE B CA 1 
ATOM 460 C CA . ARG B 1 84  ? 52.205  -31.356 9.540   1.00 25.74 ? 84  ARG B CA 1 
ATOM 461 C CA . GLY B 1 85  ? 54.883  -33.195 11.535  1.00 23.64 ? 85  GLY B CA 1 
ATOM 462 C CA . SER B 1 86  ? 58.025  -34.899 10.140  1.00 34.32 ? 86  SER B CA 1 
ATOM 463 C CA . THR B 1 87  ? 60.801  -37.297 11.156  1.00 29.87 ? 87  THR B CA 1 
ATOM 464 C CA . PRO B 1 88  ? 61.998  -38.219 13.741  1.00 33.13 ? 88  PRO B CA 1 
ATOM 465 C CA . TYR B 1 89  ? 58.717  -39.519 15.202  1.00 29.55 ? 89  TYR B CA 1 
ATOM 466 C CA . ARG B 1 90  ? 58.943  -39.618 19.009  1.00 21.94 ? 90  ARG B CA 1 
ATOM 467 C CA . HIS B 1 91  ? 56.537  -40.283 21.856  1.00 28.69 ? 91  HIS B CA 1 
ATOM 468 C CA . GLY B 1 92  ? 53.680  -37.790 21.804  1.00 20.48 ? 92  GLY B CA 1 
ATOM 469 C CA . ASP B 1 93  ? 54.574  -36.403 18.336  1.00 19.73 ? 93  ASP B CA 1 
ATOM 470 C CA . SER B 1 94  ? 51.702  -35.882 15.976  1.00 27.05 ? 94  SER B CA 1 
ATOM 471 C CA . VAL B 1 95  ? 51.265  -36.036 12.226  1.00 26.56 ? 95  VAL B CA 1 
ATOM 472 C CA . THR B 1 96  ? 48.481  -34.540 10.115  1.00 23.14 ? 96  THR B CA 1 
ATOM 473 C CA . PHE B 1 97  ? 47.669  -35.813 6.586   1.00 27.82 ? 97  PHE B CA 1 
ATOM 474 C CA . ALA B 1 98  ? 45.828  -34.365 3.544   1.00 34.14 ? 98  ALA B CA 1 
ATOM 475 C CA . CYS B 1 99  ? 44.716  -36.221 0.406   1.00 39.15 ? 99  CYS B CA 1 
ATOM 476 C CA . LYS B 1 100 ? 46.169  -35.441 -3.020  1.00 40.35 ? 100 LYS B CA 1 
ATOM 477 C CA . THR B 1 101 ? 43.950  -33.887 -5.719  1.00 48.55 ? 101 THR B CA 1 
ATOM 478 C CA . ASN B 1 102 ? 41.131  -36.220 -6.862  1.00 48.36 ? 102 ASN B CA 1 
ATOM 479 C CA . PHE B 1 103 ? 41.364  -38.057 -3.547  1.00 44.54 ? 103 PHE B CA 1 
ATOM 480 C CA . SER B 1 104 ? 39.067  -37.809 -0.544  1.00 47.47 ? 104 SER B CA 1 
ATOM 481 C CA . MET B 1 105 ? 39.919  -38.730 3.027   1.00 50.16 ? 105 MET B CA 1 
ATOM 482 C CA . ASN B 1 106 ? 38.426  -41.436 5.209   1.00 56.25 ? 106 ASN B CA 1 
ATOM 483 C CA . GLY B 1 107 ? 39.126  -41.544 8.909   1.00 44.02 ? 107 GLY B CA 1 
ATOM 484 C CA . ASN B 1 108 ? 40.906  -39.117 11.208  1.00 47.08 ? 108 ASN B CA 1 
ATOM 485 C CA . LYS B 1 109 ? 43.484  -36.863 9.580   1.00 35.55 ? 109 LYS B CA 1 
ATOM 486 C CA . SER B 1 110 ? 45.855  -36.710 12.595  1.00 31.62 ? 110 SER B CA 1 
ATOM 487 C CA . VAL B 1 111 ? 47.722  -39.441 14.418  1.00 28.12 ? 111 VAL B CA 1 
ATOM 488 C CA . TRP B 1 112 ? 50.021  -39.566 17.458  1.00 21.46 ? 112 TRP B CA 1 
ATOM 489 C CA . CYS B 1 113 ? 53.151  -41.608 18.040  1.00 22.66 ? 113 CYS B CA 1 
ATOM 490 C CA . GLN B 1 114 ? 52.292  -43.864 21.023  1.00 27.53 ? 114 GLN B CA 1 
ATOM 491 C CA . ALA B 1 115 ? 54.592  -45.412 23.648  1.00 32.79 ? 115 ALA B CA 1 
ATOM 492 C CA . ASN B 1 116 ? 54.149  -48.839 22.005  1.00 38.02 ? 116 ASN B CA 1 
ATOM 493 C CA . ASN B 1 117 ? 55.772  -47.358 18.845  1.00 31.01 ? 117 ASN B CA 1 
ATOM 494 C CA . MET B 1 118 ? 52.566  -47.350 16.874  1.00 30.69 ? 118 MET B CA 1 
ATOM 495 C CA . TRP B 1 119 ? 50.486  -44.547 15.474  1.00 32.04 ? 119 TRP B CA 1 
ATOM 496 C CA . GLY B 1 120 ? 47.535  -42.717 17.003  1.00 40.39 ? 120 GLY B CA 1 
ATOM 497 C CA . PRO B 1 121 ? 44.483  -43.896 18.884  1.00 40.69 ? 121 PRO B CA 1 
ATOM 498 C CA . THR B 1 122 ? 42.790  -44.407 15.487  1.00 38.91 ? 122 THR B CA 1 
ATOM 499 C CA . ARG B 1 123 ? 44.071  -46.136 12.364  1.00 46.43 ? 123 ARG B CA 1 
ATOM 500 C CA . LEU B 1 124 ? 45.847  -44.063 9.678   1.00 35.68 ? 124 LEU B CA 1 
ATOM 501 C CA . PRO B 1 125 ? 43.407  -42.236 7.426   1.00 35.47 ? 125 PRO B CA 1 
ATOM 502 C CA . THR B 1 126 ? 42.885  -43.418 3.857   1.00 41.03 ? 126 THR B CA 1 
ATOM 503 C CA . CYS B 1 127 ? 42.621  -41.483 0.605   1.00 48.44 ? 127 CYS B CA 1 
ATOM 504 C CA . VAL B 1 128 ? 40.210  -44.201 -0.883  1.00 0.00  ? 128 VAL B CA 1 
ATOM 505 C CA . SER B 1 129 ? 36.833  -42.170 -0.634  1.00 0.00  ? 129 SER B CA 1 
ATOM 506 C CA . VAL B 1 130 ? 34.873  -43.352 -3.623  1.00 0.00  ? 130 VAL B CA 1 
ATOM 507 C CA . PHE B 1 131 ? 31.963  -42.121 -3.235  1.00 0.00  ? 131 PHE B CA 1 
ATOM 508 C CA . PRO B 1 132 ? 29.068  -40.681 -0.736  1.00 0.00  ? 132 PRO B CA 1 
ATOM 509 C CA . LEU B 1 133 ? 27.033  -39.499 -3.672  1.00 0.00  ? 133 LEU B CA 1 
ATOM 510 C CA . GLU B 1 134 ? 24.065  -37.361 -1.726  1.00 0.00  ? 134 GLU B CA 1 
ATOM 511 C CA . GLY B 1 135 ? 23.958  -33.449 -1.972  1.00 0.00  ? 135 GLY B CA 1 
ATOM 512 C CA . SER B 1 136 ? 21.086  -31.088 -3.239  1.00 0.00  ? 136 SER B CA 1 
ATOM 513 C CA . ILE B 1 137 ? 19.254  -28.364 -1.087  1.00 0.00  ? 137 ILE B CA 1 
ATOM 514 C CA . GLU B 1 138 ? 15.689  -28.816 -2.476  1.00 0.00  ? 138 GLU B CA 1 
ATOM 515 C CA . GLY B 1 139 ? 13.754  -25.539 -1.402  1.00 0.00  ? 139 GLY B CA 1 
ATOM 516 C CA . ARG B 1 140 ? 10.326  -27.063 -2.483  1.00 0.00  ? 140 ARG B CA 1 
ATOM 517 C CA . GLY B 1 141 ? 7.636   -24.544 -3.604  1.00 0.00  ? 141 GLY B CA 1 
ATOM 518 C CA . GLY B 1 142 ? 7.134   -24.468 -7.427  1.00 0.00  ? 142 GLY B CA 1 
ATOM 519 C CA . SER B 1 143 ? 9.506   -24.066 -10.311 1.00 0.00  ? 143 SER B CA 1 
ATOM 520 C CA . GLU B 1 144 ? 10.332  -20.668 -12.197 1.00 0.00  ? 144 GLU B CA 1 
ATOM 521 C CA . LEU B 1 145 ? 11.870  -17.404 -11.008 1.00 0.00  ? 145 LEU B CA 1 
ATOM 522 C CA . ALA B 1 146 ? 15.843  -17.816 -10.326 1.00 0.00  ? 146 ALA B CA 1 
ATOM 523 C CA . ASP B 1 147 ? 18.481  -19.472 -7.942  1.00 0.00  ? 147 ASP B CA 1 
ATOM 524 C CA . PRO B 1 148 ? 18.918  -23.394 -7.914  1.00 0.00  ? 148 PRO B CA 1 
ATOM 525 C CA . GLU B 1 149 ? 17.272  -24.080 -5.087  1.00 0.00  ? 149 GLU B CA 1 
ATOM 526 C CA . VAL B 1 150 ? 16.145  -20.778 -3.191  1.00 0.00  ? 150 VAL B CA 1 
ATOM 527 C CA . PRO B 1 151 ? 14.161  -18.703 -5.907  1.00 0.00  ? 151 PRO B CA 1 
ATOM 528 C CA . ARG B 1 152 ? 11.434  -16.633 -3.869  1.00 0.00  ? 152 ARG B CA 1 
ATOM 529 C CA . ASP B 1 153 ? 11.136  -13.827 -2.198  1.00 0.00  ? 153 ASP B CA 1 
ATOM 530 C CA . CYS B 1 154 ? 13.855  -11.845 -4.148  1.00 0.00  ? 154 CYS B CA 1 
ATOM 531 C CA . GLY B 1 155 ? 12.969  -11.332 -7.247  1.00 0.00  ? 155 GLY B CA 1 
ATOM 532 C CA . CYS B 1 156 ? 12.591  -7.684  -5.933  1.00 0.00  ? 156 CYS B CA 1 
ATOM 533 C CA . LYS B 1 157 ? 13.175  -4.400  -3.984  1.00 0.00  ? 157 LYS B CA 1 
ATOM 534 C CA . PRO B 1 158 ? 11.095  -2.367  -6.873  1.00 0.00  ? 158 PRO B CA 1 
ATOM 535 C CA . CYS B 1 159 ? 7.696   -4.497  -6.960  1.00 0.00  ? 159 CYS B CA 1 
ATOM 536 C CA . ILE B 1 160 ? 4.277   -3.666  -5.320  1.00 0.00  ? 160 ILE B CA 1 
ATOM 537 C CA . CYS B 1 161 ? 0.991   -1.899  -6.058  1.00 0.00  ? 161 CYS B CA 1 
ATOM 538 C CA . THR B 1 162 ? -0.507  1.463   -4.887  1.00 0.00  ? 162 THR B CA 1 
ATOM 539 C CA . VAL B 1 163 ? -3.934  1.505   -3.033  1.00 0.00  ? 163 VAL B CA 1 
ATOM 540 C CA . PRO B 1 164 ? -5.868  4.622   -4.595  1.00 0.00  ? 164 PRO B CA 1 
ATOM 541 C CA . GLU B 1 165 ? -9.071  3.953   -2.463  1.00 0.00  ? 165 GLU B CA 1 
ATOM 542 C CA . VAL B 1 166 ? -9.574  7.646   -1.437  1.00 0.00  ? 166 VAL B CA 1 
ATOM 543 C CA . SER B 1 167 ? -12.816 9.270   -0.263  1.00 0.00  ? 167 SER B CA 1 
ATOM 544 C CA . SER B 1 168 ? -15.712 10.699  -2.254  1.00 0.00  ? 168 SER B CA 1 
ATOM 545 C CA . VAL B 1 169 ? -17.560 13.926  -1.276  1.00 0.00  ? 169 VAL B CA 1 
ATOM 546 C CA . PHE B 1 170 ? -21.293 14.714  -1.667  1.00 0.00  ? 170 PHE B CA 1 
ATOM 547 C CA . ILE B 1 171 ? -22.748 18.213  -1.708  1.00 0.00  ? 171 ILE B CA 1 
ATOM 548 C CA . PHE B 1 172 ? -26.342 18.495  -0.512  1.00 0.00  ? 172 PHE B CA 1 
ATOM 549 C CA . PRO B 1 173 ? -28.794 21.426  -1.134  1.00 0.00  ? 173 PRO B CA 1 
ATOM 550 C CA . PRO B 1 174 ? -30.335 23.474  1.718   1.00 0.00  ? 174 PRO B CA 1 
ATOM 551 C CA . LYS B 1 175 ? -33.849 22.744  2.956   1.00 0.00  ? 175 LYS B CA 1 
ATOM 552 C CA . PRO B 1 176 ? -36.511 24.788  1.067   1.00 0.00  ? 176 PRO B CA 1 
ATOM 553 C CA . LYS B 1 177 ? -37.877 26.065  4.402   1.00 0.00  ? 177 LYS B CA 1 
ATOM 554 C CA . ASP B 1 178 ? -34.473 27.613  5.223   1.00 0.00  ? 178 ASP B CA 1 
ATOM 555 C CA . VAL B 1 179 ? -34.270 29.368  1.845   1.00 0.00  ? 179 VAL B CA 1 
ATOM 556 C CA . LEU B 1 180 ? -37.833 30.654  2.383   1.00 0.00  ? 180 LEU B CA 1 
ATOM 557 C CA . THR B 1 181 ? -38.236 31.644  6.048   1.00 0.00  ? 181 THR B CA 1 
ATOM 558 C CA . ILE B 1 182 ? -36.259 34.896  6.180   1.00 0.00  ? 182 ILE B CA 1 
ATOM 559 C CA . THR B 1 183 ? -35.145 34.573  9.841   1.00 0.00  ? 183 THR B CA 1 
ATOM 560 C CA . LEU B 1 184 ? -33.664 31.149  9.055   1.00 0.00  ? 184 LEU B CA 1 
ATOM 561 C CA . THR B 1 185 ? -30.243 30.952  7.392   1.00 0.00  ? 185 THR B CA 1 
ATOM 562 C CA . PRO B 1 186 ? -29.931 28.453  4.445   1.00 0.00  ? 186 PRO B CA 1 
ATOM 563 C CA . LYS B 1 187 ? -26.860 26.260  5.048   1.00 0.00  ? 187 LYS B CA 1 
ATOM 564 C CA . VAL B 1 188 ? -25.472 24.198  2.172   1.00 0.00  ? 188 VAL B CA 1 
ATOM 565 C CA . THR B 1 189 ? -23.627 21.019  3.115   1.00 0.00  ? 189 THR B CA 1 
ATOM 566 C CA . CYS B 1 190 ? -20.853 18.963  1.581   1.00 0.00  ? 190 CYS B CA 1 
ATOM 567 C CA . VAL B 1 191 ? -19.414 15.944  3.378   1.00 0.00  ? 191 VAL B CA 1 
ATOM 568 C CA . VAL B 1 192 ? -16.663 13.348  2.711   1.00 0.00  ? 192 VAL B CA 1 
ATOM 569 C CA . VAL B 1 193 ? -17.073 9.614   3.511   1.00 0.00  ? 193 VAL B CA 1 
ATOM 570 C CA . ASP B 1 194 ? -14.165 7.147   3.009   1.00 0.00  ? 194 ASP B CA 1 
ATOM 571 C CA . ILE B 1 195 ? -11.795 8.592   5.658   1.00 0.00  ? 195 ILE B CA 1 
ATOM 572 C CA . SER B 1 196 ? -9.294  6.384   7.493   1.00 0.00  ? 196 SER B CA 1 
ATOM 573 C CA . LYS B 1 197 ? -6.925  6.995   10.405  1.00 0.00  ? 197 LYS B CA 1 
ATOM 574 C CA . ASP B 1 198 ? -4.735  9.176   8.169   1.00 0.00  ? 198 ASP B CA 1 
ATOM 575 C CA . ASP B 1 199 ? -6.803  11.734  6.176   1.00 0.00  ? 199 ASP B CA 1 
ATOM 576 C CA . PRO B 1 200 ? -6.153  15.006  8.098   1.00 0.00  ? 200 PRO B CA 1 
ATOM 577 C CA . GLU B 1 201 ? -8.679  17.809  8.616   1.00 0.00  ? 201 GLU B CA 1 
ATOM 578 C CA . VAL B 1 202 ? -9.120  17.825  4.798   1.00 0.00  ? 202 VAL B CA 1 
ATOM 579 C CA . GLN B 1 203 ? -9.421  21.638  4.622   1.00 0.00  ? 203 GLN B CA 1 
ATOM 580 C CA . PHE B 1 204 ? -12.799 22.539  3.071   1.00 0.00  ? 204 PHE B CA 1 
ATOM 581 C CA . SER B 1 205 ? -13.138 25.621  0.820   1.00 0.00  ? 205 SER B CA 1 
ATOM 582 C CA . TRP B 1 206 ? -16.213 26.892  -1.045  1.00 0.00  ? 206 TRP B CA 1 
ATOM 583 C CA . PHE B 1 207 ? -16.737 28.851  -4.297  1.00 0.00  ? 207 PHE B CA 1 
ATOM 584 C CA . VAL B 1 208 ? -19.851 31.006  -4.851  1.00 0.00  ? 208 VAL B CA 1 
ATOM 585 C CA . ASP B 1 209 ? -19.307 31.589  -8.615  1.00 0.00  ? 209 ASP B CA 1 
ATOM 586 C CA . ASP B 1 210 ? -15.519 31.368  -8.991  1.00 0.00  ? 210 ASP B CA 1 
ATOM 587 C CA . VAL B 1 211 ? -14.892 33.554  -5.913  1.00 0.00  ? 211 VAL B CA 1 
ATOM 588 C CA . GLU B 1 212 ? -14.027 31.608  -2.706  1.00 0.00  ? 212 GLU B CA 1 
ATOM 589 C CA . VAL B 1 213 ? -15.309 32.644  0.755   1.00 0.00  ? 213 VAL B CA 1 
ATOM 590 C CA . HIS B 1 214 ? -15.042 32.052  4.514   1.00 0.00  ? 214 HIS B CA 1 
ATOM 591 C CA . THR B 1 215 ? -17.507 29.306  5.494   1.00 0.00  ? 215 THR B CA 1 
ATOM 592 C CA . ALA B 1 216 ? -18.180 29.724  9.255   1.00 0.00  ? 216 ALA B CA 1 
ATOM 593 C CA . GLN B 1 217 ? -15.456 27.302  10.452  1.00 0.00  ? 217 GLN B CA 1 
ATOM 594 C CA . THR B 1 218 ? -18.003 24.672  9.373   1.00 0.00  ? 218 THR B CA 1 
ATOM 595 C CA . GLN B 1 219 ? -15.972 21.636  10.372  1.00 0.00  ? 219 GLN B CA 1 
ATOM 596 C CA . PRO B 1 220 ? -17.563 19.426  13.073  1.00 0.00  ? 220 PRO B CA 1 
ATOM 597 C CA . ARG B 1 221 ? -15.569 16.795  11.157  1.00 0.00  ? 221 ARG B CA 1 
ATOM 598 C CA . GLU B 1 222 ? -14.485 13.199  11.851  1.00 0.00  ? 222 GLU B CA 1 
ATOM 599 C CA . GLU B 1 223 ? -17.030 10.838  13.373  1.00 0.00  ? 223 GLU B CA 1 
ATOM 600 C CA . GLN B 1 224 ? -15.952 7.225   13.896  1.00 0.00  ? 224 GLN B CA 1 
ATOM 601 C CA . PHE B 1 225 ? -18.618 5.586   11.690  1.00 0.00  ? 225 PHE B CA 1 
ATOM 602 C CA . ASN B 1 226 ? -19.017 1.981   10.393  1.00 0.00  ? 226 ASN B CA 1 
ATOM 603 C CA . SER B 1 227 ? -15.229 1.685   10.036  1.00 0.00  ? 227 SER B CA 1 
ATOM 604 C CA . THR B 1 228 ? -14.390 5.104   8.560   1.00 0.00  ? 228 THR B CA 1 
ATOM 605 C CA . PHE B 1 229 ? -14.982 8.747   9.636   1.00 0.00  ? 229 PHE B CA 1 
ATOM 606 C CA . ARG B 1 230 ? -17.030 11.613  8.133   1.00 0.00  ? 230 ARG B CA 1 
ATOM 607 C CA . SER B 1 231 ? -16.056 15.291  7.877   1.00 0.00  ? 231 SER B CA 1 
ATOM 608 C CA . VAL B 1 232 ? -18.907 17.797  7.593   1.00 0.00  ? 232 VAL B CA 1 
ATOM 609 C CA . SER B 1 233 ? -18.919 21.348  6.165   1.00 0.00  ? 233 SER B CA 1 
ATOM 610 C CA . GLU B 1 234 ? -22.280 23.130  6.792   1.00 0.00  ? 234 GLU B CA 1 
ATOM 611 C CA . LEU B 1 235 ? -21.613 26.609  5.333   1.00 0.00  ? 235 LEU B CA 1 
ATOM 612 C CA . PRO B 1 236 ? -24.519 29.080  5.681   1.00 0.00  ? 236 PRO B CA 1 
ATOM 613 C CA . ILE B 1 237 ? -25.363 31.435  2.824   1.00 0.00  ? 237 ILE B CA 1 
ATOM 614 C CA . MET B 1 238 ? -27.698 34.297  1.896   1.00 0.00  ? 238 MET B CA 1 
ATOM 615 C CA . HIS B 1 239 ? -31.218 33.315  0.748   1.00 0.00  ? 239 HIS B CA 1 
ATOM 616 C CA . GLN B 1 240 ? -31.301 35.455  -2.377  1.00 0.00  ? 240 GLN B CA 1 
ATOM 617 C CA . ASP B 1 241 ? -27.975 33.878  -3.556  1.00 0.00  ? 241 ASP B CA 1 
ATOM 618 C CA . TRP B 1 242 ? -29.397 30.389  -4.106  1.00 0.00  ? 242 TRP B CA 1 
ATOM 619 C CA . LEU B 1 243 ? -32.711 31.967  -5.140  1.00 0.00  ? 243 LEU B CA 1 
ATOM 620 C CA . ASN B 1 244 ? -30.970 34.007  -7.818  1.00 0.00  ? 244 ASN B CA 1 
ATOM 621 C CA . GLY B 1 245 ? -29.151 30.829  -8.840  1.00 0.00  ? 245 GLY B CA 1 
ATOM 622 C CA . LYS B 1 246 ? -25.494 30.689  -7.771  1.00 0.00  ? 246 LYS B CA 1 
ATOM 623 C CA . GLU B 1 247 ? -23.077 27.676  -7.877  1.00 0.00  ? 247 GLU B CA 1 
ATOM 624 C CA . PHE B 1 248 ? -21.428 26.077  -4.805  1.00 0.00  ? 248 PHE B CA 1 
ATOM 625 C CA . LYS B 1 249 ? -17.974 24.490  -5.233  1.00 0.00  ? 249 LYS B CA 1 
ATOM 626 C CA . CYS B 1 250 ? -16.556 22.674  -2.219  1.00 0.00  ? 250 CYS B CA 1 
ATOM 627 C CA . ARG B 1 251 ? -12.792 22.413  -2.975  1.00 0.00  ? 251 ARG B CA 1 
ATOM 628 C CA . VAL B 1 252 ? -10.847 20.215  -0.576  1.00 0.00  ? 252 VAL B CA 1 
ATOM 629 C CA . ASN B 1 253 ? -7.212  19.148  -0.252  1.00 0.00  ? 253 ASN B CA 1 
ATOM 630 C CA . SER B 1 254 ? -5.635  16.276  1.652   1.00 0.00  ? 254 SER B CA 1 
ATOM 631 C CA . ALA B 1 255 ? -2.379  14.272  1.622   1.00 0.00  ? 255 ALA B CA 1 
ATOM 632 C CA . ALA B 1 256 ? -3.898  11.116  0.069   1.00 0.00  ? 256 ALA B CA 1 
ATOM 633 C CA . PHE B 1 257 ? -5.972  13.054  -2.530  1.00 0.00  ? 257 PHE B CA 1 
ATOM 634 C CA . PRO B 1 258 ? -4.769  12.574  -6.157  1.00 0.00  ? 258 PRO B CA 1 
ATOM 635 C CA . ALA B 1 259 ? -6.610  15.787  -7.037  1.00 0.00  ? 259 ALA B CA 1 
ATOM 636 C CA . PRO B 1 260 ? -8.325  18.617  -5.016  1.00 0.00  ? 260 PRO B CA 1 
ATOM 637 C CA . ILE B 1 261 ? -11.927 17.619  -5.814  1.00 0.00  ? 261 ILE B CA 1 
ATOM 638 C CA . GLU B 1 262 ? -15.056 19.804  -5.574  1.00 0.00  ? 262 GLU B CA 1 
ATOM 639 C CA . LYS B 1 263 ? -18.730 19.819  -6.596  1.00 0.00  ? 263 LYS B CA 1 
ATOM 640 C CA . THR B 1 264 ? -21.294 22.579  -7.036  1.00 0.00  ? 264 THR B CA 1 
ATOM 641 C CA . ILE B 1 265 ? -25.018 22.564  -6.268  1.00 0.00  ? 265 ILE B CA 1 
ATOM 642 C CA . SER B 1 266 ? -26.771 25.493  -8.058  1.00 0.00  ? 266 SER B CA 1 
ATOM 643 C CA . LYS B 1 267 ? -30.563 25.039  -8.387  1.00 0.00  ? 267 LYS B CA 1 
ATOM 644 C CA . THR B 1 268 ? -33.357 23.138  -10.170 1.00 0.00  ? 268 THR B CA 1 
ATOM 645 C CA . LYS B 1 269 ? -33.591 25.536  -13.130 1.00 0.00  ? 269 LYS B CA 1 
ATOM 646 C CA . GLY B 1 270 ? -36.384 26.785  -15.318 1.00 0.00  ? 270 GLY B CA 1 
ATOM 647 C CA . ARG B 1 271 ? -39.300 29.172  -14.878 1.00 0.00  ? 271 ARG B CA 1 
ATOM 648 C CA . PRO B 1 272 ? -40.955 28.614  -11.420 1.00 0.00  ? 272 PRO B CA 1 
ATOM 649 C CA . LYS B 1 273 ? -44.571 27.404  -11.309 1.00 0.00  ? 273 LYS B CA 1 
ATOM 650 C CA . ALA B 1 274 ? -46.739 27.737  -8.201  1.00 0.00  ? 274 ALA B CA 1 
ATOM 651 C CA . PRO B 1 275 ? -48.643 24.674  -6.894  1.00 0.00  ? 275 PRO B CA 1 
ATOM 652 C CA . GLN B 1 276 ? -52.434 24.949  -7.216  1.00 0.00  ? 276 GLN B CA 1 
ATOM 653 C CA . LEU B 1 277 ? -52.677 23.339  -3.722  1.00 0.00  ? 277 LEU B CA 1 
ATOM 654 C CA . TYR B 1 278 ? -56.090 22.020  -2.713  1.00 0.00  ? 278 TYR B CA 1 
ATOM 655 C CA . THR B 1 279 ? -57.703 20.165  0.152   1.00 0.00  ? 279 THR B CA 1 
ATOM 656 C CA . ILE B 1 280 ? -59.787 16.997  0.266   1.00 0.00  ? 280 ILE B CA 1 
ATOM 657 C CA . PRO B 1 281 ? -61.495 15.929  3.503   1.00 0.00  ? 281 PRO B CA 1 
ATOM 658 C CA . PRO B 1 282 ? -62.036 12.220  4.376   1.00 0.00  ? 282 PRO B CA 1 
ATOM 659 C CA . PRO B 1 283 ? -64.028 10.224  1.743   1.00 0.00  ? 283 PRO B CA 1 
ATOM 660 C CA . LYS B 1 284 ? -67.629 8.977   2.121   1.00 0.00  ? 284 LYS B CA 1 
ATOM 661 C CA . GLU B 1 285 ? -66.631 5.317   2.240   1.00 0.00  ? 285 GLU B CA 1 
ATOM 662 C CA . GLN B 1 286 ? -64.212 6.018   5.109   1.00 0.00  ? 286 GLN B CA 1 
ATOM 663 C CA . MET B 1 287 ? -66.386 7.716   7.702   1.00 0.00  ? 287 MET B CA 1 
ATOM 664 C CA . ALA B 1 288 ? -67.084 4.939   10.203  1.00 0.00  ? 288 ALA B CA 1 
ATOM 665 C CA . LYS B 1 289 ? -63.414 4.160   10.830  1.00 0.00  ? 289 LYS B CA 1 
ATOM 666 C CA . ASP B 1 290 ? -61.550 5.102   14.008  1.00 0.00  ? 290 ASP B CA 1 
ATOM 667 C CA . LYS B 1 291 ? -59.222 7.542   12.214  1.00 0.00  ? 291 LYS B CA 1 
ATOM 668 C CA . VAL B 1 292 ? -59.455 9.389   8.901   1.00 0.00  ? 292 VAL B CA 1 
ATOM 669 C CA . SER B 1 293 ? -57.274 10.875  6.183   1.00 0.00  ? 293 SER B CA 1 
ATOM 670 C CA . LEU B 1 294 ? -57.464 14.422  4.856   1.00 0.00  ? 294 LEU B CA 1 
ATOM 671 C CA . THR B 1 295 ? -55.030 14.825  1.988   1.00 0.00  ? 295 THR B CA 1 
ATOM 672 C CA . CYS B 1 296 ? -53.536 18.096  0.765   1.00 0.00  ? 296 CYS B CA 1 
ATOM 673 C CA . MET B 1 297 ? -53.236 17.947  -2.993  1.00 0.00  ? 297 MET B CA 1 
ATOM 674 C CA . ILE B 1 298 ? -50.571 20.301  -4.364  1.00 0.00  ? 298 ILE B CA 1 
ATOM 675 C CA . THR B 1 299 ? -50.140 20.099  -8.126  1.00 0.00  ? 299 THR B CA 1 
ATOM 676 C CA . ASP B 1 300 ? -48.422 21.286  -11.297 1.00 0.00  ? 300 ASP B CA 1 
ATOM 677 C CA . PHE B 1 301 ? -45.650 23.333  -9.708  1.00 0.00  ? 301 PHE B CA 1 
ATOM 678 C CA . PHE B 1 302 ? -41.918 23.752  -10.333 1.00 0.00  ? 302 PHE B CA 1 
ATOM 679 C CA . PRO B 1 303 ? -39.492 22.875  -9.074  1.00 0.00  ? 303 PRO B CA 1 
ATOM 680 C CA . GLU B 1 304 ? -39.613 20.138  -6.431  1.00 0.00  ? 304 GLU B CA 1 
ATOM 681 C CA . ASP B 1 305 ? -38.090 22.676  -4.044  1.00 0.00  ? 305 ASP B CA 1 
ATOM 682 C CA . ILE B 1 306 ? -41.158 22.911  -1.830  1.00 0.00  ? 306 ILE B CA 1 
ATOM 683 C CA . THR B 1 307 ? -42.176 22.050  1.752   1.00 0.00  ? 307 THR B CA 1 
ATOM 684 C CA . VAL B 1 308 ? -45.467 21.175  3.484   1.00 0.00  ? 308 VAL B CA 1 
ATOM 685 C CA . GLU B 1 309 ? -47.054 21.301  6.961   1.00 0.00  ? 309 GLU B CA 1 
ATOM 686 C CA . TRP B 1 310 ? -50.533 20.976  8.472   1.00 0.00  ? 310 TRP B CA 1 
ATOM 687 C CA . GLN B 1 311 ? -52.140 22.673  11.474  1.00 0.00  ? 311 GLN B CA 1 
ATOM 688 C CA . TRP B 1 312 ? -54.942 21.190  13.573  1.00 0.00  ? 312 TRP B CA 1 
ATOM 689 C CA . ASN B 1 313 ? -56.695 23.558  15.958  1.00 0.00  ? 313 ASN B CA 1 
ATOM 690 C CA . GLY B 1 314 ? -54.314 26.422  15.063  1.00 0.00  ? 314 GLY B CA 1 
ATOM 691 C CA . GLN B 1 315 ? -50.724 25.163  15.500  1.00 0.00  ? 315 GLN B CA 1 
ATOM 692 C CA . PRO B 1 316 ? -48.164 22.540  14.398  1.00 0.00  ? 316 PRO B CA 1 
ATOM 693 C CA . ALA B 1 317 ? -49.583 18.933  14.530  1.00 0.00  ? 317 ALA B CA 1 
ATOM 694 C CA . GLU B 1 318 ? -48.354 15.345  13.935  1.00 0.00  ? 318 GLU B CA 1 
ATOM 695 C CA . ASN B 1 319 ? -48.963 12.326  11.664  1.00 0.00  ? 319 ASN B CA 1 
ATOM 696 C CA . TYR B 1 320 ? -48.988 14.259  8.403   1.00 0.00  ? 320 TYR B CA 1 
ATOM 697 C CA . LYS B 1 321 ? -46.742 12.597  5.832   1.00 0.00  ? 321 LYS B CA 1 
ATOM 698 C CA . ASN B 1 322 ? -45.621 13.942  2.478   1.00 0.00  ? 322 ASN B CA 1 
ATOM 699 C CA . THR B 1 323 ? -45.106 11.988  -0.713  1.00 0.00  ? 323 THR B CA 1 
ATOM 700 C CA . GLN B 1 324 ? -42.097 12.765  -2.861  1.00 0.00  ? 324 GLN B CA 1 
ATOM 701 C CA . PRO B 1 325 ? -42.329 15.149  -5.863  1.00 0.00  ? 325 PRO B CA 1 
ATOM 702 C CA . ILE B 1 326 ? -43.101 13.153  -8.975  1.00 0.00  ? 326 ILE B CA 1 
ATOM 703 C CA . MET B 1 327 ? -43.160 14.570  -12.475 1.00 0.00  ? 327 MET B CA 1 
ATOM 704 C CA . ASN B 1 328 ? -46.681 14.564  -13.957 1.00 0.00  ? 328 ASN B CA 1 
ATOM 705 C CA . THR B 1 329 ? -47.646 14.455  -17.675 1.00 0.00  ? 329 THR B CA 1 
ATOM 706 C CA . ASN B 1 330 ? -46.891 18.046  -18.815 1.00 0.00  ? 330 ASN B CA 1 
ATOM 707 C CA . GLU B 1 331 ? -43.536 18.265  -17.036 1.00 0.00  ? 331 GLU B CA 1 
ATOM 708 C CA . SER B 1 332 ? -44.832 19.696  -13.777 1.00 0.00  ? 332 SER B CA 1 
ATOM 709 C CA . TYR B 1 333 ? -44.961 18.093  -10.316 1.00 0.00  ? 333 TYR B CA 1 
ATOM 710 C CA . PHE B 1 334 ? -47.456 17.435  -7.524  1.00 0.00  ? 334 PHE B CA 1 
ATOM 711 C CA . VAL B 1 335 ? -47.468 16.142  -3.965  1.00 0.00  ? 335 VAL B CA 1 
ATOM 712 C CA . TYR B 1 336 ? -49.985 14.718  -1.510  1.00 0.00  ? 336 TYR B CA 1 
ATOM 713 C CA . SER B 1 337 ? -49.924 15.402  2.202   1.00 0.00  ? 337 SER B CA 1 
ATOM 714 C CA . LYS B 1 338 ? -52.036 13.133  4.383   1.00 0.00  ? 338 LYS B CA 1 
ATOM 715 C CA . LEU B 1 339 ? -53.316 14.211  7.801   1.00 0.00  ? 339 LEU B CA 1 
ATOM 716 C CA . ASN B 1 340 ? -54.546 11.637  10.295  1.00 0.00  ? 340 ASN B CA 1 
ATOM 717 C CA . VAL B 1 341 ? -57.082 12.270  13.056  1.00 0.00  ? 341 VAL B CA 1 
ATOM 718 C CA . GLN B 1 342 ? -60.134 10.809  14.811  1.00 0.00  ? 342 GLN B CA 1 
ATOM 719 C CA . LYS B 1 343 ? -63.849 11.374  14.077  1.00 0.00  ? 343 LYS B CA 1 
ATOM 720 C CA . SER B 1 344 ? -64.396 13.256  17.324  1.00 0.00  ? 344 SER B CA 1 
ATOM 721 C CA . ASN B 1 345 ? -61.677 15.728  16.284  1.00 0.00  ? 345 ASN B CA 1 
ATOM 722 C CA . TRP B 1 346 ? -62.938 16.143  12.715  1.00 0.00  ? 346 TRP B CA 1 
ATOM 723 C CA . GLU B 1 347 ? -66.681 16.383  13.386  1.00 0.00  ? 347 GLU B CA 1 
ATOM 724 C CA . ALA B 1 348 ? -65.914 18.807  16.209  1.00 0.00  ? 348 ALA B CA 1 
ATOM 725 C CA . GLY B 1 349 ? -65.018 21.312  13.471  1.00 0.00  ? 349 GLY B CA 1 
ATOM 726 C CA . ASN B 1 350 ? -61.583 21.983  14.968  1.00 0.00  ? 350 ASN B CA 1 
ATOM 727 C CA . THR B 1 351 ? -60.319 23.215  11.576  1.00 0.00  ? 351 THR B CA 1 
ATOM 728 C CA . PHE B 1 352 ? -57.099 21.939  10.049  1.00 0.00  ? 352 PHE B CA 1 
ATOM 729 C CA . THR B 1 353 ? -54.749 23.846  7.738   1.00 0.00  ? 353 THR B CA 1 
ATOM 730 C CA . CYS B 1 354 ? -52.237 22.888  5.043   1.00 0.00  ? 354 CYS B CA 1 
ATOM 731 C CA . SER B 1 355 ? -49.378 25.352  4.450   1.00 0.00  ? 355 SER B CA 1 
ATOM 732 C CA . VAL B 1 356 ? -47.209 25.080  1.356   1.00 0.00  ? 356 VAL B CA 1 
ATOM 733 C CA . LEU B 1 357 ? -43.924 26.863  0.696   1.00 0.00  ? 357 LEU B CA 1 
ATOM 734 C CA . HIS B 1 358 ? -42.699 27.232  -2.846  1.00 0.00  ? 358 HIS B CA 1 
ATOM 735 C CA . GLU B 1 359 ? -40.732 30.044  -4.504  1.00 0.00  ? 359 GLU B CA 1 
ATOM 736 C CA . GLY B 1 360 ? -43.318 30.650  -7.226  1.00 0.00  ? 360 GLY B CA 1 
ATOM 737 C CA . LEU B 1 361 ? -45.724 31.547  -4.423  1.00 0.00  ? 361 LEU B CA 1 
ATOM 738 C CA . HIS B 1 362 ? -46.950 34.965  -3.402  1.00 0.00  ? 362 HIS B CA 1 
ATOM 739 C CA . ASN B 1 363 ? -44.272 36.059  -0.934  1.00 0.00  ? 363 ASN B CA 1 
ATOM 740 C CA . HIS B 1 364 ? -42.896 32.531  -1.047  1.00 0.00  ? 364 HIS B CA 1 
ATOM 741 C CA . HIS B 1 365 ? -45.988 31.033  0.594   1.00 0.00  ? 365 HIS B CA 1 
ATOM 742 C CA . THR B 1 366 ? -49.669 30.035  0.489   1.00 0.00  ? 366 THR B CA 1 
ATOM 743 C CA . GLU B 1 367 ? -52.077 27.932  2.563   1.00 0.00  ? 367 GLU B CA 1 
ATOM 744 C CA . LYS B 1 368 ? -55.601 26.540  2.426   1.00 0.00  ? 368 LYS B CA 1 
ATOM 745 C CA . SER B 1 369 ? -57.910 25.203  5.140   1.00 0.00  ? 369 SER B CA 1 
ATOM 746 C CA . LEU B 1 370 ? -60.453 22.435  5.784   1.00 0.00  ? 370 LEU B CA 1 
ATOM 747 C CA . SER B 1 371 ? -63.285 22.541  8.292   1.00 0.00  ? 371 SER B CA 1 
ATOM 748 C CA . HIS B 1 372 ? -66.366 20.448  9.070   1.00 0.00  ? 372 HIS B CA 1 
ATOM 749 C CA . SER B 1 373 ? -69.929 21.406  9.880   1.00 0.00  ? 373 SER B CA 1 
ATOM 750 C CA . PRO B 1 374 ? -71.568 19.818  12.897  1.00 0.00  ? 374 PRO B CA 1 
ATOM 751 C CA . GLY B 1 375 ? -75.132 18.649  12.034  1.00 0.00  ? 375 GLY B CA 1 
ATOM 752 C CA . LYS B 1 376 ? -77.529 17.496  14.726  1.00 0.00  ? 376 LYS B CA 1 
# 
